data_5W2Z
# 
_entry.id   5W2Z 
# 
_audit_conform.dict_name       mmcif_pdbx.dic 
_audit_conform.dict_version    5.397 
_audit_conform.dict_location   http://mmcif.pdb.org/dictionaries/ascii/mmcif_pdbx.dic 
# 
loop_
_database_2.database_id 
_database_2.database_code 
_database_2.pdbx_database_accession 
_database_2.pdbx_DOI 
PDB   5W2Z         pdb_00005w2z 10.2210/pdb5w2z/pdb 
WWPDB D_1000228344 ?            ?                   
# 
loop_
_pdbx_audit_revision_history.ordinal 
_pdbx_audit_revision_history.data_content_type 
_pdbx_audit_revision_history.major_revision 
_pdbx_audit_revision_history.minor_revision 
_pdbx_audit_revision_history.revision_date 
1 'Structure model' 1 0 2018-01-03 
2 'Structure model' 1 1 2018-01-24 
3 'Structure model' 1 2 2023-10-04 
4 'Structure model' 1 3 2024-10-23 
# 
_pdbx_audit_revision_details.ordinal             1 
_pdbx_audit_revision_details.revision_ordinal    1 
_pdbx_audit_revision_details.data_content_type   'Structure model' 
_pdbx_audit_revision_details.provider            repository 
_pdbx_audit_revision_details.type                'Initial release' 
_pdbx_audit_revision_details.description         ? 
_pdbx_audit_revision_details.details             ? 
# 
loop_
_pdbx_audit_revision_group.ordinal 
_pdbx_audit_revision_group.revision_ordinal 
_pdbx_audit_revision_group.data_content_type 
_pdbx_audit_revision_group.group 
1 2 'Structure model' 'Database references'    
2 3 'Structure model' 'Data collection'        
3 3 'Structure model' 'Database references'    
4 3 'Structure model' 'Refinement description' 
5 4 'Structure model' 'Structure summary'      
# 
loop_
_pdbx_audit_revision_category.ordinal 
_pdbx_audit_revision_category.revision_ordinal 
_pdbx_audit_revision_category.data_content_type 
_pdbx_audit_revision_category.category 
1 2 'Structure model' citation                      
2 3 'Structure model' chem_comp_atom                
3 3 'Structure model' chem_comp_bond                
4 3 'Structure model' database_2                    
5 3 'Structure model' pdbx_initial_refinement_model 
6 4 'Structure model' pdbx_entry_details            
7 4 'Structure model' pdbx_modification_feature     
# 
loop_
_pdbx_audit_revision_item.ordinal 
_pdbx_audit_revision_item.revision_ordinal 
_pdbx_audit_revision_item.data_content_type 
_pdbx_audit_revision_item.item 
1 2 'Structure model' '_citation.journal_volume'            
2 2 'Structure model' '_citation.page_first'                
3 2 'Structure model' '_citation.page_last'                 
4 2 'Structure model' '_citation.year'                      
5 3 'Structure model' '_database_2.pdbx_DOI'                
6 3 'Structure model' '_database_2.pdbx_database_accession' 
# 
_pdbx_database_status.status_code                     REL 
_pdbx_database_status.status_code_sf                  REL 
_pdbx_database_status.status_code_mr                  ? 
_pdbx_database_status.entry_id                        5W2Z 
_pdbx_database_status.recvd_initial_deposition_date   2017-06-07 
_pdbx_database_status.SG_entry                        N 
_pdbx_database_status.deposit_site                    RCSB 
_pdbx_database_status.process_site                    RCSB 
_pdbx_database_status.status_code_cs                  ? 
_pdbx_database_status.methods_development_category    ? 
_pdbx_database_status.pdb_format_compatible           Y 
_pdbx_database_status.status_code_nmr_data            ? 
# 
loop_
_pdbx_database_related.db_name 
_pdbx_database_related.details 
_pdbx_database_related.db_id 
_pdbx_database_related.content_type 
PDB 'CJ without thiol' 5W17 unspecified 
PDB CJ-N48C            5W2X unspecified 
# 
loop_
_audit_author.name 
_audit_author.pdbx_ordinal 
_audit_author.identifier_ORCID 
'Huber, T.R.' 1 ? 
'Snow, C.D.'  2 ? 
# 
_citation.abstract                  ? 
_citation.abstract_id_CAS           ? 
_citation.book_id_ISBN              ? 
_citation.book_publisher            ? 
_citation.book_publisher_city       ? 
_citation.book_title                ? 
_citation.coordinate_linkage        ? 
_citation.country                   US 
_citation.database_id_Medline       ? 
_citation.details                   ? 
_citation.id                        primary 
_citation.journal_abbrev            'Bioconjug. Chem.' 
_citation.journal_id_ASTM           BCCHES 
_citation.journal_id_CSD            2063 
_citation.journal_id_ISSN           1520-4812 
_citation.journal_full              ? 
_citation.journal_issue             ? 
_citation.journal_volume            29 
_citation.language                  ? 
_citation.page_first                17 
_citation.page_last                 22 
_citation.title                     'Installing Guest Molecules at Specific Sites within Scaffold Protein Crystals.' 
_citation.year                      2018 
_citation.database_id_CSD           ? 
_citation.pdbx_database_id_DOI      10.1021/acs.bioconjchem.7b00668 
_citation.pdbx_database_id_PubMed   29232505 
_citation.unpublished_flag          ? 
# 
loop_
_citation_author.citation_id 
_citation_author.name 
_citation_author.ordinal 
_citation_author.identifier_ORCID 
primary 'Huber, T.R.'     1 ? 
primary 'McPherson, E.C.' 2 ? 
primary 'Keating, C.E.'   3 ? 
primary 'Snow, C.D.'      4 ? 
# 
loop_
_entity.id 
_entity.type 
_entity.src_method 
_entity.pdbx_description 
_entity.formula_weight 
_entity.pdbx_number_of_molecules 
_entity.pdbx_ec 
_entity.pdbx_mutation 
_entity.pdbx_fragment 
_entity.details 
1 polymer     man 'Putative periplasmic protein'    20188.832 1  ? N48C ? ? 
2 non-polymer syn 'UNKNOWN LIGAND'                  282.547   1  ? ?    ? ? 
3 non-polymer syn 'SULFATE ION'                     96.063    2  ? ?    ? ? 
4 non-polymer syn '5-MERCAPTO-2-NITRO-BENZOIC ACID' 199.184   1  ? ?    ? ? 
5 water       nat water                             18.015    21 ? ?    ? ? 
# 
_entity_poly.entity_id                      1 
_entity_poly.type                           'polypeptide(L)' 
_entity_poly.nstd_linkage                   no 
_entity_poly.nstd_monomer                   no 
_entity_poly.pdbx_seq_one_letter_code       
;MKEYTLDKAHTDVGFKIKHLQISNVKGCFKDYSAVIDFDPASAEFKKLDVTIKIASVNTENQTRDNHLQQDDFFKAKKYP
DMTFTMKKYEKIDNEKGKMTGTLTIAGVSKDIVLDAEIGGVAKGKDGKEKIGFSLNGKIKRSDFKFATSTSTITLSDDIN
LNIEVEANEKEGGSHHHHHH
;
_entity_poly.pdbx_seq_one_letter_code_can   
;MKEYTLDKAHTDVGFKIKHLQISNVKGCFKDYSAVIDFDPASAEFKKLDVTIKIASVNTENQTRDNHLQQDDFFKAKKYP
DMTFTMKKYEKIDNEKGKMTGTLTIAGVSKDIVLDAEIGGVAKGKDGKEKIGFSLNGKIKRSDFKFATSTSTITLSDDIN
LNIEVEANEKEGGSHHHHHH
;
_entity_poly.pdbx_strand_id                 A 
_entity_poly.pdbx_target_identifier         ? 
# 
loop_
_pdbx_entity_nonpoly.entity_id 
_pdbx_entity_nonpoly.name 
_pdbx_entity_nonpoly.comp_id 
2 'UNKNOWN LIGAND'                  UNL 
3 'SULFATE ION'                     SO4 
4 '5-MERCAPTO-2-NITRO-BENZOIC ACID' MNB 
5 water                             HOH 
# 
loop_
_entity_poly_seq.entity_id 
_entity_poly_seq.num 
_entity_poly_seq.mon_id 
_entity_poly_seq.hetero 
1 1   MET n 
1 2   LYS n 
1 3   GLU n 
1 4   TYR n 
1 5   THR n 
1 6   LEU n 
1 7   ASP n 
1 8   LYS n 
1 9   ALA n 
1 10  HIS n 
1 11  THR n 
1 12  ASP n 
1 13  VAL n 
1 14  GLY n 
1 15  PHE n 
1 16  LYS n 
1 17  ILE n 
1 18  LYS n 
1 19  HIS n 
1 20  LEU n 
1 21  GLN n 
1 22  ILE n 
1 23  SER n 
1 24  ASN n 
1 25  VAL n 
1 26  LYS n 
1 27  GLY n 
1 28  CYS n 
1 29  PHE n 
1 30  LYS n 
1 31  ASP n 
1 32  TYR n 
1 33  SER n 
1 34  ALA n 
1 35  VAL n 
1 36  ILE n 
1 37  ASP n 
1 38  PHE n 
1 39  ASP n 
1 40  PRO n 
1 41  ALA n 
1 42  SER n 
1 43  ALA n 
1 44  GLU n 
1 45  PHE n 
1 46  LYS n 
1 47  LYS n 
1 48  LEU n 
1 49  ASP n 
1 50  VAL n 
1 51  THR n 
1 52  ILE n 
1 53  LYS n 
1 54  ILE n 
1 55  ALA n 
1 56  SER n 
1 57  VAL n 
1 58  ASN n 
1 59  THR n 
1 60  GLU n 
1 61  ASN n 
1 62  GLN n 
1 63  THR n 
1 64  ARG n 
1 65  ASP n 
1 66  ASN n 
1 67  HIS n 
1 68  LEU n 
1 69  GLN n 
1 70  GLN n 
1 71  ASP n 
1 72  ASP n 
1 73  PHE n 
1 74  PHE n 
1 75  LYS n 
1 76  ALA n 
1 77  LYS n 
1 78  LYS n 
1 79  TYR n 
1 80  PRO n 
1 81  ASP n 
1 82  MET n 
1 83  THR n 
1 84  PHE n 
1 85  THR n 
1 86  MET n 
1 87  LYS n 
1 88  LYS n 
1 89  TYR n 
1 90  GLU n 
1 91  LYS n 
1 92  ILE n 
1 93  ASP n 
1 94  ASN n 
1 95  GLU n 
1 96  LYS n 
1 97  GLY n 
1 98  LYS n 
1 99  MET n 
1 100 THR n 
1 101 GLY n 
1 102 THR n 
1 103 LEU n 
1 104 THR n 
1 105 ILE n 
1 106 ALA n 
1 107 GLY n 
1 108 VAL n 
1 109 SER n 
1 110 LYS n 
1 111 ASP n 
1 112 ILE n 
1 113 VAL n 
1 114 LEU n 
1 115 ASP n 
1 116 ALA n 
1 117 GLU n 
1 118 ILE n 
1 119 GLY n 
1 120 GLY n 
1 121 VAL n 
1 122 ALA n 
1 123 LYS n 
1 124 GLY n 
1 125 LYS n 
1 126 ASP n 
1 127 GLY n 
1 128 LYS n 
1 129 GLU n 
1 130 LYS n 
1 131 ILE n 
1 132 GLY n 
1 133 PHE n 
1 134 SER n 
1 135 LEU n 
1 136 ASN n 
1 137 GLY n 
1 138 LYS n 
1 139 ILE n 
1 140 LYS n 
1 141 ARG n 
1 142 SER n 
1 143 ASP n 
1 144 PHE n 
1 145 LYS n 
1 146 PHE n 
1 147 ALA n 
1 148 THR n 
1 149 SER n 
1 150 THR n 
1 151 SER n 
1 152 THR n 
1 153 ILE n 
1 154 THR n 
1 155 LEU n 
1 156 SER n 
1 157 ASP n 
1 158 ASP n 
1 159 ILE n 
1 160 ASN n 
1 161 LEU n 
1 162 ASN n 
1 163 ILE n 
1 164 GLU n 
1 165 VAL n 
1 166 GLU n 
1 167 ALA n 
1 168 ASN n 
1 169 GLU n 
1 170 LYS n 
1 171 GLU n 
1 172 GLY n 
1 173 GLY n 
1 174 SER n 
1 175 HIS n 
1 176 HIS n 
1 177 HIS n 
1 178 HIS n 
1 179 HIS n 
1 180 HIS n 
# 
_entity_src_gen.entity_id                          1 
_entity_src_gen.pdbx_src_id                        1 
_entity_src_gen.pdbx_alt_source_flag               sample 
_entity_src_gen.pdbx_seq_type                      'Biological sequence' 
_entity_src_gen.pdbx_beg_seq_num                   1 
_entity_src_gen.pdbx_end_seq_num                   180 
_entity_src_gen.gene_src_common_name               ? 
_entity_src_gen.gene_src_genus                     ? 
_entity_src_gen.pdbx_gene_src_gene                 Cj0420 
_entity_src_gen.gene_src_species                   ? 
_entity_src_gen.gene_src_strain                    'ATCC 700819 / NCTC 11168' 
_entity_src_gen.gene_src_tissue                    ? 
_entity_src_gen.gene_src_tissue_fraction           ? 
_entity_src_gen.gene_src_details                   ? 
_entity_src_gen.pdbx_gene_src_fragment             ? 
_entity_src_gen.pdbx_gene_src_scientific_name      
'Campylobacter jejuni subsp. jejuni serotype O:2 (strain ATCC 700819 / NCTC 11168)' 
_entity_src_gen.pdbx_gene_src_ncbi_taxonomy_id     192222 
_entity_src_gen.pdbx_gene_src_variant              ? 
_entity_src_gen.pdbx_gene_src_cell_line            ? 
_entity_src_gen.pdbx_gene_src_atcc                 ? 
_entity_src_gen.pdbx_gene_src_organ                ? 
_entity_src_gen.pdbx_gene_src_organelle            ? 
_entity_src_gen.pdbx_gene_src_cell                 ? 
_entity_src_gen.pdbx_gene_src_cellular_location    ? 
_entity_src_gen.host_org_common_name               ? 
_entity_src_gen.pdbx_host_org_scientific_name      'Escherichia coli' 
_entity_src_gen.pdbx_host_org_ncbi_taxonomy_id     562 
_entity_src_gen.host_org_genus                     ? 
_entity_src_gen.pdbx_host_org_gene                 ? 
_entity_src_gen.pdbx_host_org_organ                ? 
_entity_src_gen.host_org_species                   ? 
_entity_src_gen.pdbx_host_org_tissue               ? 
_entity_src_gen.pdbx_host_org_tissue_fraction      ? 
_entity_src_gen.pdbx_host_org_strain               'C41(DE3)' 
_entity_src_gen.pdbx_host_org_variant              ? 
_entity_src_gen.pdbx_host_org_cell_line            ? 
_entity_src_gen.pdbx_host_org_atcc                 ? 
_entity_src_gen.pdbx_host_org_culture_collection   ? 
_entity_src_gen.pdbx_host_org_cell                 ? 
_entity_src_gen.pdbx_host_org_organelle            ? 
_entity_src_gen.pdbx_host_org_cellular_location    ? 
_entity_src_gen.pdbx_host_org_vector_type          plasmid 
_entity_src_gen.pdbx_host_org_vector               ? 
_entity_src_gen.host_org_details                   ? 
_entity_src_gen.expression_system_id               ? 
_entity_src_gen.plasmid_name                       pSB3 
_entity_src_gen.plasmid_details                    ? 
_entity_src_gen.pdbx_description                   ? 
# 
loop_
_chem_comp.id 
_chem_comp.type 
_chem_comp.mon_nstd_flag 
_chem_comp.name 
_chem_comp.pdbx_synonyms 
_chem_comp.formula 
_chem_comp.formula_weight 
ALA 'L-peptide linking' y ALANINE                           ? 'C3 H7 N O2'     89.093  
ARG 'L-peptide linking' y ARGININE                          ? 'C6 H15 N4 O2 1' 175.209 
ASN 'L-peptide linking' y ASPARAGINE                        ? 'C4 H8 N2 O3'    132.118 
ASP 'L-peptide linking' y 'ASPARTIC ACID'                   ? 'C4 H7 N O4'     133.103 
CYS 'L-peptide linking' y CYSTEINE                          ? 'C3 H7 N O2 S'   121.158 
GLN 'L-peptide linking' y GLUTAMINE                         ? 'C5 H10 N2 O3'   146.144 
GLU 'L-peptide linking' y 'GLUTAMIC ACID'                   ? 'C5 H9 N O4'     147.129 
GLY 'peptide linking'   y GLYCINE                           ? 'C2 H5 N O2'     75.067  
HIS 'L-peptide linking' y HISTIDINE                         ? 'C6 H10 N3 O2 1' 156.162 
HOH non-polymer         . WATER                             ? 'H2 O'           18.015  
ILE 'L-peptide linking' y ISOLEUCINE                        ? 'C6 H13 N O2'    131.173 
LEU 'L-peptide linking' y LEUCINE                           ? 'C6 H13 N O2'    131.173 
LYS 'L-peptide linking' y LYSINE                            ? 'C6 H15 N2 O2 1' 147.195 
MET 'L-peptide linking' y METHIONINE                        ? 'C5 H11 N O2 S'  149.211 
MNB non-polymer         . '5-MERCAPTO-2-NITRO-BENZOIC ACID' ? 'C7 H5 N O4 S'   199.184 
PHE 'L-peptide linking' y PHENYLALANINE                     ? 'C9 H11 N O2'    165.189 
PRO 'L-peptide linking' y PROLINE                           ? 'C5 H9 N O2'     115.130 
SER 'L-peptide linking' y SERINE                            ? 'C3 H7 N O3'     105.093 
SO4 non-polymer         . 'SULFATE ION'                     ? 'O4 S -2'        96.063  
THR 'L-peptide linking' y THREONINE                         ? 'C4 H9 N O3'     119.119 
TYR 'L-peptide linking' y TYROSINE                          ? 'C9 H11 N O3'    181.189 
UNL non-polymer         . 'UNKNOWN LIGAND'                  ? ?                ?       
VAL 'L-peptide linking' y VALINE                            ? 'C5 H11 N O2'    117.146 
# 
loop_
_pdbx_poly_seq_scheme.asym_id 
_pdbx_poly_seq_scheme.entity_id 
_pdbx_poly_seq_scheme.seq_id 
_pdbx_poly_seq_scheme.mon_id 
_pdbx_poly_seq_scheme.ndb_seq_num 
_pdbx_poly_seq_scheme.pdb_seq_num 
_pdbx_poly_seq_scheme.auth_seq_num 
_pdbx_poly_seq_scheme.pdb_mon_id 
_pdbx_poly_seq_scheme.auth_mon_id 
_pdbx_poly_seq_scheme.pdb_strand_id 
_pdbx_poly_seq_scheme.pdb_ins_code 
_pdbx_poly_seq_scheme.hetero 
A 1 1   MET 1   21  21  MET MET A . n 
A 1 2   LYS 2   22  22  LYS LYS A . n 
A 1 3   GLU 3   23  23  GLU GLU A . n 
A 1 4   TYR 4   24  24  TYR TYR A . n 
A 1 5   THR 5   25  25  THR THR A . n 
A 1 6   LEU 6   26  26  LEU LEU A . n 
A 1 7   ASP 7   27  27  ASP ASP A . n 
A 1 8   LYS 8   28  28  LYS LYS A . n 
A 1 9   ALA 9   29  29  ALA ALA A . n 
A 1 10  HIS 10  30  30  HIS HIS A . n 
A 1 11  THR 11  31  31  THR THR A . n 
A 1 12  ASP 12  32  32  ASP ASP A . n 
A 1 13  VAL 13  33  33  VAL VAL A . n 
A 1 14  GLY 14  34  34  GLY GLY A . n 
A 1 15  PHE 15  35  35  PHE PHE A . n 
A 1 16  LYS 16  36  36  LYS LYS A . n 
A 1 17  ILE 17  37  37  ILE ILE A . n 
A 1 18  LYS 18  38  38  LYS LYS A . n 
A 1 19  HIS 19  39  39  HIS HIS A . n 
A 1 20  LEU 20  40  40  LEU LEU A . n 
A 1 21  GLN 21  41  41  GLN GLN A . n 
A 1 22  ILE 22  42  42  ILE ILE A . n 
A 1 23  SER 23  43  43  SER SER A . n 
A 1 24  ASN 24  44  44  ASN ASN A . n 
A 1 25  VAL 25  45  45  VAL VAL A . n 
A 1 26  LYS 26  46  46  LYS LYS A . n 
A 1 27  GLY 27  47  47  GLY GLY A . n 
A 1 28  CYS 28  48  48  CYS CYS A . n 
A 1 29  PHE 29  49  49  PHE PHE A . n 
A 1 30  LYS 30  50  50  LYS LYS A . n 
A 1 31  ASP 31  51  51  ASP ASP A . n 
A 1 32  TYR 32  52  52  TYR TYR A . n 
A 1 33  SER 33  53  53  SER SER A . n 
A 1 34  ALA 34  54  54  ALA ALA A . n 
A 1 35  VAL 35  55  55  VAL VAL A . n 
A 1 36  ILE 36  56  56  ILE ILE A . n 
A 1 37  ASP 37  57  57  ASP ASP A . n 
A 1 38  PHE 38  58  58  PHE PHE A . n 
A 1 39  ASP 39  59  59  ASP ASP A . n 
A 1 40  PRO 40  60  60  PRO PRO A . n 
A 1 41  ALA 41  61  61  ALA ALA A . n 
A 1 42  SER 42  62  62  SER SER A . n 
A 1 43  ALA 43  63  63  ALA ALA A . n 
A 1 44  GLU 44  64  64  GLU GLU A . n 
A 1 45  PHE 45  65  65  PHE PHE A . n 
A 1 46  LYS 46  66  66  LYS LYS A . n 
A 1 47  LYS 47  67  67  LYS LYS A . n 
A 1 48  LEU 48  68  68  LEU LEU A . n 
A 1 49  ASP 49  69  69  ASP ASP A . n 
A 1 50  VAL 50  70  70  VAL VAL A . n 
A 1 51  THR 51  71  71  THR THR A . n 
A 1 52  ILE 52  72  72  ILE ILE A . n 
A 1 53  LYS 53  73  73  LYS LYS A . n 
A 1 54  ILE 54  74  74  ILE ILE A . n 
A 1 55  ALA 55  75  75  ALA ALA A . n 
A 1 56  SER 56  76  76  SER SER A . n 
A 1 57  VAL 57  77  77  VAL VAL A . n 
A 1 58  ASN 58  78  78  ASN ASN A . n 
A 1 59  THR 59  79  79  THR THR A . n 
A 1 60  GLU 60  80  80  GLU GLU A . n 
A 1 61  ASN 61  81  81  ASN ASN A . n 
A 1 62  GLN 62  82  82  GLN GLN A . n 
A 1 63  THR 63  83  83  THR THR A . n 
A 1 64  ARG 64  84  84  ARG ARG A . n 
A 1 65  ASP 65  85  85  ASP ASP A . n 
A 1 66  ASN 66  86  86  ASN ASN A . n 
A 1 67  HIS 67  87  87  HIS HIS A . n 
A 1 68  LEU 68  88  88  LEU LEU A . n 
A 1 69  GLN 69  89  89  GLN GLN A . n 
A 1 70  GLN 70  90  90  GLN GLN A . n 
A 1 71  ASP 71  91  91  ASP ASP A . n 
A 1 72  ASP 72  92  92  ASP ASP A . n 
A 1 73  PHE 73  93  93  PHE PHE A . n 
A 1 74  PHE 74  94  94  PHE PHE A . n 
A 1 75  LYS 75  95  95  LYS LYS A . n 
A 1 76  ALA 76  96  96  ALA ALA A . n 
A 1 77  LYS 77  97  97  LYS LYS A . n 
A 1 78  LYS 78  98  98  LYS LYS A . n 
A 1 79  TYR 79  99  99  TYR TYR A . n 
A 1 80  PRO 80  100 100 PRO PRO A . n 
A 1 81  ASP 81  101 101 ASP ASP A . n 
A 1 82  MET 82  102 102 MET MET A . n 
A 1 83  THR 83  103 103 THR THR A . n 
A 1 84  PHE 84  104 104 PHE PHE A . n 
A 1 85  THR 85  105 105 THR THR A . n 
A 1 86  MET 86  106 106 MET MET A . n 
A 1 87  LYS 87  107 107 LYS LYS A . n 
A 1 88  LYS 88  108 108 LYS LYS A . n 
A 1 89  TYR 89  109 109 TYR TYR A . n 
A 1 90  GLU 90  110 110 GLU GLU A . n 
A 1 91  LYS 91  111 111 LYS LYS A . n 
A 1 92  ILE 92  112 112 ILE ILE A . n 
A 1 93  ASP 93  113 113 ASP ASP A . n 
A 1 94  ASN 94  114 114 ASN ASN A . n 
A 1 95  GLU 95  115 115 GLU GLU A . n 
A 1 96  LYS 96  116 116 LYS LYS A . n 
A 1 97  GLY 97  117 117 GLY GLY A . n 
A 1 98  LYS 98  118 118 LYS LYS A . n 
A 1 99  MET 99  119 119 MET MET A . n 
A 1 100 THR 100 120 120 THR THR A . n 
A 1 101 GLY 101 121 121 GLY GLY A . n 
A 1 102 THR 102 122 122 THR THR A . n 
A 1 103 LEU 103 123 123 LEU LEU A . n 
A 1 104 THR 104 124 124 THR THR A . n 
A 1 105 ILE 105 125 125 ILE ILE A . n 
A 1 106 ALA 106 126 126 ALA ALA A . n 
A 1 107 GLY 107 127 127 GLY GLY A . n 
A 1 108 VAL 108 128 128 VAL VAL A . n 
A 1 109 SER 109 129 129 SER SER A . n 
A 1 110 LYS 110 130 130 LYS LYS A . n 
A 1 111 ASP 111 131 131 ASP ASP A . n 
A 1 112 ILE 112 132 132 ILE ILE A . n 
A 1 113 VAL 113 133 133 VAL VAL A . n 
A 1 114 LEU 114 134 134 LEU LEU A . n 
A 1 115 ASP 115 135 135 ASP ASP A . n 
A 1 116 ALA 116 136 136 ALA ALA A . n 
A 1 117 GLU 117 137 137 GLU GLU A . n 
A 1 118 ILE 118 138 138 ILE ILE A . n 
A 1 119 GLY 119 139 139 GLY GLY A . n 
A 1 120 GLY 120 140 140 GLY GLY A . n 
A 1 121 VAL 121 141 141 VAL VAL A . n 
A 1 122 ALA 122 142 142 ALA ALA A . n 
A 1 123 LYS 123 143 143 LYS LYS A . n 
A 1 124 GLY 124 144 144 GLY GLY A . n 
A 1 125 LYS 125 145 145 LYS LYS A . n 
A 1 126 ASP 126 146 146 ASP ASP A . n 
A 1 127 GLY 127 147 147 GLY GLY A . n 
A 1 128 LYS 128 148 148 LYS LYS A . n 
A 1 129 GLU 129 149 149 GLU GLU A . n 
A 1 130 LYS 130 150 150 LYS LYS A . n 
A 1 131 ILE 131 151 151 ILE ILE A . n 
A 1 132 GLY 132 152 152 GLY GLY A . n 
A 1 133 PHE 133 153 153 PHE PHE A . n 
A 1 134 SER 134 154 154 SER SER A . n 
A 1 135 LEU 135 155 155 LEU LEU A . n 
A 1 136 ASN 136 156 156 ASN ASN A . n 
A 1 137 GLY 137 157 157 GLY GLY A . n 
A 1 138 LYS 138 158 158 LYS LYS A . n 
A 1 139 ILE 139 159 159 ILE ILE A . n 
A 1 140 LYS 140 160 160 LYS LYS A . n 
A 1 141 ARG 141 161 161 ARG ARG A . n 
A 1 142 SER 142 162 162 SER SER A . n 
A 1 143 ASP 143 163 163 ASP ASP A . n 
A 1 144 PHE 144 164 164 PHE PHE A . n 
A 1 145 LYS 145 165 165 LYS LYS A . n 
A 1 146 PHE 146 166 166 PHE PHE A . n 
A 1 147 ALA 147 167 167 ALA ALA A . n 
A 1 148 THR 148 168 168 THR THR A . n 
A 1 149 SER 149 169 169 SER SER A . n 
A 1 150 THR 150 170 170 THR THR A . n 
A 1 151 SER 151 171 171 SER SER A . n 
A 1 152 THR 152 172 172 THR THR A . n 
A 1 153 ILE 153 173 173 ILE ILE A . n 
A 1 154 THR 154 174 174 THR THR A . n 
A 1 155 LEU 155 175 175 LEU LEU A . n 
A 1 156 SER 156 176 176 SER SER A . n 
A 1 157 ASP 157 177 177 ASP ASP A . n 
A 1 158 ASP 158 178 178 ASP ASP A . n 
A 1 159 ILE 159 179 179 ILE ILE A . n 
A 1 160 ASN 160 180 180 ASN ASN A . n 
A 1 161 LEU 161 181 181 LEU LEU A . n 
A 1 162 ASN 162 182 182 ASN ASN A . n 
A 1 163 ILE 163 183 183 ILE ILE A . n 
A 1 164 GLU 164 184 184 GLU GLU A . n 
A 1 165 VAL 165 185 185 VAL VAL A . n 
A 1 166 GLU 166 186 186 GLU GLU A . n 
A 1 167 ALA 167 187 187 ALA ALA A . n 
A 1 168 ASN 168 188 188 ASN ASN A . n 
A 1 169 GLU 169 189 189 GLU GLU A . n 
A 1 170 LYS 170 190 190 LYS LYS A . n 
A 1 171 GLU 171 191 191 GLU GLU A . n 
A 1 172 GLY 172 192 ?   ?   ?   A . n 
A 1 173 GLY 173 193 ?   ?   ?   A . n 
A 1 174 SER 174 194 ?   ?   ?   A . n 
A 1 175 HIS 175 195 ?   ?   ?   A . n 
A 1 176 HIS 176 196 ?   ?   ?   A . n 
A 1 177 HIS 177 197 ?   ?   ?   A . n 
A 1 178 HIS 178 198 ?   ?   ?   A . n 
A 1 179 HIS 179 199 ?   ?   ?   A . n 
A 1 180 HIS 180 200 ?   ?   ?   A . n 
# 
loop_
_pdbx_nonpoly_scheme.asym_id 
_pdbx_nonpoly_scheme.entity_id 
_pdbx_nonpoly_scheme.mon_id 
_pdbx_nonpoly_scheme.ndb_seq_num 
_pdbx_nonpoly_scheme.pdb_seq_num 
_pdbx_nonpoly_scheme.auth_seq_num 
_pdbx_nonpoly_scheme.pdb_mon_id 
_pdbx_nonpoly_scheme.auth_mon_id 
_pdbx_nonpoly_scheme.pdb_strand_id 
_pdbx_nonpoly_scheme.pdb_ins_code 
B 2 UNL 1  301 1  UNL LFA A . 
C 3 SO4 1  302 1  SO4 SO4 A . 
D 3 SO4 1  303 2  SO4 SO4 A . 
E 4 MNB 1  304 1  MNB MNB A . 
F 5 HOH 1  401 17 HOH HOH A . 
F 5 HOH 2  402 32 HOH HOH A . 
F 5 HOH 3  403 1  HOH HOH A . 
F 5 HOH 4  404 7  HOH HOH A . 
F 5 HOH 5  405 26 HOH HOH A . 
F 5 HOH 6  406 14 HOH HOH A . 
F 5 HOH 7  407 10 HOH HOH A . 
F 5 HOH 8  408 12 HOH HOH A . 
F 5 HOH 9  409 4  HOH HOH A . 
F 5 HOH 10 410 27 HOH HOH A . 
F 5 HOH 11 411 9  HOH HOH A . 
F 5 HOH 12 412 22 HOH HOH A . 
F 5 HOH 13 413 3  HOH HOH A . 
F 5 HOH 14 414 5  HOH HOH A . 
F 5 HOH 15 415 30 HOH HOH A . 
F 5 HOH 16 416 8  HOH HOH A . 
F 5 HOH 17 417 28 HOH HOH A . 
F 5 HOH 18 418 2  HOH HOH A . 
F 5 HOH 19 419 23 HOH HOH A . 
F 5 HOH 20 420 31 HOH HOH A . 
F 5 HOH 21 421 20 HOH HOH A . 
# 
loop_
_pdbx_unobs_or_zero_occ_atoms.id 
_pdbx_unobs_or_zero_occ_atoms.PDB_model_num 
_pdbx_unobs_or_zero_occ_atoms.polymer_flag 
_pdbx_unobs_or_zero_occ_atoms.occupancy_flag 
_pdbx_unobs_or_zero_occ_atoms.auth_asym_id 
_pdbx_unobs_or_zero_occ_atoms.auth_comp_id 
_pdbx_unobs_or_zero_occ_atoms.auth_seq_id 
_pdbx_unobs_or_zero_occ_atoms.PDB_ins_code 
_pdbx_unobs_or_zero_occ_atoms.auth_atom_id 
_pdbx_unobs_or_zero_occ_atoms.label_alt_id 
_pdbx_unobs_or_zero_occ_atoms.label_asym_id 
_pdbx_unobs_or_zero_occ_atoms.label_comp_id 
_pdbx_unobs_or_zero_occ_atoms.label_seq_id 
_pdbx_unobs_or_zero_occ_atoms.label_atom_id 
1  1 Y 1 A LYS 46  ? CG  ? A LYS 26  CG  
2  1 Y 1 A LYS 46  ? CD  ? A LYS 26  CD  
3  1 Y 1 A LYS 46  ? CE  ? A LYS 26  CE  
4  1 Y 1 A LYS 46  ? NZ  ? A LYS 26  NZ  
5  1 Y 1 A LYS 50  ? CG  ? A LYS 30  CG  
6  1 Y 1 A LYS 50  ? CD  ? A LYS 30  CD  
7  1 Y 1 A LYS 50  ? CE  ? A LYS 30  CE  
8  1 Y 1 A LYS 50  ? NZ  ? A LYS 30  NZ  
9  1 Y 1 A GLN 82  ? CG  ? A GLN 62  CG  
10 1 Y 1 A GLN 82  ? CD  ? A GLN 62  CD  
11 1 Y 1 A GLN 82  ? OE1 ? A GLN 62  OE1 
12 1 Y 1 A GLN 82  ? NE2 ? A GLN 62  NE2 
13 1 Y 1 A LYS 97  ? CG  ? A LYS 77  CG  
14 1 Y 1 A LYS 97  ? CD  ? A LYS 77  CD  
15 1 Y 1 A LYS 97  ? CE  ? A LYS 77  CE  
16 1 Y 1 A LYS 97  ? NZ  ? A LYS 77  NZ  
17 1 Y 1 A LYS 158 ? CG  ? A LYS 138 CG  
18 1 Y 1 A LYS 158 ? CD  ? A LYS 138 CD  
19 1 Y 1 A LYS 158 ? CE  ? A LYS 138 CE  
20 1 Y 1 A LYS 158 ? NZ  ? A LYS 138 NZ  
21 1 Y 1 A GLU 186 ? CG  ? A GLU 166 CG  
22 1 Y 1 A GLU 186 ? CD  ? A GLU 166 CD  
23 1 Y 1 A GLU 186 ? OE1 ? A GLU 166 OE1 
24 1 Y 1 A GLU 186 ? OE2 ? A GLU 166 OE2 
25 1 Y 1 A GLU 191 ? CG  ? A GLU 171 CG  
26 1 Y 1 A GLU 191 ? CD  ? A GLU 171 CD  
27 1 Y 1 A GLU 191 ? OE1 ? A GLU 171 OE1 
28 1 Y 1 A GLU 191 ? OE2 ? A GLU 171 OE2 
# 
loop_
_software.citation_id 
_software.classification 
_software.compiler_name 
_software.compiler_version 
_software.contact_author 
_software.contact_author_email 
_software.date 
_software.description 
_software.dependencies 
_software.hardware 
_software.language 
_software.location 
_software.mods 
_software.name 
_software.os 
_software.os_version 
_software.type 
_software.version 
_software.pdbx_ordinal 
? 'data scaling'    ? ? ? ? ? ? ? ? ? ? ? SCALA       ? ? ? 3.3.22   1 
? refinement        ? ? ? ? ? ? ? ? ? ? ? REFMAC      ? ? ? 5.8.0158 2 
? 'data extraction' ? ? ? ? ? ? ? ? ? ? ? PDB_EXTRACT ? ? ? 3.22     3 
? 'data reduction'  ? ? ? ? ? ? ? ? ? ? ? XDS         ? ? ? 20161101 4 
? phasing           ? ? ? ? ? ? ? ? ? ? ? REFMAC      ? ? ? 5.8.0158 5 
# 
_cell.angle_alpha                  90.000 
_cell.angle_alpha_esd              ? 
_cell.angle_beta                   90.000 
_cell.angle_beta_esd               ? 
_cell.angle_gamma                  120.000 
_cell.angle_gamma_esd              ? 
_cell.entry_id                     5W2Z 
_cell.details                      ? 
_cell.formula_units_Z              ? 
_cell.length_a                     179.858 
_cell.length_a_esd                 ? 
_cell.length_b                     179.858 
_cell.length_b_esd                 ? 
_cell.length_c                     50.623 
_cell.length_c_esd                 ? 
_cell.volume                       ? 
_cell.volume_esd                   ? 
_cell.Z_PDB                        12 
_cell.reciprocal_angle_alpha       ? 
_cell.reciprocal_angle_beta        ? 
_cell.reciprocal_angle_gamma       ? 
_cell.reciprocal_angle_alpha_esd   ? 
_cell.reciprocal_angle_beta_esd    ? 
_cell.reciprocal_angle_gamma_esd   ? 
_cell.reciprocal_length_a          ? 
_cell.reciprocal_length_b          ? 
_cell.reciprocal_length_c          ? 
_cell.reciprocal_length_a_esd      ? 
_cell.reciprocal_length_b_esd      ? 
_cell.reciprocal_length_c_esd      ? 
_cell.pdbx_unique_axis             ? 
# 
_symmetry.entry_id                         5W2Z 
_symmetry.cell_setting                     ? 
_symmetry.Int_Tables_number                177 
_symmetry.space_group_name_Hall            ? 
_symmetry.space_group_name_H-M             'P 6 2 2' 
_symmetry.pdbx_full_space_group_name_H-M   ? 
# 
_exptl.absorpt_coefficient_mu     ? 
_exptl.absorpt_correction_T_max   ? 
_exptl.absorpt_correction_T_min   ? 
_exptl.absorpt_correction_type    ? 
_exptl.absorpt_process_details    ? 
_exptl.entry_id                   5W2Z 
_exptl.crystals_number            1 
_exptl.details                    ? 
_exptl.method                     'X-RAY DIFFRACTION' 
_exptl.method_details             ? 
# 
_exptl_crystal.colour                      ? 
_exptl_crystal.density_diffrn              ? 
_exptl_crystal.density_Matthews            ? 
_exptl_crystal.density_method              ? 
_exptl_crystal.density_percent_sol         ? 
_exptl_crystal.description                 ? 
_exptl_crystal.F_000                       ? 
_exptl_crystal.id                          1 
_exptl_crystal.preparation                 ? 
_exptl_crystal.size_max                    ? 
_exptl_crystal.size_mid                    ? 
_exptl_crystal.size_min                    ? 
_exptl_crystal.size_rad                    ? 
_exptl_crystal.colour_lustre               ? 
_exptl_crystal.colour_modifier             ? 
_exptl_crystal.colour_primary              ? 
_exptl_crystal.density_meas                ? 
_exptl_crystal.density_meas_esd            ? 
_exptl_crystal.density_meas_gt             ? 
_exptl_crystal.density_meas_lt             ? 
_exptl_crystal.density_meas_temp           ? 
_exptl_crystal.density_meas_temp_esd       ? 
_exptl_crystal.density_meas_temp_gt        ? 
_exptl_crystal.density_meas_temp_lt        ? 
_exptl_crystal.pdbx_crystal_image_url      ? 
_exptl_crystal.pdbx_crystal_image_format   ? 
_exptl_crystal.pdbx_mosaicity              0.240 
_exptl_crystal.pdbx_mosaicity_esd          ? 
# 
_exptl_crystal_grow.apparatus       ? 
_exptl_crystal_grow.atmosphere      ? 
_exptl_crystal_grow.crystal_id      1 
_exptl_crystal_grow.details         ? 
_exptl_crystal_grow.method          'VAPOR DIFFUSION, SITTING DROP' 
_exptl_crystal_grow.method_ref      ? 
_exptl_crystal_grow.pH              6.0 
_exptl_crystal_grow.pressure        ? 
_exptl_crystal_grow.pressure_esd    ? 
_exptl_crystal_grow.seeding         ? 
_exptl_crystal_grow.seeding_ref     ? 
_exptl_crystal_grow.temp            293 
_exptl_crystal_grow.temp_details    ? 
_exptl_crystal_grow.temp_esd        ? 
_exptl_crystal_grow.time            ? 
_exptl_crystal_grow.pdbx_details    '3.2 M Ammonium Sulfate, 0.1 M Bis-Tris' 
_exptl_crystal_grow.pdbx_pH_range   ? 
# 
_diffrn.ambient_environment    ? 
_diffrn.ambient_temp           100 
_diffrn.ambient_temp_details   ? 
_diffrn.ambient_temp_esd       ? 
_diffrn.crystal_id             1 
_diffrn.crystal_support        ? 
_diffrn.crystal_treatment      ? 
_diffrn.details                ? 
_diffrn.id                     1 
_diffrn.ambient_pressure       ? 
_diffrn.ambient_pressure_esd   ? 
_diffrn.ambient_pressure_gt    ? 
_diffrn.ambient_pressure_lt    ? 
_diffrn.ambient_temp_gt        ? 
_diffrn.ambient_temp_lt        ? 
# 
_diffrn_detector.details                      ? 
_diffrn_detector.detector                     CMOS 
_diffrn_detector.diffrn_id                    1 
_diffrn_detector.type                         'RDI CMOS_8M' 
_diffrn_detector.area_resol_mean              ? 
_diffrn_detector.dtime                        ? 
_diffrn_detector.pdbx_frames_total            ? 
_diffrn_detector.pdbx_collection_time_total   ? 
_diffrn_detector.pdbx_collection_date         2016-04-04 
# 
_diffrn_radiation.collimation                      ? 
_diffrn_radiation.diffrn_id                        1 
_diffrn_radiation.filter_edge                      ? 
_diffrn_radiation.inhomogeneity                    ? 
_diffrn_radiation.monochromator                    'Si (111) double crystal' 
_diffrn_radiation.polarisn_norm                    ? 
_diffrn_radiation.polarisn_ratio                   ? 
_diffrn_radiation.probe                            ? 
_diffrn_radiation.type                             ? 
_diffrn_radiation.xray_symbol                      ? 
_diffrn_radiation.wavelength_id                    1 
_diffrn_radiation.pdbx_monochromatic_or_laue_m_l   M 
_diffrn_radiation.pdbx_wavelength_list             ? 
_diffrn_radiation.pdbx_wavelength                  ? 
_diffrn_radiation.pdbx_diffrn_protocol             'SINGLE WAVELENGTH' 
_diffrn_radiation.pdbx_analyzer                    ? 
_diffrn_radiation.pdbx_scattering_type             x-ray 
# 
_diffrn_radiation_wavelength.id           1 
_diffrn_radiation_wavelength.wavelength   1.0 
_diffrn_radiation_wavelength.wt           1.0 
# 
_diffrn_source.current                     ? 
_diffrn_source.details                     ? 
_diffrn_source.diffrn_id                   1 
_diffrn_source.power                       ? 
_diffrn_source.size                        ? 
_diffrn_source.source                      SYNCHROTRON 
_diffrn_source.target                      ? 
_diffrn_source.type                        'ALS BEAMLINE 4.2.2' 
_diffrn_source.voltage                     ? 
_diffrn_source.take-off_angle              ? 
_diffrn_source.pdbx_wavelength_list        1.0 
_diffrn_source.pdbx_wavelength             ? 
_diffrn_source.pdbx_synchrotron_beamline   4.2.2 
_diffrn_source.pdbx_synchrotron_site       ALS 
# 
_reflns.B_iso_Wilson_estimate            ? 
_reflns.entry_id                         5W2Z 
_reflns.data_reduction_details           ? 
_reflns.data_reduction_method            ? 
_reflns.d_resolution_high                2.800 
_reflns.d_resolution_low                 38.384 
_reflns.details                          ? 
_reflns.limit_h_max                      ? 
_reflns.limit_h_min                      ? 
_reflns.limit_k_max                      ? 
_reflns.limit_k_min                      ? 
_reflns.limit_l_max                      ? 
_reflns.limit_l_min                      ? 
_reflns.number_all                       12372 
_reflns.number_obs                       12372 
_reflns.observed_criterion               ? 
_reflns.observed_criterion_F_max         ? 
_reflns.observed_criterion_F_min         ? 
_reflns.observed_criterion_I_max         ? 
_reflns.observed_criterion_I_min         ? 
_reflns.observed_criterion_sigma_F       ? 
_reflns.observed_criterion_sigma_I       ? 
_reflns.percent_possible_obs             99.900 
_reflns.R_free_details                   ? 
_reflns.Rmerge_F_all                     ? 
_reflns.Rmerge_F_obs                     ? 
_reflns.Friedel_coverage                 ? 
_reflns.number_gt                        ? 
_reflns.threshold_expression             ? 
_reflns.pdbx_redundancy                  20.600 
_reflns.pdbx_Rmerge_I_obs                ? 
_reflns.pdbx_Rmerge_I_all                ? 
_reflns.pdbx_Rsym_value                  0.216 
_reflns.pdbx_netI_over_av_sigmaI         2.900 
_reflns.pdbx_netI_over_sigmaI            11.200 
_reflns.pdbx_res_netI_over_av_sigmaI_2   ? 
_reflns.pdbx_res_netI_over_sigmaI_2      ? 
_reflns.pdbx_chi_squared                 ? 
_reflns.pdbx_scaling_rejects             ? 
_reflns.pdbx_d_res_high_opt              ? 
_reflns.pdbx_d_res_low_opt               ? 
_reflns.pdbx_d_res_opt_method            ? 
_reflns.phase_calculation_details        ? 
_reflns.pdbx_Rrim_I_all                  0.221 
_reflns.pdbx_Rpim_I_all                  0.049 
_reflns.pdbx_d_opt                       ? 
_reflns.pdbx_number_measured_all         255445 
_reflns.pdbx_diffrn_id                   1 
_reflns.pdbx_ordinal                     1 
_reflns.pdbx_CC_half                     ? 
_reflns.pdbx_R_split                     ? 
# 
loop_
_reflns_shell.d_res_high 
_reflns_shell.d_res_low 
_reflns_shell.meanI_over_sigI_all 
_reflns_shell.meanI_over_sigI_obs 
_reflns_shell.number_measured_all 
_reflns_shell.number_measured_obs 
_reflns_shell.number_possible 
_reflns_shell.number_unique_all 
_reflns_shell.number_unique_obs 
_reflns_shell.percent_possible_all 
_reflns_shell.percent_possible_obs 
_reflns_shell.Rmerge_F_all 
_reflns_shell.Rmerge_F_obs 
_reflns_shell.Rmerge_I_all 
_reflns_shell.Rmerge_I_obs 
_reflns_shell.meanI_over_sigI_gt 
_reflns_shell.meanI_over_uI_all 
_reflns_shell.meanI_over_uI_gt 
_reflns_shell.number_measured_gt 
_reflns_shell.number_unique_gt 
_reflns_shell.percent_possible_gt 
_reflns_shell.Rmerge_F_gt 
_reflns_shell.Rmerge_I_gt 
_reflns_shell.pdbx_redundancy 
_reflns_shell.pdbx_Rsym_value 
_reflns_shell.pdbx_chi_squared 
_reflns_shell.pdbx_netI_over_sigmaI_all 
_reflns_shell.pdbx_netI_over_sigmaI_obs 
_reflns_shell.pdbx_Rrim_I_all 
_reflns_shell.pdbx_Rpim_I_all 
_reflns_shell.pdbx_rejects 
_reflns_shell.pdbx_ordinal 
_reflns_shell.pdbx_diffrn_id 
_reflns_shell.pdbx_CC_half 
_reflns_shell.pdbx_R_split 
2.800 2.950  ? 0.100 ? ? ? ? ? 99.800  ? ? ? ? 4.721 ? ? ? ? ? ? ? ? 20.900 4.721 ? ? ? 4.838 1.050 ? 1  1 ? ? 
2.950 3.130  ? 0.300 ? ? ? ? ? 99.900  ? ? ? ? 2.160 ? ? ? ? ? ? ? ? 21.400 2.160 ? ? ? 2.212 0.474 ? 2  1 ? ? 
3.130 3.350  ? 0.900 ? ? ? ? ? 100.000 ? ? ? ? 0.776 ? ? ? ? ? ? ? ? 21.600 0.776 ? ? ? 0.794 0.170 ? 3  1 ? ? 
3.350 3.610  ? 1.700 ? ? ? ? ? 100.000 ? ? ? ? 0.400 ? ? ? ? ? ? ? ? 21.200 0.400 ? ? ? 0.410 0.088 ? 4  1 ? ? 
3.610 3.960  ? 3.000 ? ? ? ? ? 100.000 ? ? ? ? 0.243 ? ? ? ? ? ? ? ? 21.100 0.243 ? ? ? 0.249 0.054 ? 5  1 ? ? 
3.960 4.430  ? 4.300 ? ? ? ? ? 100.000 ? ? ? ? 0.160 ? ? ? ? ? ? ? ? 20.400 0.160 ? ? ? 0.164 0.036 ? 6  1 ? ? 
4.430 5.110  ? 5.200 ? ? ? ? ? 100.000 ? ? ? ? 0.126 ? ? ? ? ? ? ? ? 19.700 0.126 ? ? ? 0.129 0.029 ? 7  1 ? ? 
5.110 6.260  ? 5.600 ? ? ? ? ? 100.000 ? ? ? ? 0.115 ? ? ? ? ? ? ? ? 19.900 0.115 ? ? ? 0.118 0.027 ? 8  1 ? ? 
6.260 8.850  ? 6.800 ? ? ? ? ? 100.000 ? ? ? ? 0.092 ? ? ? ? ? ? ? ? 19.600 0.092 ? ? ? 0.095 0.021 ? 9  1 ? ? 
8.850 38.384 ? 8.600 ? ? ? ? ? 98.800  ? ? ? ? 0.065 ? ? ? ? ? ? ? ? 16.800 0.065 ? ? ? 0.067 0.016 ? 10 1 ? ? 
# 
_refine.aniso_B[1][1]                            2.2500 
_refine.aniso_B[1][2]                            1.1300 
_refine.aniso_B[1][3]                            0.0000 
_refine.aniso_B[2][2]                            2.2500 
_refine.aniso_B[2][3]                            -0.0000 
_refine.aniso_B[3][3]                            -7.3100 
_refine.B_iso_max                                171.310 
_refine.B_iso_mean                               78.3180 
_refine.B_iso_min                                48.760 
_refine.correlation_coeff_Fo_to_Fc               0.9530 
_refine.correlation_coeff_Fo_to_Fc_free          0.9360 
_refine.details                                  'U VALUES      : REFINED INDIVIDUALLY' 
_refine.diff_density_max                         ? 
_refine.diff_density_max_esd                     ? 
_refine.diff_density_min                         ? 
_refine.diff_density_min_esd                     ? 
_refine.diff_density_rms                         ? 
_refine.diff_density_rms_esd                     ? 
_refine.entry_id                                 5W2Z 
_refine.pdbx_refine_id                           'X-RAY DIFFRACTION' 
_refine.ls_abs_structure_details                 ? 
_refine.ls_abs_structure_Flack                   ? 
_refine.ls_abs_structure_Flack_esd               ? 
_refine.ls_abs_structure_Rogers                  ? 
_refine.ls_abs_structure_Rogers_esd              ? 
_refine.ls_d_res_high                            2.8000 
_refine.ls_d_res_low                             38.3800 
_refine.ls_extinction_coef                       ? 
_refine.ls_extinction_coef_esd                   ? 
_refine.ls_extinction_expression                 ? 
_refine.ls_extinction_method                     ? 
_refine.ls_goodness_of_fit_all                   ? 
_refine.ls_goodness_of_fit_all_esd               ? 
_refine.ls_goodness_of_fit_obs                   ? 
_refine.ls_goodness_of_fit_obs_esd               ? 
_refine.ls_hydrogen_treatment                    ? 
_refine.ls_matrix_type                           ? 
_refine.ls_number_constraints                    ? 
_refine.ls_number_parameters                     ? 
_refine.ls_number_reflns_all                     ? 
_refine.ls_number_reflns_obs                     11730 
_refine.ls_number_reflns_R_free                  616 
_refine.ls_number_reflns_R_work                  ? 
_refine.ls_number_restraints                     ? 
_refine.ls_percent_reflns_obs                    99.6500 
_refine.ls_percent_reflns_R_free                 5.0000 
_refine.ls_R_factor_all                          ? 
_refine.ls_R_factor_obs                          0.2048 
_refine.ls_R_factor_R_free                       0.2358 
_refine.ls_R_factor_R_free_error                 ? 
_refine.ls_R_factor_R_free_error_details         ? 
_refine.ls_R_factor_R_work                       0.2032 
_refine.ls_R_Fsqd_factor_obs                     ? 
_refine.ls_R_I_factor_obs                        ? 
_refine.ls_redundancy_reflns_all                 ? 
_refine.ls_redundancy_reflns_obs                 ? 
_refine.ls_restrained_S_all                      ? 
_refine.ls_restrained_S_obs                      ? 
_refine.ls_shift_over_esd_max                    ? 
_refine.ls_shift_over_esd_mean                   ? 
_refine.ls_structure_factor_coef                 ? 
_refine.ls_weighting_details                     ? 
_refine.ls_weighting_scheme                      ? 
_refine.ls_wR_factor_all                         ? 
_refine.ls_wR_factor_obs                         ? 
_refine.ls_wR_factor_R_free                      ? 
_refine.ls_wR_factor_R_work                      ? 
_refine.occupancy_max                            ? 
_refine.occupancy_min                            ? 
_refine.solvent_model_details                    ? 
_refine.solvent_model_param_bsol                 ? 
_refine.solvent_model_param_ksol                 ? 
_refine.ls_R_factor_gt                           ? 
_refine.ls_goodness_of_fit_gt                    ? 
_refine.ls_goodness_of_fit_ref                   ? 
_refine.ls_shift_over_su_max                     ? 
_refine.ls_shift_over_su_max_lt                  ? 
_refine.ls_shift_over_su_mean                    ? 
_refine.ls_shift_over_su_mean_lt                 ? 
_refine.pdbx_ls_sigma_I                          ? 
_refine.pdbx_ls_sigma_F                          0.000 
_refine.pdbx_ls_sigma_Fsqd                       ? 
_refine.pdbx_data_cutoff_high_absF               ? 
_refine.pdbx_data_cutoff_high_rms_absF           ? 
_refine.pdbx_data_cutoff_low_absF                ? 
_refine.pdbx_isotropic_thermal_model             ? 
_refine.pdbx_ls_cross_valid_method               THROUGHOUT 
_refine.pdbx_method_to_determine_struct          'MOLECULAR REPLACEMENT' 
_refine.pdbx_starting_model                      5W2X 
_refine.pdbx_stereochemistry_target_values       ? 
_refine.pdbx_R_Free_selection_details            RANDOM 
_refine.pdbx_stereochem_target_val_spec_case     ? 
_refine.pdbx_overall_ESU_R                       0.2720 
_refine.pdbx_overall_ESU_R_Free                  0.2300 
_refine.pdbx_solvent_vdw_probe_radii             1.2000 
_refine.pdbx_solvent_ion_probe_radii             0.8000 
_refine.pdbx_solvent_shrinkage_radii             0.8000 
_refine.pdbx_real_space_R                        ? 
_refine.pdbx_density_correlation                 ? 
_refine.pdbx_pd_number_of_powder_patterns        ? 
_refine.pdbx_pd_number_of_points                 ? 
_refine.pdbx_pd_meas_number_of_points            ? 
_refine.pdbx_pd_proc_ls_prof_R_factor            ? 
_refine.pdbx_pd_proc_ls_prof_wR_factor           ? 
_refine.pdbx_pd_Marquardt_correlation_coeff      ? 
_refine.pdbx_pd_Fsqrd_R_factor                   ? 
_refine.pdbx_pd_ls_matrix_band_width             ? 
_refine.pdbx_overall_phase_error                 ? 
_refine.pdbx_overall_SU_R_free_Cruickshank_DPI   ? 
_refine.pdbx_overall_SU_R_free_Blow_DPI          ? 
_refine.pdbx_overall_SU_R_Blow_DPI               ? 
_refine.pdbx_TLS_residual_ADP_flag               ? 
_refine.pdbx_diffrn_id                           1 
_refine.overall_SU_B                             11.2600 
_refine.overall_SU_ML                            0.1980 
_refine.overall_SU_R_Cruickshank_DPI             ? 
_refine.overall_SU_R_free                        ? 
_refine.overall_FOM_free_R_set                   ? 
_refine.overall_FOM_work_R_set                   ? 
_refine.pdbx_average_fsc_overall                 ? 
_refine.pdbx_average_fsc_work                    ? 
_refine.pdbx_average_fsc_free                    ? 
# 
_refine_hist.cycle_id                         final 
_refine_hist.pdbx_refine_id                   'X-RAY DIFFRACTION' 
_refine_hist.d_res_high                       2.8000 
_refine_hist.d_res_low                        38.3800 
_refine_hist.pdbx_number_atoms_ligand         40 
_refine_hist.number_atoms_solvent             21 
_refine_hist.number_atoms_total               1376 
_refine_hist.pdbx_number_residues_total       171 
_refine_hist.pdbx_B_iso_mean_ligand           111.62 
_refine_hist.pdbx_B_iso_mean_solvent          73.96 
_refine_hist.pdbx_number_atoms_protein        1315 
_refine_hist.pdbx_number_atoms_nucleic_acid   0 
# 
loop_
_refine_ls_restr.pdbx_refine_id 
_refine_ls_restr.criterion 
_refine_ls_restr.dev_ideal 
_refine_ls_restr.dev_ideal_target 
_refine_ls_restr.number 
_refine_ls_restr.rejects 
_refine_ls_restr.type 
_refine_ls_restr.weight 
_refine_ls_restr.pdbx_restraint_function 
'X-RAY DIFFRACTION' ? 0.013  0.019  1371 ? r_bond_refined_d       ? ? 
'X-RAY DIFFRACTION' ? 1.884  1.983  1835 ? r_angle_refined_deg    ? ? 
'X-RAY DIFFRACTION' ? 7.187  5.000  170  ? r_dihedral_angle_1_deg ? ? 
'X-RAY DIFFRACTION' ? 38.314 26.316 57   ? r_dihedral_angle_2_deg ? ? 
'X-RAY DIFFRACTION' ? 19.527 15.000 253  ? r_dihedral_angle_3_deg ? ? 
'X-RAY DIFFRACTION' ? 28.291 15.000 2    ? r_dihedral_angle_4_deg ? ? 
'X-RAY DIFFRACTION' ? 0.112  0.200  208  ? r_chiral_restr         ? ? 
'X-RAY DIFFRACTION' ? 0.006  0.020  987  ? r_gen_planes_refined   ? ? 
# 
_refine_ls_shell.pdbx_refine_id                   'X-RAY DIFFRACTION' 
_refine_ls_shell.d_res_high                       2.8000 
_refine_ls_shell.d_res_low                        2.8720 
_refine_ls_shell.number_reflns_all                876 
_refine_ls_shell.number_reflns_obs                ? 
_refine_ls_shell.number_reflns_R_free             40 
_refine_ls_shell.number_reflns_R_work             836 
_refine_ls_shell.percent_reflns_obs               99.7700 
_refine_ls_shell.percent_reflns_R_free            ? 
_refine_ls_shell.R_factor_all                     ? 
_refine_ls_shell.R_factor_obs                     ? 
_refine_ls_shell.R_factor_R_free                  0.4000 
_refine_ls_shell.R_factor_R_free_error            0.0000 
_refine_ls_shell.R_factor_R_work                  0.3440 
_refine_ls_shell.redundancy_reflns_all            ? 
_refine_ls_shell.redundancy_reflns_obs            ? 
_refine_ls_shell.wR_factor_all                    ? 
_refine_ls_shell.wR_factor_obs                    ? 
_refine_ls_shell.wR_factor_R_free                 ? 
_refine_ls_shell.wR_factor_R_work                 ? 
_refine_ls_shell.pdbx_total_number_of_bins_used   20 
_refine_ls_shell.pdbx_phase_error                 ? 
_refine_ls_shell.pdbx_fsc_work                    ? 
_refine_ls_shell.pdbx_fsc_free                    ? 
# 
_struct.entry_id                     5W2Z 
_struct.title                        
'Crystal structure of mutant CJ YCEI protein (CJ-N48C) with 5-mercapto-2-nitrobenzoic acid guest structure' 
_struct.pdbx_model_details           ? 
_struct.pdbx_formula_weight          ? 
_struct.pdbx_formula_weight_method   ? 
_struct.pdbx_model_type_details      ? 
_struct.pdbx_CASP_flag               N 
# 
_struct_keywords.entry_id        5W2Z 
_struct_keywords.text            'nanotechnology nanoporous, UNKNOWN FUNCTION' 
_struct_keywords.pdbx_keywords   'UNKNOWN FUNCTION' 
# 
loop_
_struct_asym.id 
_struct_asym.pdbx_blank_PDB_chainid_flag 
_struct_asym.pdbx_modified 
_struct_asym.entity_id 
_struct_asym.details 
A N N 1 ? 
B N N 2 ? 
C N N 3 ? 
D N N 3 ? 
E N N 4 ? 
F N N 5 ? 
# 
_struct_ref.id                         1 
_struct_ref.db_name                    UNP 
_struct_ref.db_code                    Q0PB90_CAMJE 
_struct_ref.pdbx_db_accession          Q0PB90 
_struct_ref.pdbx_db_isoform            ? 
_struct_ref.entity_id                  1 
_struct_ref.pdbx_seq_one_letter_code   
;KEYTLDKAHTDVGFKIKHLQISNVKGNFKDYSAVIDFDPASAEFKKLDVTIKIASVNTENQTRDNHLQQDDFFKAKKYPD
MTFTMKKYEKIDNEKGKMTGTLTIAGVSKDIVLDAEIGGVAKGKDGKEKIGFSLNGKIKRSDFKFATSTSTITLSDDINL
NIEVEANEK
;
_struct_ref.pdbx_align_begin           22 
# 
_struct_ref_seq.align_id                      1 
_struct_ref_seq.ref_id                        1 
_struct_ref_seq.pdbx_PDB_id_code              5W2Z 
_struct_ref_seq.pdbx_strand_id                A 
_struct_ref_seq.seq_align_beg                 2 
_struct_ref_seq.pdbx_seq_align_beg_ins_code   ? 
_struct_ref_seq.seq_align_end                 170 
_struct_ref_seq.pdbx_seq_align_end_ins_code   ? 
_struct_ref_seq.pdbx_db_accession             Q0PB90 
_struct_ref_seq.db_align_beg                  22 
_struct_ref_seq.pdbx_db_align_beg_ins_code    ? 
_struct_ref_seq.db_align_end                  190 
_struct_ref_seq.pdbx_db_align_end_ins_code    ? 
_struct_ref_seq.pdbx_auth_seq_align_beg       22 
_struct_ref_seq.pdbx_auth_seq_align_end       190 
# 
loop_
_struct_ref_seq_dif.align_id 
_struct_ref_seq_dif.pdbx_pdb_id_code 
_struct_ref_seq_dif.mon_id 
_struct_ref_seq_dif.pdbx_pdb_strand_id 
_struct_ref_seq_dif.seq_num 
_struct_ref_seq_dif.pdbx_pdb_ins_code 
_struct_ref_seq_dif.pdbx_seq_db_name 
_struct_ref_seq_dif.pdbx_seq_db_accession_code 
_struct_ref_seq_dif.db_mon_id 
_struct_ref_seq_dif.pdbx_seq_db_seq_num 
_struct_ref_seq_dif.details 
_struct_ref_seq_dif.pdbx_auth_seq_num 
_struct_ref_seq_dif.pdbx_ordinal 
1 5W2Z MET A 1   ? UNP Q0PB90 ?   ?  'expression tag'      21  1  
1 5W2Z CYS A 28  ? UNP Q0PB90 ASN 48 'engineered mutation' 48  2  
1 5W2Z GLU A 171 ? UNP Q0PB90 ?   ?  'expression tag'      191 3  
1 5W2Z GLY A 172 ? UNP Q0PB90 ?   ?  'expression tag'      192 4  
1 5W2Z GLY A 173 ? UNP Q0PB90 ?   ?  'expression tag'      193 5  
1 5W2Z SER A 174 ? UNP Q0PB90 ?   ?  'expression tag'      194 6  
1 5W2Z HIS A 175 ? UNP Q0PB90 ?   ?  'expression tag'      195 7  
1 5W2Z HIS A 176 ? UNP Q0PB90 ?   ?  'expression tag'      196 8  
1 5W2Z HIS A 177 ? UNP Q0PB90 ?   ?  'expression tag'      197 9  
1 5W2Z HIS A 178 ? UNP Q0PB90 ?   ?  'expression tag'      198 10 
1 5W2Z HIS A 179 ? UNP Q0PB90 ?   ?  'expression tag'      199 11 
1 5W2Z HIS A 180 ? UNP Q0PB90 ?   ?  'expression tag'      200 12 
# 
_pdbx_struct_assembly.id                   1 
_pdbx_struct_assembly.details              author_and_software_defined_assembly 
_pdbx_struct_assembly.method_details       PISA 
_pdbx_struct_assembly.oligomeric_details   tetrameric 
_pdbx_struct_assembly.oligomeric_count     4 
# 
loop_
_pdbx_struct_assembly_prop.biol_id 
_pdbx_struct_assembly_prop.type 
_pdbx_struct_assembly_prop.value 
_pdbx_struct_assembly_prop.details 
1 'ABSA (A^2)' 23150 ? 
1 MORE         -207  ? 
1 'SSA (A^2)'  32420 ? 
# 
_pdbx_struct_assembly_gen.assembly_id       1 
_pdbx_struct_assembly_gen.oper_expression   1,2,3,4 
_pdbx_struct_assembly_gen.asym_id_list      A,B,C,D,E,F 
# 
_pdbx_struct_assembly_auth_evidence.id                     1 
_pdbx_struct_assembly_auth_evidence.assembly_id            1 
_pdbx_struct_assembly_auth_evidence.experimental_support   none 
_pdbx_struct_assembly_auth_evidence.details                . 
# 
loop_
_pdbx_struct_oper_list.id 
_pdbx_struct_oper_list.type 
_pdbx_struct_oper_list.name 
_pdbx_struct_oper_list.symmetry_operation 
_pdbx_struct_oper_list.matrix[1][1] 
_pdbx_struct_oper_list.matrix[1][2] 
_pdbx_struct_oper_list.matrix[1][3] 
_pdbx_struct_oper_list.vector[1] 
_pdbx_struct_oper_list.matrix[2][1] 
_pdbx_struct_oper_list.matrix[2][2] 
_pdbx_struct_oper_list.matrix[2][3] 
_pdbx_struct_oper_list.vector[2] 
_pdbx_struct_oper_list.matrix[3][1] 
_pdbx_struct_oper_list.matrix[3][2] 
_pdbx_struct_oper_list.matrix[3][3] 
_pdbx_struct_oper_list.vector[3] 
1 'identity operation'         1_555  x,y,z        1.0000000000  0.0000000000  0.0000000000  0.0000000000   0.0000000000  1.0000000000  0.0000000000  0.0000000000   0.0000000000  0.0000000000  1.0000000000  0.0000000000  
2 'crystal symmetry operation' 4_545  -x,-y-1,z    0.1569918532  -0.3474106007 0.9244779243  -27.2827541049 -0.3474106007 -0.8956828217 -0.2775935113 -16.1709169764 0.9244779243  -0.2775935113 -0.2613090316 28.0677078050 
3 'crystal symmetry operation' 9_556  -x,-x+y,-z+1 -0.6970659426 -0.4583554623 -0.5513704217 -5.4447616177  -0.4583554623 -0.3064836236 0.8342529944  -32.6297181703 -0.5513704217 0.8342529944  0.0035495662  24.1336954320 
4 'crystal symmetry operation' 12_546 x,x-y-1,-z+1 -0.4599259106 0.8057660630  -0.3731075026 5.5094413281   0.8057660630  0.2021664453  -0.5566594831 8.2471717139   -0.3731075026 -0.5566594831 -0.7422405347 25.7855913435 
# 
loop_
_struct_conf.conf_type_id 
_struct_conf.id 
_struct_conf.pdbx_PDB_helix_id 
_struct_conf.beg_label_comp_id 
_struct_conf.beg_label_asym_id 
_struct_conf.beg_label_seq_id 
_struct_conf.pdbx_beg_PDB_ins_code 
_struct_conf.end_label_comp_id 
_struct_conf.end_label_asym_id 
_struct_conf.end_label_seq_id 
_struct_conf.pdbx_end_PDB_ins_code 
_struct_conf.beg_auth_comp_id 
_struct_conf.beg_auth_asym_id 
_struct_conf.beg_auth_seq_id 
_struct_conf.end_auth_comp_id 
_struct_conf.end_auth_asym_id 
_struct_conf.end_auth_seq_id 
_struct_conf.pdbx_PDB_helix_class 
_struct_conf.details 
_struct_conf.pdbx_PDB_helix_length 
HELX_P HELX_P1 AA1 ASP A 7   ? THR A 11  ? ASP A 27  THR A 31  5 ? 5 
HELX_P HELX_P2 AA2 ASN A 61  ? GLN A 69  ? ASN A 81  GLN A 89  1 ? 9 
HELX_P HELX_P3 AA3 SER A 142 ? LYS A 145 ? SER A 162 LYS A 165 5 ? 4 
# 
_struct_conf_type.id          HELX_P 
_struct_conf_type.criteria    ? 
_struct_conf_type.reference   ? 
# 
_struct_conn.id                            covale1 
_struct_conn.conn_type_id                  covale 
_struct_conn.pdbx_leaving_atom_flag        none 
_struct_conn.pdbx_PDB_id                   ? 
_struct_conn.ptnr1_label_asym_id           A 
_struct_conn.ptnr1_label_comp_id           CYS 
_struct_conn.ptnr1_label_seq_id            28 
_struct_conn.ptnr1_label_atom_id           SG 
_struct_conn.pdbx_ptnr1_label_alt_id       ? 
_struct_conn.pdbx_ptnr1_PDB_ins_code       ? 
_struct_conn.pdbx_ptnr1_standard_comp_id   ? 
_struct_conn.ptnr1_symmetry                1_555 
_struct_conn.ptnr2_label_asym_id           E 
_struct_conn.ptnr2_label_comp_id           MNB 
_struct_conn.ptnr2_label_seq_id            . 
_struct_conn.ptnr2_label_atom_id           S5 
_struct_conn.pdbx_ptnr2_label_alt_id       ? 
_struct_conn.pdbx_ptnr2_PDB_ins_code       ? 
_struct_conn.ptnr1_auth_asym_id            A 
_struct_conn.ptnr1_auth_comp_id            CYS 
_struct_conn.ptnr1_auth_seq_id             48 
_struct_conn.ptnr2_auth_asym_id            A 
_struct_conn.ptnr2_auth_comp_id            MNB 
_struct_conn.ptnr2_auth_seq_id             304 
_struct_conn.ptnr2_symmetry                1_555 
_struct_conn.pdbx_ptnr3_label_atom_id      ? 
_struct_conn.pdbx_ptnr3_label_seq_id       ? 
_struct_conn.pdbx_ptnr3_label_comp_id      ? 
_struct_conn.pdbx_ptnr3_label_asym_id      ? 
_struct_conn.pdbx_ptnr3_label_alt_id       ? 
_struct_conn.pdbx_ptnr3_PDB_ins_code       ? 
_struct_conn.details                       ? 
_struct_conn.pdbx_dist_value               1.935 
_struct_conn.pdbx_value_order              ? 
_struct_conn.pdbx_role                     ? 
# 
_struct_conn_type.id          covale 
_struct_conn_type.criteria    ? 
_struct_conn_type.reference   ? 
# 
_pdbx_modification_feature.ordinal                            1 
_pdbx_modification_feature.label_comp_id                      MNB 
_pdbx_modification_feature.label_asym_id                      E 
_pdbx_modification_feature.label_seq_id                       . 
_pdbx_modification_feature.label_alt_id                       ? 
_pdbx_modification_feature.modified_residue_label_comp_id     CYS 
_pdbx_modification_feature.modified_residue_label_asym_id     A 
_pdbx_modification_feature.modified_residue_label_seq_id      28 
_pdbx_modification_feature.modified_residue_label_alt_id      ? 
_pdbx_modification_feature.auth_comp_id                       MNB 
_pdbx_modification_feature.auth_asym_id                       A 
_pdbx_modification_feature.auth_seq_id                        304 
_pdbx_modification_feature.PDB_ins_code                       ? 
_pdbx_modification_feature.symmetry                           1_555 
_pdbx_modification_feature.modified_residue_auth_comp_id      CYS 
_pdbx_modification_feature.modified_residue_auth_asym_id      A 
_pdbx_modification_feature.modified_residue_auth_seq_id       48 
_pdbx_modification_feature.modified_residue_PDB_ins_code      ? 
_pdbx_modification_feature.modified_residue_symmetry          1_555 
_pdbx_modification_feature.comp_id_linking_atom               S5 
_pdbx_modification_feature.modified_residue_id_linking_atom   SG 
_pdbx_modification_feature.modified_residue_id                CYS 
_pdbx_modification_feature.ref_pcm_id                         1 
_pdbx_modification_feature.ref_comp_id                        MNB 
_pdbx_modification_feature.type                               None 
_pdbx_modification_feature.category                           'Covalent chemical modification' 
# 
loop_
_struct_sheet.id 
_struct_sheet.type 
_struct_sheet.number_strands 
_struct_sheet.details 
AA1 ? 2 ? 
AA2 ? 7 ? 
# 
loop_
_struct_sheet_order.sheet_id 
_struct_sheet_order.range_id_1 
_struct_sheet_order.range_id_2 
_struct_sheet_order.offset 
_struct_sheet_order.sense 
AA1 1 2 ? anti-parallel 
AA2 1 2 ? anti-parallel 
AA2 2 3 ? anti-parallel 
AA2 3 4 ? anti-parallel 
AA2 4 5 ? anti-parallel 
AA2 5 6 ? anti-parallel 
AA2 6 7 ? anti-parallel 
# 
loop_
_struct_sheet_range.sheet_id 
_struct_sheet_range.id 
_struct_sheet_range.beg_label_comp_id 
_struct_sheet_range.beg_label_asym_id 
_struct_sheet_range.beg_label_seq_id 
_struct_sheet_range.pdbx_beg_PDB_ins_code 
_struct_sheet_range.end_label_comp_id 
_struct_sheet_range.end_label_asym_id 
_struct_sheet_range.end_label_seq_id 
_struct_sheet_range.pdbx_end_PDB_ins_code 
_struct_sheet_range.beg_auth_comp_id 
_struct_sheet_range.beg_auth_asym_id 
_struct_sheet_range.beg_auth_seq_id 
_struct_sheet_range.end_auth_comp_id 
_struct_sheet_range.end_auth_asym_id 
_struct_sheet_range.end_auth_seq_id 
AA1 1 CYS A 28  ? PHE A 29  ? CYS A 48  PHE A 49  
AA1 2 VAL A 57  ? ASN A 58  ? VAL A 77  ASN A 78  
AA2 1 TYR A 32  ? PHE A 38  ? TYR A 52  PHE A 58  
AA2 2 PHE A 45  ? LYS A 53  ? PHE A 65  LYS A 73  
AA2 3 ASP A 81  ? LYS A 91  ? ASP A 101 LYS A 111 
AA2 4 LYS A 96  ? ILE A 105 ? LYS A 116 ILE A 125 
AA2 5 VAL A 108 ? LYS A 123 ? VAL A 128 LYS A 143 
AA2 6 GLU A 129 ? LYS A 140 ? GLU A 149 LYS A 160 
AA2 7 ASP A 158 ? ASN A 168 ? ASP A 178 ASN A 188 
# 
loop_
_pdbx_struct_sheet_hbond.sheet_id 
_pdbx_struct_sheet_hbond.range_id_1 
_pdbx_struct_sheet_hbond.range_id_2 
_pdbx_struct_sheet_hbond.range_1_label_atom_id 
_pdbx_struct_sheet_hbond.range_1_label_comp_id 
_pdbx_struct_sheet_hbond.range_1_label_asym_id 
_pdbx_struct_sheet_hbond.range_1_label_seq_id 
_pdbx_struct_sheet_hbond.range_1_PDB_ins_code 
_pdbx_struct_sheet_hbond.range_1_auth_atom_id 
_pdbx_struct_sheet_hbond.range_1_auth_comp_id 
_pdbx_struct_sheet_hbond.range_1_auth_asym_id 
_pdbx_struct_sheet_hbond.range_1_auth_seq_id 
_pdbx_struct_sheet_hbond.range_2_label_atom_id 
_pdbx_struct_sheet_hbond.range_2_label_comp_id 
_pdbx_struct_sheet_hbond.range_2_label_asym_id 
_pdbx_struct_sheet_hbond.range_2_label_seq_id 
_pdbx_struct_sheet_hbond.range_2_PDB_ins_code 
_pdbx_struct_sheet_hbond.range_2_auth_atom_id 
_pdbx_struct_sheet_hbond.range_2_auth_comp_id 
_pdbx_struct_sheet_hbond.range_2_auth_asym_id 
_pdbx_struct_sheet_hbond.range_2_auth_seq_id 
AA1 1 2 N CYS A 28  ? N CYS A 48  O ASN A 58  ? O ASN A 78  
AA2 1 2 N ASP A 37  ? N ASP A 57  O LYS A 46  ? O LYS A 66  
AA2 2 3 N ILE A 52  ? N ILE A 72  O MET A 82  ? O MET A 102 
AA2 3 4 N LYS A 87  ? N LYS A 107 O THR A 100 ? O THR A 120 
AA2 4 5 N LEU A 103 ? N LEU A 123 O LYS A 110 ? O LYS A 130 
AA2 5 6 N ASP A 115 ? N ASP A 135 O ASN A 136 ? O ASN A 156 
AA2 6 7 N GLY A 137 ? N GLY A 157 O LEU A 161 ? O LEU A 181 
# 
loop_
_struct_site.id 
_struct_site.pdbx_evidence_code 
_struct_site.pdbx_auth_asym_id 
_struct_site.pdbx_auth_comp_id 
_struct_site.pdbx_auth_seq_id 
_struct_site.pdbx_auth_ins_code 
_struct_site.pdbx_num_residues 
_struct_site.details 
AC1 Software A SO4 302 ? 2 'binding site for residue SO4 A 302' 
AC2 Software A SO4 303 ? 6 'binding site for residue SO4 A 303' 
AC3 Software A MNB 304 ? 6 'binding site for residue MNB A 304' 
# 
loop_
_struct_site_gen.id 
_struct_site_gen.site_id 
_struct_site_gen.pdbx_num_res 
_struct_site_gen.label_comp_id 
_struct_site_gen.label_asym_id 
_struct_site_gen.label_seq_id 
_struct_site_gen.pdbx_auth_ins_code 
_struct_site_gen.auth_comp_id 
_struct_site_gen.auth_asym_id 
_struct_site_gen.auth_seq_id 
_struct_site_gen.label_atom_id 
_struct_site_gen.label_alt_id 
_struct_site_gen.symmetry 
_struct_site_gen.details 
1  AC1 2 LYS A 110 ? LYS A 130 . ? 1_555 ? 
2  AC1 2 ASP A 111 ? ASP A 131 . ? 1_555 ? 
3  AC2 6 SER A 149 ? SER A 169 . ? 4_545 ? 
4  AC2 6 THR A 150 ? THR A 170 . ? 1_555 ? 
5  AC2 6 SER A 151 ? SER A 171 . ? 4_545 ? 
6  AC2 6 SER A 151 ? SER A 171 . ? 1_555 ? 
7  AC2 6 THR A 154 ? THR A 174 . ? 4_545 ? 
8  AC2 6 THR A 154 ? THR A 174 . ? 1_555 ? 
9  AC3 6 ASP A 12  ? ASP A 32  . ? 9_556 ? 
10 AC3 6 LYS A 26  ? LYS A 46  . ? 1_555 ? 
11 AC3 6 GLY A 27  ? GLY A 47  . ? 1_555 ? 
12 AC3 6 CYS A 28  ? CYS A 48  . ? 1_555 ? 
13 AC3 6 ASN A 58  ? ASN A 78  . ? 1_555 ? 
14 AC3 6 GLU A 60  ? GLU A 80  . ? 1_555 ? 
# 
_pdbx_entry_details.entry_id                   5W2Z 
_pdbx_entry_details.compound_details           ? 
_pdbx_entry_details.source_details             ? 
_pdbx_entry_details.nonpolymer_details         ? 
_pdbx_entry_details.sequence_details           ? 
_pdbx_entry_details.has_ligand_of_interest     ? 
_pdbx_entry_details.has_protein_modification   Y 
# 
loop_
_pdbx_validate_torsion.id 
_pdbx_validate_torsion.PDB_model_num 
_pdbx_validate_torsion.auth_comp_id 
_pdbx_validate_torsion.auth_asym_id 
_pdbx_validate_torsion.auth_seq_id 
_pdbx_validate_torsion.PDB_ins_code 
_pdbx_validate_torsion.label_alt_id 
_pdbx_validate_torsion.phi 
_pdbx_validate_torsion.psi 
1 1 PHE A 93  ? ? -126.76 -114.58 
2 1 LYS A 108 ? ? -172.59 126.62  
3 1 ALA A 126 ? ? 37.38   52.29   
4 1 LYS A 165 ? ? 39.43   41.89   
# 
_pdbx_struct_special_symmetry.id              1 
_pdbx_struct_special_symmetry.PDB_model_num   1 
_pdbx_struct_special_symmetry.auth_asym_id    A 
_pdbx_struct_special_symmetry.auth_comp_id    HOH 
_pdbx_struct_special_symmetry.auth_seq_id     415 
_pdbx_struct_special_symmetry.PDB_ins_code    ? 
_pdbx_struct_special_symmetry.label_asym_id   F 
_pdbx_struct_special_symmetry.label_comp_id   HOH 
_pdbx_struct_special_symmetry.label_seq_id    . 
# 
loop_
_pdbx_unobs_or_zero_occ_residues.id 
_pdbx_unobs_or_zero_occ_residues.PDB_model_num 
_pdbx_unobs_or_zero_occ_residues.polymer_flag 
_pdbx_unobs_or_zero_occ_residues.occupancy_flag 
_pdbx_unobs_or_zero_occ_residues.auth_asym_id 
_pdbx_unobs_or_zero_occ_residues.auth_comp_id 
_pdbx_unobs_or_zero_occ_residues.auth_seq_id 
_pdbx_unobs_or_zero_occ_residues.PDB_ins_code 
_pdbx_unobs_or_zero_occ_residues.label_asym_id 
_pdbx_unobs_or_zero_occ_residues.label_comp_id 
_pdbx_unobs_or_zero_occ_residues.label_seq_id 
1 1 Y 1 A GLY 192 ? A GLY 172 
2 1 Y 1 A GLY 193 ? A GLY 173 
3 1 Y 1 A SER 194 ? A SER 174 
4 1 Y 1 A HIS 195 ? A HIS 175 
5 1 Y 1 A HIS 196 ? A HIS 176 
6 1 Y 1 A HIS 197 ? A HIS 177 
7 1 Y 1 A HIS 198 ? A HIS 178 
8 1 Y 1 A HIS 199 ? A HIS 179 
9 1 Y 1 A HIS 200 ? A HIS 180 
# 
loop_
_chem_comp_atom.comp_id 
_chem_comp_atom.atom_id 
_chem_comp_atom.type_symbol 
_chem_comp_atom.pdbx_aromatic_flag 
_chem_comp_atom.pdbx_stereo_config 
_chem_comp_atom.pdbx_ordinal 
ALA N    N N N 1   
ALA CA   C N S 2   
ALA C    C N N 3   
ALA O    O N N 4   
ALA CB   C N N 5   
ALA OXT  O N N 6   
ALA H    H N N 7   
ALA H2   H N N 8   
ALA HA   H N N 9   
ALA HB1  H N N 10  
ALA HB2  H N N 11  
ALA HB3  H N N 12  
ALA HXT  H N N 13  
ARG N    N N N 14  
ARG CA   C N S 15  
ARG C    C N N 16  
ARG O    O N N 17  
ARG CB   C N N 18  
ARG CG   C N N 19  
ARG CD   C N N 20  
ARG NE   N N N 21  
ARG CZ   C N N 22  
ARG NH1  N N N 23  
ARG NH2  N N N 24  
ARG OXT  O N N 25  
ARG H    H N N 26  
ARG H2   H N N 27  
ARG HA   H N N 28  
ARG HB2  H N N 29  
ARG HB3  H N N 30  
ARG HG2  H N N 31  
ARG HG3  H N N 32  
ARG HD2  H N N 33  
ARG HD3  H N N 34  
ARG HE   H N N 35  
ARG HH11 H N N 36  
ARG HH12 H N N 37  
ARG HH21 H N N 38  
ARG HH22 H N N 39  
ARG HXT  H N N 40  
ASN N    N N N 41  
ASN CA   C N S 42  
ASN C    C N N 43  
ASN O    O N N 44  
ASN CB   C N N 45  
ASN CG   C N N 46  
ASN OD1  O N N 47  
ASN ND2  N N N 48  
ASN OXT  O N N 49  
ASN H    H N N 50  
ASN H2   H N N 51  
ASN HA   H N N 52  
ASN HB2  H N N 53  
ASN HB3  H N N 54  
ASN HD21 H N N 55  
ASN HD22 H N N 56  
ASN HXT  H N N 57  
ASP N    N N N 58  
ASP CA   C N S 59  
ASP C    C N N 60  
ASP O    O N N 61  
ASP CB   C N N 62  
ASP CG   C N N 63  
ASP OD1  O N N 64  
ASP OD2  O N N 65  
ASP OXT  O N N 66  
ASP H    H N N 67  
ASP H2   H N N 68  
ASP HA   H N N 69  
ASP HB2  H N N 70  
ASP HB3  H N N 71  
ASP HD2  H N N 72  
ASP HXT  H N N 73  
CYS N    N N N 74  
CYS CA   C N R 75  
CYS C    C N N 76  
CYS O    O N N 77  
CYS CB   C N N 78  
CYS SG   S N N 79  
CYS OXT  O N N 80  
CYS H    H N N 81  
CYS H2   H N N 82  
CYS HA   H N N 83  
CYS HB2  H N N 84  
CYS HB3  H N N 85  
CYS HG   H N N 86  
CYS HXT  H N N 87  
GLN N    N N N 88  
GLN CA   C N S 89  
GLN C    C N N 90  
GLN O    O N N 91  
GLN CB   C N N 92  
GLN CG   C N N 93  
GLN CD   C N N 94  
GLN OE1  O N N 95  
GLN NE2  N N N 96  
GLN OXT  O N N 97  
GLN H    H N N 98  
GLN H2   H N N 99  
GLN HA   H N N 100 
GLN HB2  H N N 101 
GLN HB3  H N N 102 
GLN HG2  H N N 103 
GLN HG3  H N N 104 
GLN HE21 H N N 105 
GLN HE22 H N N 106 
GLN HXT  H N N 107 
GLU N    N N N 108 
GLU CA   C N S 109 
GLU C    C N N 110 
GLU O    O N N 111 
GLU CB   C N N 112 
GLU CG   C N N 113 
GLU CD   C N N 114 
GLU OE1  O N N 115 
GLU OE2  O N N 116 
GLU OXT  O N N 117 
GLU H    H N N 118 
GLU H2   H N N 119 
GLU HA   H N N 120 
GLU HB2  H N N 121 
GLU HB3  H N N 122 
GLU HG2  H N N 123 
GLU HG3  H N N 124 
GLU HE2  H N N 125 
GLU HXT  H N N 126 
GLY N    N N N 127 
GLY CA   C N N 128 
GLY C    C N N 129 
GLY O    O N N 130 
GLY OXT  O N N 131 
GLY H    H N N 132 
GLY H2   H N N 133 
GLY HA2  H N N 134 
GLY HA3  H N N 135 
GLY HXT  H N N 136 
HIS N    N N N 137 
HIS CA   C N S 138 
HIS C    C N N 139 
HIS O    O N N 140 
HIS CB   C N N 141 
HIS CG   C Y N 142 
HIS ND1  N Y N 143 
HIS CD2  C Y N 144 
HIS CE1  C Y N 145 
HIS NE2  N Y N 146 
HIS OXT  O N N 147 
HIS H    H N N 148 
HIS H2   H N N 149 
HIS HA   H N N 150 
HIS HB2  H N N 151 
HIS HB3  H N N 152 
HIS HD1  H N N 153 
HIS HD2  H N N 154 
HIS HE1  H N N 155 
HIS HE2  H N N 156 
HIS HXT  H N N 157 
HOH O    O N N 158 
HOH H1   H N N 159 
HOH H2   H N N 160 
ILE N    N N N 161 
ILE CA   C N S 162 
ILE C    C N N 163 
ILE O    O N N 164 
ILE CB   C N S 165 
ILE CG1  C N N 166 
ILE CG2  C N N 167 
ILE CD1  C N N 168 
ILE OXT  O N N 169 
ILE H    H N N 170 
ILE H2   H N N 171 
ILE HA   H N N 172 
ILE HB   H N N 173 
ILE HG12 H N N 174 
ILE HG13 H N N 175 
ILE HG21 H N N 176 
ILE HG22 H N N 177 
ILE HG23 H N N 178 
ILE HD11 H N N 179 
ILE HD12 H N N 180 
ILE HD13 H N N 181 
ILE HXT  H N N 182 
LEU N    N N N 183 
LEU CA   C N S 184 
LEU C    C N N 185 
LEU O    O N N 186 
LEU CB   C N N 187 
LEU CG   C N N 188 
LEU CD1  C N N 189 
LEU CD2  C N N 190 
LEU OXT  O N N 191 
LEU H    H N N 192 
LEU H2   H N N 193 
LEU HA   H N N 194 
LEU HB2  H N N 195 
LEU HB3  H N N 196 
LEU HG   H N N 197 
LEU HD11 H N N 198 
LEU HD12 H N N 199 
LEU HD13 H N N 200 
LEU HD21 H N N 201 
LEU HD22 H N N 202 
LEU HD23 H N N 203 
LEU HXT  H N N 204 
LYS N    N N N 205 
LYS CA   C N S 206 
LYS C    C N N 207 
LYS O    O N N 208 
LYS CB   C N N 209 
LYS CG   C N N 210 
LYS CD   C N N 211 
LYS CE   C N N 212 
LYS NZ   N N N 213 
LYS OXT  O N N 214 
LYS H    H N N 215 
LYS H2   H N N 216 
LYS HA   H N N 217 
LYS HB2  H N N 218 
LYS HB3  H N N 219 
LYS HG2  H N N 220 
LYS HG3  H N N 221 
LYS HD2  H N N 222 
LYS HD3  H N N 223 
LYS HE2  H N N 224 
LYS HE3  H N N 225 
LYS HZ1  H N N 226 
LYS HZ2  H N N 227 
LYS HZ3  H N N 228 
LYS HXT  H N N 229 
MET N    N N N 230 
MET CA   C N S 231 
MET C    C N N 232 
MET O    O N N 233 
MET CB   C N N 234 
MET CG   C N N 235 
MET SD   S N N 236 
MET CE   C N N 237 
MET OXT  O N N 238 
MET H    H N N 239 
MET H2   H N N 240 
MET HA   H N N 241 
MET HB2  H N N 242 
MET HB3  H N N 243 
MET HG2  H N N 244 
MET HG3  H N N 245 
MET HE1  H N N 246 
MET HE2  H N N 247 
MET HE3  H N N 248 
MET HXT  H N N 249 
MNB C6   C Y N 250 
MNB C1   C Y N 251 
MNB C2   C Y N 252 
MNB C3   C Y N 253 
MNB C4   C Y N 254 
MNB C5   C Y N 255 
MNB S5   S N N 256 
MNB C10  C N N 257 
MNB O12  O N N 258 
MNB O11  O N N 259 
MNB N7   N N N 260 
MNB O9   O N N 261 
MNB O8   O N N 262 
MNB HC6  H N N 263 
MNB HC3  H N N 264 
MNB HC4  H N N 265 
MNB HS5  H N N 266 
MNB H12  H N N 267 
PHE N    N N N 268 
PHE CA   C N S 269 
PHE C    C N N 270 
PHE O    O N N 271 
PHE CB   C N N 272 
PHE CG   C Y N 273 
PHE CD1  C Y N 274 
PHE CD2  C Y N 275 
PHE CE1  C Y N 276 
PHE CE2  C Y N 277 
PHE CZ   C Y N 278 
PHE OXT  O N N 279 
PHE H    H N N 280 
PHE H2   H N N 281 
PHE HA   H N N 282 
PHE HB2  H N N 283 
PHE HB3  H N N 284 
PHE HD1  H N N 285 
PHE HD2  H N N 286 
PHE HE1  H N N 287 
PHE HE2  H N N 288 
PHE HZ   H N N 289 
PHE HXT  H N N 290 
PRO N    N N N 291 
PRO CA   C N S 292 
PRO C    C N N 293 
PRO O    O N N 294 
PRO CB   C N N 295 
PRO CG   C N N 296 
PRO CD   C N N 297 
PRO OXT  O N N 298 
PRO H    H N N 299 
PRO HA   H N N 300 
PRO HB2  H N N 301 
PRO HB3  H N N 302 
PRO HG2  H N N 303 
PRO HG3  H N N 304 
PRO HD2  H N N 305 
PRO HD3  H N N 306 
PRO HXT  H N N 307 
SER N    N N N 308 
SER CA   C N S 309 
SER C    C N N 310 
SER O    O N N 311 
SER CB   C N N 312 
SER OG   O N N 313 
SER OXT  O N N 314 
SER H    H N N 315 
SER H2   H N N 316 
SER HA   H N N 317 
SER HB2  H N N 318 
SER HB3  H N N 319 
SER HG   H N N 320 
SER HXT  H N N 321 
SO4 S    S N N 322 
SO4 O1   O N N 323 
SO4 O2   O N N 324 
SO4 O3   O N N 325 
SO4 O4   O N N 326 
THR N    N N N 327 
THR CA   C N S 328 
THR C    C N N 329 
THR O    O N N 330 
THR CB   C N R 331 
THR OG1  O N N 332 
THR CG2  C N N 333 
THR OXT  O N N 334 
THR H    H N N 335 
THR H2   H N N 336 
THR HA   H N N 337 
THR HB   H N N 338 
THR HG1  H N N 339 
THR HG21 H N N 340 
THR HG22 H N N 341 
THR HG23 H N N 342 
THR HXT  H N N 343 
TYR N    N N N 344 
TYR CA   C N S 345 
TYR C    C N N 346 
TYR O    O N N 347 
TYR CB   C N N 348 
TYR CG   C Y N 349 
TYR CD1  C Y N 350 
TYR CD2  C Y N 351 
TYR CE1  C Y N 352 
TYR CE2  C Y N 353 
TYR CZ   C Y N 354 
TYR OH   O N N 355 
TYR OXT  O N N 356 
TYR H    H N N 357 
TYR H2   H N N 358 
TYR HA   H N N 359 
TYR HB2  H N N 360 
TYR HB3  H N N 361 
TYR HD1  H N N 362 
TYR HD2  H N N 363 
TYR HE1  H N N 364 
TYR HE2  H N N 365 
TYR HH   H N N 366 
TYR HXT  H N N 367 
VAL N    N N N 368 
VAL CA   C N S 369 
VAL C    C N N 370 
VAL O    O N N 371 
VAL CB   C N N 372 
VAL CG1  C N N 373 
VAL CG2  C N N 374 
VAL OXT  O N N 375 
VAL H    H N N 376 
VAL H2   H N N 377 
VAL HA   H N N 378 
VAL HB   H N N 379 
VAL HG11 H N N 380 
VAL HG12 H N N 381 
VAL HG13 H N N 382 
VAL HG21 H N N 383 
VAL HG22 H N N 384 
VAL HG23 H N N 385 
VAL HXT  H N N 386 
# 
loop_
_chem_comp_bond.comp_id 
_chem_comp_bond.atom_id_1 
_chem_comp_bond.atom_id_2 
_chem_comp_bond.value_order 
_chem_comp_bond.pdbx_aromatic_flag 
_chem_comp_bond.pdbx_stereo_config 
_chem_comp_bond.pdbx_ordinal 
ALA N   CA   sing N N 1   
ALA N   H    sing N N 2   
ALA N   H2   sing N N 3   
ALA CA  C    sing N N 4   
ALA CA  CB   sing N N 5   
ALA CA  HA   sing N N 6   
ALA C   O    doub N N 7   
ALA C   OXT  sing N N 8   
ALA CB  HB1  sing N N 9   
ALA CB  HB2  sing N N 10  
ALA CB  HB3  sing N N 11  
ALA OXT HXT  sing N N 12  
ARG N   CA   sing N N 13  
ARG N   H    sing N N 14  
ARG N   H2   sing N N 15  
ARG CA  C    sing N N 16  
ARG CA  CB   sing N N 17  
ARG CA  HA   sing N N 18  
ARG C   O    doub N N 19  
ARG C   OXT  sing N N 20  
ARG CB  CG   sing N N 21  
ARG CB  HB2  sing N N 22  
ARG CB  HB3  sing N N 23  
ARG CG  CD   sing N N 24  
ARG CG  HG2  sing N N 25  
ARG CG  HG3  sing N N 26  
ARG CD  NE   sing N N 27  
ARG CD  HD2  sing N N 28  
ARG CD  HD3  sing N N 29  
ARG NE  CZ   sing N N 30  
ARG NE  HE   sing N N 31  
ARG CZ  NH1  sing N N 32  
ARG CZ  NH2  doub N N 33  
ARG NH1 HH11 sing N N 34  
ARG NH1 HH12 sing N N 35  
ARG NH2 HH21 sing N N 36  
ARG NH2 HH22 sing N N 37  
ARG OXT HXT  sing N N 38  
ASN N   CA   sing N N 39  
ASN N   H    sing N N 40  
ASN N   H2   sing N N 41  
ASN CA  C    sing N N 42  
ASN CA  CB   sing N N 43  
ASN CA  HA   sing N N 44  
ASN C   O    doub N N 45  
ASN C   OXT  sing N N 46  
ASN CB  CG   sing N N 47  
ASN CB  HB2  sing N N 48  
ASN CB  HB3  sing N N 49  
ASN CG  OD1  doub N N 50  
ASN CG  ND2  sing N N 51  
ASN ND2 HD21 sing N N 52  
ASN ND2 HD22 sing N N 53  
ASN OXT HXT  sing N N 54  
ASP N   CA   sing N N 55  
ASP N   H    sing N N 56  
ASP N   H2   sing N N 57  
ASP CA  C    sing N N 58  
ASP CA  CB   sing N N 59  
ASP CA  HA   sing N N 60  
ASP C   O    doub N N 61  
ASP C   OXT  sing N N 62  
ASP CB  CG   sing N N 63  
ASP CB  HB2  sing N N 64  
ASP CB  HB3  sing N N 65  
ASP CG  OD1  doub N N 66  
ASP CG  OD2  sing N N 67  
ASP OD2 HD2  sing N N 68  
ASP OXT HXT  sing N N 69  
CYS N   CA   sing N N 70  
CYS N   H    sing N N 71  
CYS N   H2   sing N N 72  
CYS CA  C    sing N N 73  
CYS CA  CB   sing N N 74  
CYS CA  HA   sing N N 75  
CYS C   O    doub N N 76  
CYS C   OXT  sing N N 77  
CYS CB  SG   sing N N 78  
CYS CB  HB2  sing N N 79  
CYS CB  HB3  sing N N 80  
CYS SG  HG   sing N N 81  
CYS OXT HXT  sing N N 82  
GLN N   CA   sing N N 83  
GLN N   H    sing N N 84  
GLN N   H2   sing N N 85  
GLN CA  C    sing N N 86  
GLN CA  CB   sing N N 87  
GLN CA  HA   sing N N 88  
GLN C   O    doub N N 89  
GLN C   OXT  sing N N 90  
GLN CB  CG   sing N N 91  
GLN CB  HB2  sing N N 92  
GLN CB  HB3  sing N N 93  
GLN CG  CD   sing N N 94  
GLN CG  HG2  sing N N 95  
GLN CG  HG3  sing N N 96  
GLN CD  OE1  doub N N 97  
GLN CD  NE2  sing N N 98  
GLN NE2 HE21 sing N N 99  
GLN NE2 HE22 sing N N 100 
GLN OXT HXT  sing N N 101 
GLU N   CA   sing N N 102 
GLU N   H    sing N N 103 
GLU N   H2   sing N N 104 
GLU CA  C    sing N N 105 
GLU CA  CB   sing N N 106 
GLU CA  HA   sing N N 107 
GLU C   O    doub N N 108 
GLU C   OXT  sing N N 109 
GLU CB  CG   sing N N 110 
GLU CB  HB2  sing N N 111 
GLU CB  HB3  sing N N 112 
GLU CG  CD   sing N N 113 
GLU CG  HG2  sing N N 114 
GLU CG  HG3  sing N N 115 
GLU CD  OE1  doub N N 116 
GLU CD  OE2  sing N N 117 
GLU OE2 HE2  sing N N 118 
GLU OXT HXT  sing N N 119 
GLY N   CA   sing N N 120 
GLY N   H    sing N N 121 
GLY N   H2   sing N N 122 
GLY CA  C    sing N N 123 
GLY CA  HA2  sing N N 124 
GLY CA  HA3  sing N N 125 
GLY C   O    doub N N 126 
GLY C   OXT  sing N N 127 
GLY OXT HXT  sing N N 128 
HIS N   CA   sing N N 129 
HIS N   H    sing N N 130 
HIS N   H2   sing N N 131 
HIS CA  C    sing N N 132 
HIS CA  CB   sing N N 133 
HIS CA  HA   sing N N 134 
HIS C   O    doub N N 135 
HIS C   OXT  sing N N 136 
HIS CB  CG   sing N N 137 
HIS CB  HB2  sing N N 138 
HIS CB  HB3  sing N N 139 
HIS CG  ND1  sing Y N 140 
HIS CG  CD2  doub Y N 141 
HIS ND1 CE1  doub Y N 142 
HIS ND1 HD1  sing N N 143 
HIS CD2 NE2  sing Y N 144 
HIS CD2 HD2  sing N N 145 
HIS CE1 NE2  sing Y N 146 
HIS CE1 HE1  sing N N 147 
HIS NE2 HE2  sing N N 148 
HIS OXT HXT  sing N N 149 
HOH O   H1   sing N N 150 
HOH O   H2   sing N N 151 
ILE N   CA   sing N N 152 
ILE N   H    sing N N 153 
ILE N   H2   sing N N 154 
ILE CA  C    sing N N 155 
ILE CA  CB   sing N N 156 
ILE CA  HA   sing N N 157 
ILE C   O    doub N N 158 
ILE C   OXT  sing N N 159 
ILE CB  CG1  sing N N 160 
ILE CB  CG2  sing N N 161 
ILE CB  HB   sing N N 162 
ILE CG1 CD1  sing N N 163 
ILE CG1 HG12 sing N N 164 
ILE CG1 HG13 sing N N 165 
ILE CG2 HG21 sing N N 166 
ILE CG2 HG22 sing N N 167 
ILE CG2 HG23 sing N N 168 
ILE CD1 HD11 sing N N 169 
ILE CD1 HD12 sing N N 170 
ILE CD1 HD13 sing N N 171 
ILE OXT HXT  sing N N 172 
LEU N   CA   sing N N 173 
LEU N   H    sing N N 174 
LEU N   H2   sing N N 175 
LEU CA  C    sing N N 176 
LEU CA  CB   sing N N 177 
LEU CA  HA   sing N N 178 
LEU C   O    doub N N 179 
LEU C   OXT  sing N N 180 
LEU CB  CG   sing N N 181 
LEU CB  HB2  sing N N 182 
LEU CB  HB3  sing N N 183 
LEU CG  CD1  sing N N 184 
LEU CG  CD2  sing N N 185 
LEU CG  HG   sing N N 186 
LEU CD1 HD11 sing N N 187 
LEU CD1 HD12 sing N N 188 
LEU CD1 HD13 sing N N 189 
LEU CD2 HD21 sing N N 190 
LEU CD2 HD22 sing N N 191 
LEU CD2 HD23 sing N N 192 
LEU OXT HXT  sing N N 193 
LYS N   CA   sing N N 194 
LYS N   H    sing N N 195 
LYS N   H2   sing N N 196 
LYS CA  C    sing N N 197 
LYS CA  CB   sing N N 198 
LYS CA  HA   sing N N 199 
LYS C   O    doub N N 200 
LYS C   OXT  sing N N 201 
LYS CB  CG   sing N N 202 
LYS CB  HB2  sing N N 203 
LYS CB  HB3  sing N N 204 
LYS CG  CD   sing N N 205 
LYS CG  HG2  sing N N 206 
LYS CG  HG3  sing N N 207 
LYS CD  CE   sing N N 208 
LYS CD  HD2  sing N N 209 
LYS CD  HD3  sing N N 210 
LYS CE  NZ   sing N N 211 
LYS CE  HE2  sing N N 212 
LYS CE  HE3  sing N N 213 
LYS NZ  HZ1  sing N N 214 
LYS NZ  HZ2  sing N N 215 
LYS NZ  HZ3  sing N N 216 
LYS OXT HXT  sing N N 217 
MET N   CA   sing N N 218 
MET N   H    sing N N 219 
MET N   H2   sing N N 220 
MET CA  C    sing N N 221 
MET CA  CB   sing N N 222 
MET CA  HA   sing N N 223 
MET C   O    doub N N 224 
MET C   OXT  sing N N 225 
MET CB  CG   sing N N 226 
MET CB  HB2  sing N N 227 
MET CB  HB3  sing N N 228 
MET CG  SD   sing N N 229 
MET CG  HG2  sing N N 230 
MET CG  HG3  sing N N 231 
MET SD  CE   sing N N 232 
MET CE  HE1  sing N N 233 
MET CE  HE2  sing N N 234 
MET CE  HE3  sing N N 235 
MET OXT HXT  sing N N 236 
MNB C6  C1   doub Y N 237 
MNB C6  C5   sing Y N 238 
MNB C6  HC6  sing N N 239 
MNB C1  C2   sing Y N 240 
MNB C1  C10  sing N N 241 
MNB C2  C3   doub Y N 242 
MNB C2  N7   sing N N 243 
MNB C3  C4   sing Y N 244 
MNB C3  HC3  sing N N 245 
MNB C4  C5   doub Y N 246 
MNB C4  HC4  sing N N 247 
MNB C5  S5   sing N N 248 
MNB S5  HS5  sing N N 249 
MNB C10 O12  sing N N 250 
MNB C10 O11  doub N N 251 
MNB O12 H12  sing N N 252 
MNB N7  O9   doub N N 253 
MNB N7  O8   sing N N 254 
PHE N   CA   sing N N 255 
PHE N   H    sing N N 256 
PHE N   H2   sing N N 257 
PHE CA  C    sing N N 258 
PHE CA  CB   sing N N 259 
PHE CA  HA   sing N N 260 
PHE C   O    doub N N 261 
PHE C   OXT  sing N N 262 
PHE CB  CG   sing N N 263 
PHE CB  HB2  sing N N 264 
PHE CB  HB3  sing N N 265 
PHE CG  CD1  doub Y N 266 
PHE CG  CD2  sing Y N 267 
PHE CD1 CE1  sing Y N 268 
PHE CD1 HD1  sing N N 269 
PHE CD2 CE2  doub Y N 270 
PHE CD2 HD2  sing N N 271 
PHE CE1 CZ   doub Y N 272 
PHE CE1 HE1  sing N N 273 
PHE CE2 CZ   sing Y N 274 
PHE CE2 HE2  sing N N 275 
PHE CZ  HZ   sing N N 276 
PHE OXT HXT  sing N N 277 
PRO N   CA   sing N N 278 
PRO N   CD   sing N N 279 
PRO N   H    sing N N 280 
PRO CA  C    sing N N 281 
PRO CA  CB   sing N N 282 
PRO CA  HA   sing N N 283 
PRO C   O    doub N N 284 
PRO C   OXT  sing N N 285 
PRO CB  CG   sing N N 286 
PRO CB  HB2  sing N N 287 
PRO CB  HB3  sing N N 288 
PRO CG  CD   sing N N 289 
PRO CG  HG2  sing N N 290 
PRO CG  HG3  sing N N 291 
PRO CD  HD2  sing N N 292 
PRO CD  HD3  sing N N 293 
PRO OXT HXT  sing N N 294 
SER N   CA   sing N N 295 
SER N   H    sing N N 296 
SER N   H2   sing N N 297 
SER CA  C    sing N N 298 
SER CA  CB   sing N N 299 
SER CA  HA   sing N N 300 
SER C   O    doub N N 301 
SER C   OXT  sing N N 302 
SER CB  OG   sing N N 303 
SER CB  HB2  sing N N 304 
SER CB  HB3  sing N N 305 
SER OG  HG   sing N N 306 
SER OXT HXT  sing N N 307 
SO4 S   O1   doub N N 308 
SO4 S   O2   doub N N 309 
SO4 S   O3   sing N N 310 
SO4 S   O4   sing N N 311 
THR N   CA   sing N N 312 
THR N   H    sing N N 313 
THR N   H2   sing N N 314 
THR CA  C    sing N N 315 
THR CA  CB   sing N N 316 
THR CA  HA   sing N N 317 
THR C   O    doub N N 318 
THR C   OXT  sing N N 319 
THR CB  OG1  sing N N 320 
THR CB  CG2  sing N N 321 
THR CB  HB   sing N N 322 
THR OG1 HG1  sing N N 323 
THR CG2 HG21 sing N N 324 
THR CG2 HG22 sing N N 325 
THR CG2 HG23 sing N N 326 
THR OXT HXT  sing N N 327 
TYR N   CA   sing N N 328 
TYR N   H    sing N N 329 
TYR N   H2   sing N N 330 
TYR CA  C    sing N N 331 
TYR CA  CB   sing N N 332 
TYR CA  HA   sing N N 333 
TYR C   O    doub N N 334 
TYR C   OXT  sing N N 335 
TYR CB  CG   sing N N 336 
TYR CB  HB2  sing N N 337 
TYR CB  HB3  sing N N 338 
TYR CG  CD1  doub Y N 339 
TYR CG  CD2  sing Y N 340 
TYR CD1 CE1  sing Y N 341 
TYR CD1 HD1  sing N N 342 
TYR CD2 CE2  doub Y N 343 
TYR CD2 HD2  sing N N 344 
TYR CE1 CZ   doub Y N 345 
TYR CE1 HE1  sing N N 346 
TYR CE2 CZ   sing Y N 347 
TYR CE2 HE2  sing N N 348 
TYR CZ  OH   sing N N 349 
TYR OH  HH   sing N N 350 
TYR OXT HXT  sing N N 351 
VAL N   CA   sing N N 352 
VAL N   H    sing N N 353 
VAL N   H2   sing N N 354 
VAL CA  C    sing N N 355 
VAL CA  CB   sing N N 356 
VAL CA  HA   sing N N 357 
VAL C   O    doub N N 358 
VAL C   OXT  sing N N 359 
VAL CB  CG1  sing N N 360 
VAL CB  CG2  sing N N 361 
VAL CB  HB   sing N N 362 
VAL CG1 HG11 sing N N 363 
VAL CG1 HG12 sing N N 364 
VAL CG1 HG13 sing N N 365 
VAL CG2 HG21 sing N N 366 
VAL CG2 HG22 sing N N 367 
VAL CG2 HG23 sing N N 368 
VAL OXT HXT  sing N N 369 
# 
_pdbx_initial_refinement_model.id               1 
_pdbx_initial_refinement_model.entity_id_list   ? 
_pdbx_initial_refinement_model.type             'experimental model' 
_pdbx_initial_refinement_model.source_name      PDB 
_pdbx_initial_refinement_model.accession_code   5W2X 
_pdbx_initial_refinement_model.details          ? 
# 
_atom_sites.entry_id                    5W2Z 
_atom_sites.fract_transf_matrix[1][1]   -0.00333623 
_atom_sites.fract_transf_matrix[1][2]   -0.00497744 
_atom_sites.fract_transf_matrix[1][3]   0.00230485 
_atom_sites.fract_transf_matrix[2][1]   0.00049576 
_atom_sites.fract_transf_matrix[2][2]   -0.00576270 
_atom_sites.fract_transf_matrix[2][3]   -0.00278602 
_atom_sites.fract_transf_matrix[3][1]   0.01502468 
_atom_sites.fract_transf_matrix[3][2]   -0.00451147 
_atom_sites.fract_transf_matrix[3][3]   0.01200526 
_atom_sites.fract_transf_vector[1]      -0.118096 
_atom_sites.fract_transf_vector[2]      -0.500727 
_atom_sites.fract_transf_vector[3]      0.322437 
# 
loop_
_atom_type.symbol 
C 
N 
O 
S 
# 
loop_
_atom_site.group_PDB 
_atom_site.id 
_atom_site.type_symbol 
_atom_site.label_atom_id 
_atom_site.label_alt_id 
_atom_site.label_comp_id 
_atom_site.label_asym_id 
_atom_site.label_entity_id 
_atom_site.label_seq_id 
_atom_site.pdbx_PDB_ins_code 
_atom_site.Cartn_x 
_atom_site.Cartn_y 
_atom_site.Cartn_z 
_atom_site.occupancy 
_atom_site.B_iso_or_equiv 
_atom_site.pdbx_formal_charge 
_atom_site.auth_seq_id 
_atom_site.auth_comp_id 
_atom_site.auth_asym_id 
_atom_site.auth_atom_id 
_atom_site.pdbx_PDB_model_num 
ATOM   1    N N   . MET A 1 1   ? -16.792 -57.181 35.365  1.00 95.78  ? 21  MET A N   1 
ATOM   2    C CA  . MET A 1 1   ? -15.599 -56.338 35.042  1.00 96.01  ? 21  MET A CA  1 
ATOM   3    C C   . MET A 1 1   ? -14.566 -57.146 34.224  1.00 84.96  ? 21  MET A C   1 
ATOM   4    O O   . MET A 1 1   ? -14.545 -58.349 34.290  1.00 85.80  ? 21  MET A O   1 
ATOM   5    C CB  . MET A 1 1   ? -15.038 -55.731 36.342  1.00 101.52 ? 21  MET A CB  1 
ATOM   6    C CG  . MET A 1 1   ? -13.800 -54.859 36.203  1.00 110.49 ? 21  MET A CG  1 
ATOM   7    S SD  . MET A 1 1   ? -12.253 -55.798 36.290  1.00 132.76 ? 21  MET A SD  1 
ATOM   8    C CE  . MET A 1 1   ? -12.152 -56.170 38.052  1.00 120.49 ? 21  MET A CE  1 
ATOM   9    N N   . LYS A 1 2   ? -13.739 -56.464 33.439  1.00 85.55  ? 22  LYS A N   1 
ATOM   10   C CA  . LYS A 1 2   ? -12.749 -57.068 32.540  1.00 79.58  ? 22  LYS A CA  1 
ATOM   11   C C   . LYS A 1 2   ? -11.664 -56.031 32.219  1.00 83.34  ? 22  LYS A C   1 
ATOM   12   O O   . LYS A 1 2   ? -11.906 -54.828 32.296  1.00 103.19 ? 22  LYS A O   1 
ATOM   13   C CB  . LYS A 1 2   ? -13.407 -57.534 31.250  1.00 76.06  ? 22  LYS A CB  1 
ATOM   14   C CG  . LYS A 1 2   ? -13.697 -59.002 31.211  1.00 87.58  ? 22  LYS A CG  1 
ATOM   15   C CD  . LYS A 1 2   ? -14.823 -59.288 30.232  1.00 108.56 ? 22  LYS A CD  1 
ATOM   16   C CE  . LYS A 1 2   ? -14.647 -60.599 29.454  1.00 116.47 ? 22  LYS A CE  1 
ATOM   17   N NZ  . LYS A 1 2   ? -14.355 -61.820 30.266  1.00 108.97 ? 22  LYS A NZ  1 
ATOM   18   N N   . GLU A 1 3   ? -10.485 -56.497 31.831  1.00 81.03  ? 23  GLU A N   1 
ATOM   19   C CA  . GLU A 1 3   ? -9.306  -55.644 31.718  1.00 80.34  ? 23  GLU A CA  1 
ATOM   20   C C   . GLU A 1 3   ? -8.869  -55.502 30.279  1.00 79.45  ? 23  GLU A C   1 
ATOM   21   O O   . GLU A 1 3   ? -8.830  -56.486 29.531  1.00 83.19  ? 23  GLU A O   1 
ATOM   22   C CB  . GLU A 1 3   ? -8.155  -56.206 32.546  1.00 83.45  ? 23  GLU A CB  1 
ATOM   23   C CG  . GLU A 1 3   ? -8.494  -56.407 34.015  1.00 94.41  ? 23  GLU A CG  1 
ATOM   24   C CD  . GLU A 1 3   ? -7.280  -56.738 34.862  1.00 102.10 ? 23  GLU A CD  1 
ATOM   25   O OE1 . GLU A 1 3   ? -7.478  -57.280 35.978  1.00 100.85 ? 23  GLU A OE1 1 
ATOM   26   O OE2 . GLU A 1 3   ? -6.138  -56.452 34.415  1.00 102.13 ? 23  GLU A OE2 1 
ATOM   27   N N   . TYR A 1 4   ? -8.548  -54.274 29.883  1.00 72.69  ? 24  TYR A N   1 
ATOM   28   C CA  . TYR A 1 4   ? -8.150  -54.023 28.496  1.00 73.61  ? 24  TYR A CA  1 
ATOM   29   C C   . TYR A 1 4   ? -6.769  -53.375 28.407  1.00 71.42  ? 24  TYR A C   1 
ATOM   30   O O   . TYR A 1 4   ? -6.278  -52.851 29.400  1.00 68.97  ? 24  TYR A O   1 
ATOM   31   C CB  . TYR A 1 4   ? -9.194  -53.178 27.774  1.00 66.69  ? 24  TYR A CB  1 
ATOM   32   C CG  . TYR A 1 4   ? -10.603 -53.754 27.746  1.00 66.41  ? 24  TYR A CG  1 
ATOM   33   C CD1 . TYR A 1 4   ? -11.388 -53.899 28.944  1.00 60.19  ? 24  TYR A CD1 1 
ATOM   34   C CD2 . TYR A 1 4   ? -11.190 -54.103 26.514  1.00 65.24  ? 24  TYR A CD2 1 
ATOM   35   C CE1 . TYR A 1 4   ? -12.693 -54.410 28.904  1.00 60.30  ? 24  TYR A CE1 1 
ATOM   36   C CE2 . TYR A 1 4   ? -12.505 -54.603 26.460  1.00 70.39  ? 24  TYR A CE2 1 
ATOM   37   C CZ  . TYR A 1 4   ? -13.251 -54.760 27.646  1.00 66.83  ? 24  TYR A CZ  1 
ATOM   38   O OH  . TYR A 1 4   ? -14.541 -55.247 27.530  1.00 69.95  ? 24  TYR A OH  1 
ATOM   39   N N   . THR A 1 5   ? -6.147  -53.456 27.232  1.00 66.70  ? 25  THR A N   1 
ATOM   40   C CA  . THR A 1 5   ? -4.877  -52.805 26.952  1.00 79.21  ? 25  THR A CA  1 
ATOM   41   C C   . THR A 1 5   ? -5.132  -51.988 25.710  1.00 76.69  ? 25  THR A C   1 
ATOM   42   O O   . THR A 1 5   ? -5.694  -52.495 24.734  1.00 82.26  ? 25  THR A O   1 
ATOM   43   C CB  . THR A 1 5   ? -3.707  -53.815 26.692  1.00 85.75  ? 25  THR A CB  1 
ATOM   44   O OG1 . THR A 1 5   ? -3.565  -54.708 27.803  1.00 91.09  ? 25  THR A OG1 1 
ATOM   45   C CG2 . THR A 1 5   ? -2.349  -53.087 26.485  1.00 88.77  ? 25  THR A CG2 1 
ATOM   46   N N   . LEU A 1 6   ? -4.714  -50.730 25.738  1.00 76.12  ? 26  LEU A N   1 
ATOM   47   C CA  . LEU A 1 6   ? -4.869  -49.847 24.582  1.00 79.87  ? 26  LEU A CA  1 
ATOM   48   C C   . LEU A 1 6   ? -4.158  -50.422 23.380  1.00 81.00  ? 26  LEU A C   1 
ATOM   49   O O   . LEU A 1 6   ? -3.122  -51.054 23.520  1.00 91.79  ? 26  LEU A O   1 
ATOM   50   C CB  . LEU A 1 6   ? -4.266  -48.475 24.859  1.00 77.76  ? 26  LEU A CB  1 
ATOM   51   C CG  . LEU A 1 6   ? -4.578  -47.744 26.145  1.00 78.07  ? 26  LEU A CG  1 
ATOM   52   C CD1 . LEU A 1 6   ? -3.591  -48.127 27.244  1.00 93.00  ? 26  LEU A CD1 1 
ATOM   53   C CD2 . LEU A 1 6   ? -4.440  -46.294 25.783  1.00 76.59  ? 26  LEU A CD2 1 
ATOM   54   N N   . ASP A 1 7   ? -4.734  -50.225 22.208  1.00 84.43  ? 27  ASP A N   1 
ATOM   55   C CA  . ASP A 1 7   ? -4.033  -50.455 20.955  1.00 82.95  ? 27  ASP A CA  1 
ATOM   56   C C   . ASP A 1 7   ? -3.494  -49.074 20.565  1.00 81.20  ? 27  ASP A C   1 
ATOM   57   O O   . ASP A 1 7   ? -4.170  -48.295 19.884  1.00 82.27  ? 27  ASP A O   1 
ATOM   58   C CB  . ASP A 1 7   ? -4.987  -51.086 19.903  1.00 89.76  ? 27  ASP A CB  1 
ATOM   59   C CG  . ASP A 1 7   ? -4.438  -51.052 18.444  1.00 102.80 ? 27  ASP A CG  1 
ATOM   60   O OD1 . ASP A 1 7   ? -3.196  -50.934 18.223  1.00 99.55  ? 27  ASP A OD1 1 
ATOM   61   O OD2 . ASP A 1 7   ? -5.285  -51.153 17.510  1.00 100.64 ? 27  ASP A OD2 1 
ATOM   62   N N   . LYS A 1 8   ? -2.280  -48.769 21.028  1.00 80.84  ? 28  LYS A N   1 
ATOM   63   C CA  . LYS A 1 8   ? -1.591  -47.510 20.698  1.00 76.31  ? 28  LYS A CA  1 
ATOM   64   C C   . LYS A 1 8   ? -1.670  -47.115 19.193  1.00 77.53  ? 28  LYS A C   1 
ATOM   65   O O   . LYS A 1 8   ? -1.693  -45.920 18.861  1.00 77.65  ? 28  LYS A O   1 
ATOM   66   C CB  . LYS A 1 8   ? -0.139  -47.524 21.210  1.00 77.91  ? 28  LYS A CB  1 
ATOM   67   C CG  . LYS A 1 8   ? 0.041   -47.492 22.738  1.00 81.45  ? 28  LYS A CG  1 
ATOM   68   C CD  . LYS A 1 8   ? 1.218   -46.594 23.128  1.00 95.02  ? 28  LYS A CD  1 
ATOM   69   C CE  . LYS A 1 8   ? 2.207   -47.248 24.086  1.00 97.35  ? 28  LYS A CE  1 
ATOM   70   N NZ  . LYS A 1 8   ? 1.750   -47.151 25.495  1.00 88.90  ? 28  LYS A NZ  1 
ATOM   71   N N   . ALA A 1 9   ? -1.761  -48.109 18.305  1.00 82.48  ? 29  ALA A N   1 
ATOM   72   C CA  . ALA A 1 9   ? -1.898  -47.885 16.849  1.00 81.44  ? 29  ALA A CA  1 
ATOM   73   C C   . ALA A 1 9   ? -3.196  -47.171 16.407  1.00 81.38  ? 29  ALA A C   1 
ATOM   74   O O   . ALA A 1 9   ? -3.195  -46.461 15.410  1.00 79.38  ? 29  ALA A O   1 
ATOM   75   C CB  . ALA A 1 9   ? -1.732  -49.203 16.102  1.00 78.72  ? 29  ALA A CB  1 
ATOM   76   N N   . HIS A 1 10  ? -4.293  -47.369 17.141  1.00 85.65  ? 30  HIS A N   1 
ATOM   77   C CA  . HIS A 1 10  ? -5.593  -46.756 16.811  1.00 91.67  ? 30  HIS A CA  1 
ATOM   78   C C   . HIS A 1 10  ? -6.167  -45.963 18.000  1.00 89.19  ? 30  HIS A C   1 
ATOM   79   O O   . HIS A 1 10  ? -7.390  -45.873 18.207  1.00 84.13  ? 30  HIS A O   1 
ATOM   80   C CB  . HIS A 1 10  ? -6.571  -47.829 16.308  1.00 105.20 ? 30  HIS A CB  1 
ATOM   81   C CG  . HIS A 1 10  ? -6.122  -48.504 15.050  1.00 112.33 ? 30  HIS A CG  1 
ATOM   82   N ND1 . HIS A 1 10  ? -5.414  -49.690 15.053  1.00 103.24 ? 30  HIS A ND1 1 
ATOM   83   C CD2 . HIS A 1 10  ? -6.266  -48.148 13.750  1.00 114.71 ? 30  HIS A CD2 1 
ATOM   84   C CE1 . HIS A 1 10  ? -5.149  -50.041 13.807  1.00 110.16 ? 30  HIS A CE1 1 
ATOM   85   N NE2 . HIS A 1 10  ? -5.658  -49.126 12.998  1.00 119.26 ? 30  HIS A NE2 1 
ATOM   86   N N   . THR A 1 11  ? -5.251  -45.403 18.783  1.00 86.80  ? 31  THR A N   1 
ATOM   87   C CA  . THR A 1 11  ? -5.559  -44.551 19.921  1.00 77.89  ? 31  THR A CA  1 
ATOM   88   C C   . THR A 1 11  ? -4.839  -43.228 19.723  1.00 75.98  ? 31  THR A C   1 
ATOM   89   O O   . THR A 1 11  ? -3.691  -43.179 19.300  1.00 92.15  ? 31  THR A O   1 
ATOM   90   C CB  . THR A 1 11  ? -5.185  -45.224 21.267  1.00 74.76  ? 31  THR A CB  1 
ATOM   91   O OG1 . THR A 1 11  ? -6.060  -46.335 21.510  1.00 71.75  ? 31  THR A OG1 1 
ATOM   92   C CG2 . THR A 1 11  ? -5.304  -44.256 22.441  1.00 71.96  ? 31  THR A CG2 1 
ATOM   93   N N   . ASP A 1 12  ? -5.549  -42.160 20.024  1.00 80.16  ? 32  ASP A N   1 
ATOM   94   C CA  . ASP A 1 12  ? -5.058  -40.827 19.858  1.00 84.76  ? 32  ASP A CA  1 
ATOM   95   C C   . ASP A 1 12  ? -5.375  -40.007 21.145  1.00 81.92  ? 32  ASP A C   1 
ATOM   96   O O   . ASP A 1 12  ? -6.545  -39.741 21.440  1.00 78.84  ? 32  ASP A O   1 
ATOM   97   C CB  . ASP A 1 12  ? -5.725  -40.260 18.607  1.00 90.87  ? 32  ASP A CB  1 
ATOM   98   C CG  . ASP A 1 12  ? -4.999  -39.073 18.055  1.00 118.63 ? 32  ASP A CG  1 
ATOM   99   O OD1 . ASP A 1 12  ? -4.030  -39.316 17.311  1.00 137.70 ? 32  ASP A OD1 1 
ATOM   100  O OD2 . ASP A 1 12  ? -5.390  -37.907 18.353  1.00 124.54 ? 32  ASP A OD2 1 
ATOM   101  N N   . VAL A 1 13  ? -4.358  -39.647 21.936  1.00 73.30  ? 33  VAL A N   1 
ATOM   102  C CA  . VAL A 1 13  ? -4.601  -38.861 23.163  1.00 67.57  ? 33  VAL A CA  1 
ATOM   103  C C   . VAL A 1 13  ? -4.485  -37.400 22.763  1.00 72.47  ? 33  VAL A C   1 
ATOM   104  O O   . VAL A 1 13  ? -3.392  -36.844 22.787  1.00 84.13  ? 33  VAL A O   1 
ATOM   105  C CB  . VAL A 1 13  ? -3.622  -39.250 24.304  1.00 64.71  ? 33  VAL A CB  1 
ATOM   106  C CG1 . VAL A 1 13  ? -3.863  -38.456 25.576  1.00 55.87  ? 33  VAL A CG1 1 
ATOM   107  C CG2 . VAL A 1 13  ? -3.729  -40.734 24.609  1.00 62.05  ? 33  VAL A CG2 1 
ATOM   108  N N   . GLY A 1 14  ? -5.610  -36.792 22.374  1.00 78.95  ? 34  GLY A N   1 
ATOM   109  C CA  . GLY A 1 14  ? -5.608  -35.514 21.634  1.00 73.31  ? 34  GLY A CA  1 
ATOM   110  C C   . GLY A 1 14  ? -6.226  -34.305 22.317  1.00 76.06  ? 34  GLY A C   1 
ATOM   111  O O   . GLY A 1 14  ? -7.029  -34.441 23.245  1.00 79.46  ? 34  GLY A O   1 
ATOM   112  N N   . PHE A 1 15  ? -5.845  -33.117 21.836  1.00 77.08  ? 35  PHE A N   1 
ATOM   113  C CA  . PHE A 1 15  ? -6.327  -31.812 22.338  1.00 69.99  ? 35  PHE A CA  1 
ATOM   114  C C   . PHE A 1 15  ? -6.333  -30.769 21.220  1.00 72.43  ? 35  PHE A C   1 
ATOM   115  O O   . PHE A 1 15  ? -5.591  -30.905 20.245  1.00 69.22  ? 35  PHE A O   1 
ATOM   116  C CB  . PHE A 1 15  ? -5.458  -31.306 23.491  1.00 71.26  ? 35  PHE A CB  1 
ATOM   117  C CG  . PHE A 1 15  ? -4.026  -31.085 23.109  1.00 76.48  ? 35  PHE A CG  1 
ATOM   118  C CD1 . PHE A 1 15  ? -3.102  -32.122 23.181  1.00 79.60  ? 35  PHE A CD1 1 
ATOM   119  C CD2 . PHE A 1 15  ? -3.598  -29.842 22.658  1.00 82.50  ? 35  PHE A CD2 1 
ATOM   120  C CE1 . PHE A 1 15  ? -1.784  -31.928 22.808  1.00 82.65  ? 35  PHE A CE1 1 
ATOM   121  C CE2 . PHE A 1 15  ? -2.278  -29.642 22.286  1.00 84.20  ? 35  PHE A CE2 1 
ATOM   122  C CZ  . PHE A 1 15  ? -1.371  -30.685 22.359  1.00 81.70  ? 35  PHE A CZ  1 
ATOM   123  N N   . LYS A 1 16  ? -7.174  -29.740 21.383  1.00 73.01  ? 36  LYS A N   1 
ATOM   124  C CA  . LYS A 1 16  ? -7.307  -28.606 20.472  1.00 67.16  ? 36  LYS A CA  1 
ATOM   125  C C   . LYS A 1 16  ? -7.335  -27.396 21.359  1.00 67.36  ? 36  LYS A C   1 
ATOM   126  O O   . LYS A 1 16  ? -8.046  -27.390 22.380  1.00 68.52  ? 36  LYS A O   1 
ATOM   127  C CB  . LYS A 1 16  ? -8.607  -28.655 19.674  1.00 75.33  ? 36  LYS A CB  1 
ATOM   128  C CG  . LYS A 1 16  ? -8.457  -29.233 18.280  1.00 91.73  ? 36  LYS A CG  1 
ATOM   129  C CD  . LYS A 1 16  ? -9.774  -29.158 17.509  1.00 114.84 ? 36  LYS A CD  1 
ATOM   130  C CE  . LYS A 1 16  ? -9.653  -29.790 16.119  1.00 132.43 ? 36  LYS A CE  1 
ATOM   131  N NZ  . LYS A 1 16  ? -10.976 -30.063 15.480  1.00 130.02 ? 36  LYS A NZ  1 
ATOM   132  N N   . ILE A 1 17  ? -6.540  -26.389 20.995  1.00 60.21  ? 37  ILE A N   1 
ATOM   133  C CA  . ILE A 1 17  ? -6.560  -25.097 21.693  1.00 60.87  ? 37  ILE A CA  1 
ATOM   134  C C   . ILE A 1 17  ? -6.474  -23.942 20.697  1.00 67.85  ? 37  ILE A C   1 
ATOM   135  O O   . ILE A 1 17  ? -5.719  -24.009 19.699  1.00 66.07  ? 37  ILE A O   1 
ATOM   136  C CB  . ILE A 1 17  ? -5.484  -24.988 22.812  1.00 59.44  ? 37  ILE A CB  1 
ATOM   137  C CG1 . ILE A 1 17  ? -5.703  -23.713 23.612  1.00 55.43  ? 37  ILE A CG1 1 
ATOM   138  C CG2 . ILE A 1 17  ? -4.048  -25.128 22.276  1.00 60.18  ? 37  ILE A CG2 1 
ATOM   139  C CD1 . ILE A 1 17  ? -4.859  -23.643 24.838  1.00 57.07  ? 37  ILE A CD1 1 
ATOM   140  N N   . LYS A 1 18  ? -7.259  -22.899 20.963  1.00 71.28  ? 38  LYS A N   1 
ATOM   141  C CA  . LYS A 1 18  ? -7.357  -21.790 20.020  1.00 75.87  ? 38  LYS A CA  1 
ATOM   142  C C   . LYS A 1 18  ? -6.280  -20.741 20.310  1.00 76.35  ? 38  LYS A C   1 
ATOM   143  O O   . LYS A 1 18  ? -6.149  -20.301 21.469  1.00 75.06  ? 38  LYS A O   1 
ATOM   144  C CB  . LYS A 1 18  ? -8.768  -21.184 20.057  1.00 77.18  ? 38  LYS A CB  1 
ATOM   145  C CG  . LYS A 1 18  ? -9.713  -21.801 19.047  1.00 82.40  ? 38  LYS A CG  1 
ATOM   146  C CD  . LYS A 1 18  ? -11.155 -21.426 19.346  1.00 98.23  ? 38  LYS A CD  1 
ATOM   147  C CE  . LYS A 1 18  ? -12.114 -22.266 18.503  1.00 106.72 ? 38  LYS A CE  1 
ATOM   148  N NZ  . LYS A 1 18  ? -13.496 -21.705 18.541  1.00 120.70 ? 38  LYS A NZ  1 
ATOM   149  N N   . HIS A 1 19  ? -5.498  -20.372 19.284  1.00 71.36  ? 39  HIS A N   1 
ATOM   150  C CA  . HIS A 1 19  ? -4.621  -19.191 19.386  1.00 75.91  ? 39  HIS A CA  1 
ATOM   151  C C   . HIS A 1 19  ? -4.658  -18.180 18.222  1.00 82.10  ? 39  HIS A C   1 
ATOM   152  O O   . HIS A 1 19  ? -4.984  -18.521 17.071  1.00 75.99  ? 39  HIS A O   1 
ATOM   153  C CB  . HIS A 1 19  ? -3.184  -19.559 19.794  1.00 76.53  ? 39  HIS A CB  1 
ATOM   154  C CG  . HIS A 1 19  ? -2.260  -19.878 18.659  1.00 84.97  ? 39  HIS A CG  1 
ATOM   155  N ND1 . HIS A 1 19  ? -2.658  -20.575 17.531  1.00 81.81  ? 39  HIS A ND1 1 
ATOM   156  C CD2 . HIS A 1 19  ? -0.933  -19.631 18.505  1.00 91.35  ? 39  HIS A CD2 1 
ATOM   157  C CE1 . HIS A 1 19  ? -1.622  -20.724 16.721  1.00 81.90  ? 39  HIS A CE1 1 
ATOM   158  N NE2 . HIS A 1 19  ? -0.564  -20.162 17.290  1.00 95.43  ? 39  HIS A NE2 1 
ATOM   159  N N   . LEU A 1 20  ? -4.326  -16.935 18.578  1.00 77.89  ? 40  LEU A N   1 
ATOM   160  C CA  . LEU A 1 20  ? -4.215  -15.824 17.653  1.00 73.44  ? 40  LEU A CA  1 
ATOM   161  C C   . LEU A 1 20  ? -2.826  -15.721 17.079  1.00 73.99  ? 40  LEU A C   1 
ATOM   162  O O   . LEU A 1 20  ? -1.858  -16.053 17.751  1.00 85.66  ? 40  LEU A O   1 
ATOM   163  C CB  . LEU A 1 20  ? -4.548  -14.533 18.365  1.00 64.23  ? 40  LEU A CB  1 
ATOM   164  C CG  . LEU A 1 20  ? -6.016  -14.396 18.754  1.00 70.17  ? 40  LEU A CG  1 
ATOM   165  C CD1 . LEU A 1 20  ? -6.230  -13.052 19.442  1.00 62.04  ? 40  LEU A CD1 1 
ATOM   166  C CD2 . LEU A 1 20  ? -6.966  -14.585 17.561  1.00 70.54  ? 40  LEU A CD2 1 
ATOM   167  N N   . GLN A 1 21  ? -2.753  -15.281 15.824  1.00 80.47  ? 41  GLN A N   1 
ATOM   168  C CA  . GLN A 1 21  ? -1.499  -14.973 15.138  1.00 83.08  ? 41  GLN A CA  1 
ATOM   169  C C   . GLN A 1 21  ? -1.608  -13.684 14.335  1.00 87.49  ? 41  GLN A C   1 
ATOM   170  O O   . GLN A 1 21  ? -2.512  -13.525 13.500  1.00 92.62  ? 41  GLN A O   1 
ATOM   171  C CB  . GLN A 1 21  ? -1.098  -16.105 14.214  1.00 78.78  ? 41  GLN A CB  1 
ATOM   172  C CG  . GLN A 1 21  ? -0.601  -17.316 14.958  1.00 90.29  ? 41  GLN A CG  1 
ATOM   173  C CD  . GLN A 1 21  ? 0.063   -18.323 14.048  1.00 102.85 ? 41  GLN A CD  1 
ATOM   174  O OE1 . GLN A 1 21  ? -0.596  -18.967 13.227  1.00 101.25 ? 41  GLN A OE1 1 
ATOM   175  N NE2 . GLN A 1 21  ? 1.381   -18.478 14.197  1.00 112.89 ? 41  GLN A NE2 1 
ATOM   176  N N   . ILE A 1 22  ? -0.678  -12.771 14.603  1.00 87.90  ? 42  ILE A N   1 
ATOM   177  C CA  . ILE A 1 22  ? -0.542  -11.506 13.868  1.00 82.04  ? 42  ILE A CA  1 
ATOM   178  C C   . ILE A 1 22  ? 0.336   -11.705 12.625  1.00 82.15  ? 42  ILE A C   1 
ATOM   179  O O   . ILE A 1 22  ? 1.368   -12.357 12.696  1.00 87.74  ? 42  ILE A O   1 
ATOM   180  C CB  . ILE A 1 22  ? 0.010   -10.396 14.791  1.00 75.58  ? 42  ILE A CB  1 
ATOM   181  C CG1 . ILE A 1 22  ? -0.161  -9.009  14.151  1.00 72.64  ? 42  ILE A CG1 1 
ATOM   182  C CG2 . ILE A 1 22  ? 1.435   -10.717 15.254  1.00 73.22  ? 42  ILE A CG2 1 
ATOM   183  C CD1 . ILE A 1 22  ? -0.225  -7.842  15.137  1.00 65.57  ? 42  ILE A CD1 1 
ATOM   184  N N   . SER A 1 23  ? -0.109  -11.190 11.482  1.00 93.62  ? 43  SER A N   1 
ATOM   185  C CA  . SER A 1 23  ? 0.699   -11.199 10.250  1.00 91.35  ? 43  SER A CA  1 
ATOM   186  C C   . SER A 1 23  ? 0.446   -9.935  9.411   1.00 95.98  ? 43  SER A C   1 
ATOM   187  O O   . SER A 1 23  ? -0.635  -9.329  9.481   1.00 90.95  ? 43  SER A O   1 
ATOM   188  C CB  . SER A 1 23  ? 0.475   -12.484 9.440   1.00 82.68  ? 43  SER A CB  1 
ATOM   189  O OG  . SER A 1 23  ? -0.866  -12.583 9.003   1.00 90.15  ? 43  SER A OG  1 
ATOM   190  N N   . ASN A 1 24  ? 1.472   -9.521  8.664   1.00 104.74 ? 44  ASN A N   1 
ATOM   191  C CA  . ASN A 1 24  ? 1.369   -8.431  7.687   1.00 97.33  ? 44  ASN A CA  1 
ATOM   192  C C   . ASN A 1 24  ? 0.704   -8.961  6.428   1.00 83.60  ? 44  ASN A C   1 
ATOM   193  O O   . ASN A 1 24  ? 1.204   -9.928  5.851   1.00 89.36  ? 44  ASN A O   1 
ATOM   194  C CB  . ASN A 1 24  ? 2.772   -7.949  7.277   1.00 107.72 ? 44  ASN A CB  1 
ATOM   195  C CG  . ASN A 1 24  ? 3.432   -7.070  8.312   1.00 116.55 ? 44  ASN A CG  1 
ATOM   196  O OD1 . ASN A 1 24  ? 2.828   -6.127  8.832   1.00 114.87 ? 44  ASN A OD1 1 
ATOM   197  N ND2 . ASN A 1 24  ? 4.705   -7.359  8.596   1.00 136.59 ? 44  ASN A ND2 1 
ATOM   198  N N   . VAL A 1 25  ? -0.397  -8.347  5.991   1.00 73.13  ? 45  VAL A N   1 
ATOM   199  C CA  . VAL A 1 25  ? -0.787  -8.457  4.577   1.00 76.73  ? 45  VAL A CA  1 
ATOM   200  C C   . VAL A 1 25  ? 0.034   -7.429  3.783   1.00 82.83  ? 45  VAL A C   1 
ATOM   201  O O   . VAL A 1 25  ? -0.054  -6.210  4.051   1.00 85.83  ? 45  VAL A O   1 
ATOM   202  C CB  . VAL A 1 25  ? -2.275  -8.179  4.320   1.00 78.99  ? 45  VAL A CB  1 
ATOM   203  C CG1 . VAL A 1 25  ? -2.623  -8.465  2.861   1.00 79.08  ? 45  VAL A CG1 1 
ATOM   204  C CG2 . VAL A 1 25  ? -3.130  -9.035  5.214   1.00 79.76  ? 45  VAL A CG2 1 
ATOM   205  N N   . LYS A 1 26  ? 0.848   -7.928  2.849   1.00 71.47  ? 46  LYS A N   1 
ATOM   206  C CA  . LYS A 1 26  ? 1.559   -7.094  1.865   1.00 74.51  ? 46  LYS A CA  1 
ATOM   207  C C   . LYS A 1 26  ? 0.747   -7.144  0.544   1.00 79.90  ? 46  LYS A C   1 
ATOM   208  O O   . LYS A 1 26  ? 0.070   -8.142  0.250   1.00 88.05  ? 46  LYS A O   1 
ATOM   209  C CB  . LYS A 1 26  ? 3.045   -7.516  1.691   1.00 58.87  ? 46  LYS A CB  1 
ATOM   210  N N   . GLY A 1 27  ? 0.769   -6.052  -0.213  1.00 84.86  ? 47  GLY A N   1 
ATOM   211  C CA  . GLY A 1 27  ? -0.020  -5.931  -1.432  1.00 78.08  ? 47  GLY A CA  1 
ATOM   212  C C   . GLY A 1 27  ? 0.467   -4.786  -2.266  1.00 81.17  ? 47  GLY A C   1 
ATOM   213  O O   . GLY A 1 27  ? 1.214   -3.926  -1.780  1.00 90.64  ? 47  GLY A O   1 
ATOM   214  N N   . CYS A 1 28  ? 0.072   -4.793  -3.535  1.00 83.55  ? 48  CYS A N   1 
ATOM   215  C CA  . CYS A 1 28  ? 0.347   -3.691  -4.478  1.00 85.99  ? 48  CYS A CA  1 
ATOM   216  C C   . CYS A 1 28  ? -0.779  -3.574  -5.493  1.00 85.37  ? 48  CYS A C   1 
ATOM   217  O O   . CYS A 1 28  ? -1.788  -4.290  -5.406  1.00 92.63  ? 48  CYS A O   1 
ATOM   218  C CB  . CYS A 1 28  ? 1.640   -3.940  -5.233  1.00 82.28  ? 48  CYS A CB  1 
ATOM   219  S SG  . CYS A 1 28  ? 1.449   -5.372  -6.299  1.00 97.79  ? 48  CYS A SG  1 
ATOM   220  N N   . PHE A 1 29  ? -0.599  -2.692  -6.469  1.00 76.52  ? 49  PHE A N   1 
ATOM   221  C CA  . PHE A 1 29  ? -1.564  -2.594  -7.552  1.00 74.97  ? 49  PHE A CA  1 
ATOM   222  C C   . PHE A 1 29  ? -0.837  -2.756  -8.871  1.00 82.82  ? 49  PHE A C   1 
ATOM   223  O O   . PHE A 1 29  ? 0.196   -2.101  -9.089  1.00 84.98  ? 49  PHE A O   1 
ATOM   224  C CB  . PHE A 1 29  ? -2.325  -1.274  -7.484  1.00 66.82  ? 49  PHE A CB  1 
ATOM   225  C CG  . PHE A 1 29  ? -3.077  -1.062  -6.187  1.00 69.47  ? 49  PHE A CG  1 
ATOM   226  C CD1 . PHE A 1 29  ? -2.428  -0.561  -5.047  1.00 67.87  ? 49  PHE A CD1 1 
ATOM   227  C CD2 . PHE A 1 29  ? -4.442  -1.341  -6.098  1.00 64.75  ? 49  PHE A CD2 1 
ATOM   228  C CE1 . PHE A 1 29  ? -3.121  -0.358  -3.856  1.00 64.32  ? 49  PHE A CE1 1 
ATOM   229  C CE2 . PHE A 1 29  ? -5.130  -1.131  -4.905  1.00 61.23  ? 49  PHE A CE2 1 
ATOM   230  C CZ  . PHE A 1 29  ? -4.471  -0.642  -3.789  1.00 63.09  ? 49  PHE A CZ  1 
ATOM   231  N N   . LYS A 1 30  ? -1.362  -3.654  -9.717  1.00 84.30  ? 50  LYS A N   1 
ATOM   232  C CA  . LYS A 1 30  ? -0.780  -3.962  -11.028 1.00 89.35  ? 50  LYS A CA  1 
ATOM   233  C C   . LYS A 1 30  ? -1.044  -2.840  -12.058 1.00 94.96  ? 50  LYS A C   1 
ATOM   234  O O   . LYS A 1 30  ? -0.239  -2.626  -12.974 1.00 98.07  ? 50  LYS A O   1 
ATOM   235  C CB  . LYS A 1 30  ? -1.248  -5.337  -11.535 1.00 82.19  ? 50  LYS A CB  1 
ATOM   236  N N   . ASP A 1 31  ? -2.126  -2.087  -11.870 1.00 89.57  ? 51  ASP A N   1 
ATOM   237  C CA  . ASP A 1 31  ? -2.550  -1.100  -12.860 1.00 94.64  ? 51  ASP A CA  1 
ATOM   238  C C   . ASP A 1 31  ? -2.823  0.303   -12.259 1.00 84.30  ? 51  ASP A C   1 
ATOM   239  O O   . ASP A 1 31  ? -3.782  0.493   -11.495 1.00 83.20  ? 51  ASP A O   1 
ATOM   240  C CB  . ASP A 1 31  ? -3.753  -1.687  -13.636 1.00 108.64 ? 51  ASP A CB  1 
ATOM   241  C CG  . ASP A 1 31  ? -4.360  -0.726  -14.645 1.00 122.71 ? 51  ASP A CG  1 
ATOM   242  O OD1 . ASP A 1 31  ? -3.652  0.167   -15.171 1.00 134.09 ? 51  ASP A OD1 1 
ATOM   243  O OD2 . ASP A 1 31  ? -5.569  -0.886  -14.919 1.00 129.71 ? 51  ASP A OD2 1 
ATOM   244  N N   . TYR A 1 32  ? -1.976  1.267   -12.630 1.00 70.66  ? 52  TYR A N   1 
ATOM   245  C CA  . TYR A 1 32  ? -1.996  2.653   -12.100 1.00 69.33  ? 52  TYR A CA  1 
ATOM   246  C C   . TYR A 1 32  ? -1.372  3.529   -13.152 1.00 71.21  ? 52  TYR A C   1 
ATOM   247  O O   . TYR A 1 32  ? -0.659  3.036   -14.029 1.00 78.60  ? 52  TYR A O   1 
ATOM   248  C CB  . TYR A 1 32  ? -1.127  2.786   -10.820 1.00 72.79  ? 52  TYR A CB  1 
ATOM   249  C CG  . TYR A 1 32  ? 0.264   2.137   -10.957 1.00 69.66  ? 52  TYR A CG  1 
ATOM   250  C CD1 . TYR A 1 32  ? 0.426   0.756   -10.771 1.00 72.26  ? 52  TYR A CD1 1 
ATOM   251  C CD2 . TYR A 1 32  ? 1.400   2.882   -11.306 1.00 63.83  ? 52  TYR A CD2 1 
ATOM   252  C CE1 . TYR A 1 32  ? 1.660   0.137   -10.918 1.00 76.61  ? 52  TYR A CE1 1 
ATOM   253  C CE2 . TYR A 1 32  ? 2.642   2.255   -11.464 1.00 67.98  ? 52  TYR A CE2 1 
ATOM   254  C CZ  . TYR A 1 32  ? 2.759   0.881   -11.264 1.00 71.75  ? 52  TYR A CZ  1 
ATOM   255  O OH  . TYR A 1 32  ? 3.948   0.202   -11.391 1.00 77.28  ? 52  TYR A OH  1 
ATOM   256  N N   . SER A 1 33  ? -1.587  4.828   -13.061 1.00 71.52  ? 53  SER A N   1 
ATOM   257  C CA  . SER A 1 33  ? -0.839  5.758   -13.905 1.00 81.20  ? 53  SER A CA  1 
ATOM   258  C C   . SER A 1 33  ? -0.332  6.952   -13.087 1.00 86.70  ? 53  SER A C   1 
ATOM   259  O O   . SER A 1 33  ? -0.908  7.287   -12.033 1.00 88.01  ? 53  SER A O   1 
ATOM   260  C CB  . SER A 1 33  ? -1.704  6.244   -15.065 1.00 81.24  ? 53  SER A CB  1 
ATOM   261  O OG  . SER A 1 33  ? -2.545  7.296   -14.641 1.00 92.69  ? 53  SER A OG  1 
ATOM   262  N N   . ALA A 1 34  ? 0.734   7.596   -13.566 1.00 83.77  ? 54  ALA A N   1 
ATOM   263  C CA  . ALA A 1 34  ? 1.267   8.767   -12.880 1.00 79.44  ? 54  ALA A CA  1 
ATOM   264  C C   . ALA A 1 34  ? 1.862   9.779   -13.813 1.00 73.69  ? 54  ALA A C   1 
ATOM   265  O O   . ALA A 1 34  ? 2.388   9.418   -14.872 1.00 81.30  ? 54  ALA A O   1 
ATOM   266  C CB  . ALA A 1 34  ? 2.307   8.362   -11.831 1.00 83.04  ? 54  ALA A CB  1 
ATOM   267  N N   . VAL A 1 35  ? 1.791   11.030  -13.364 1.00 66.31  ? 55  VAL A N   1 
ATOM   268  C CA  . VAL A 1 35  ? 2.473   12.189  -13.939 1.00 69.19  ? 55  VAL A CA  1 
ATOM   269  C C   . VAL A 1 35  ? 3.559   12.687  -12.970 1.00 70.35  ? 55  VAL A C   1 
ATOM   270  O O   . VAL A 1 35  ? 3.268   13.104  -11.844 1.00 75.40  ? 55  VAL A O   1 
ATOM   271  C CB  . VAL A 1 35  ? 1.439   13.307  -14.200 1.00 74.13  ? 55  VAL A CB  1 
ATOM   272  C CG1 . VAL A 1 35  ? 2.087   14.625  -14.616 1.00 67.40  ? 55  VAL A CG1 1 
ATOM   273  C CG2 . VAL A 1 35  ? 0.403   12.835  -15.215 1.00 76.26  ? 55  VAL A CG2 1 
ATOM   274  N N   . ILE A 1 36  ? 4.810   12.650  -13.417 1.00 68.82  ? 56  ILE A N   1 
ATOM   275  C CA  . ILE A 1 36  ? 5.960   13.036  -12.586 1.00 67.95  ? 56  ILE A CA  1 
ATOM   276  C C   . ILE A 1 36  ? 6.863   14.193  -13.147 1.00 71.30  ? 56  ILE A C   1 
ATOM   277  O O   . ILE A 1 36  ? 7.580   14.023  -14.152 1.00 73.18  ? 56  ILE A O   1 
ATOM   278  C CB  . ILE A 1 36  ? 6.810   11.791  -12.274 1.00 66.55  ? 56  ILE A CB  1 
ATOM   279  C CG1 . ILE A 1 36  ? 5.919   10.604  -11.885 1.00 62.67  ? 56  ILE A CG1 1 
ATOM   280  C CG2 . ILE A 1 36  ? 7.824   12.111  -11.187 1.00 69.56  ? 56  ILE A CG2 1 
ATOM   281  C CD1 . ILE A 1 36  ? 6.564   9.247   -12.117 1.00 65.12  ? 56  ILE A CD1 1 
ATOM   282  N N   . ASP A 1 37  ? 6.820   15.354  -12.484 1.00 70.48  ? 57  ASP A N   1 
ATOM   283  C CA  . ASP A 1 37  ? 7.688   16.501  -12.793 1.00 70.87  ? 57  ASP A CA  1 
ATOM   284  C C   . ASP A 1 37  ? 8.730   16.695  -11.703 1.00 76.49  ? 57  ASP A C   1 
ATOM   285  O O   . ASP A 1 37  ? 8.395   17.055  -10.561 1.00 77.98  ? 57  ASP A O   1 
ATOM   286  C CB  . ASP A 1 37  ? 6.891   17.800  -12.910 1.00 72.31  ? 57  ASP A CB  1 
ATOM   287  C CG  . ASP A 1 37  ? 5.982   17.854  -14.157 1.00 83.97  ? 57  ASP A CG  1 
ATOM   288  O OD1 . ASP A 1 37  ? 5.949   16.886  -14.977 1.00 76.42  ? 57  ASP A OD1 1 
ATOM   289  O OD2 . ASP A 1 37  ? 5.291   18.909  -14.296 1.00 75.46  ? 57  ASP A OD2 1 
ATOM   290  N N   . PHE A 1 38  ? 9.992   16.492  -12.074 1.00 73.12  ? 58  PHE A N   1 
ATOM   291  C CA  . PHE A 1 38  ? 11.104  16.535  -11.135 1.00 75.45  ? 58  PHE A CA  1 
ATOM   292  C C   . PHE A 1 38  ? 12.285  17.318  -11.704 1.00 76.84  ? 58  PHE A C   1 
ATOM   293  O O   . PHE A 1 38  ? 12.633  17.163  -12.873 1.00 85.29  ? 58  PHE A O   1 
ATOM   294  C CB  . PHE A 1 38  ? 11.515  15.096  -10.773 1.00 74.88  ? 58  PHE A CB  1 
ATOM   295  C CG  . PHE A 1 38  ? 12.616  15.002  -9.764  1.00 74.77  ? 58  PHE A CG  1 
ATOM   296  C CD1 . PHE A 1 38  ? 12.399  15.361  -8.426  1.00 74.26  ? 58  PHE A CD1 1 
ATOM   297  C CD2 . PHE A 1 38  ? 13.880  14.538  -10.143 1.00 77.02  ? 58  PHE A CD2 1 
ATOM   298  C CE1 . PHE A 1 38  ? 13.434  15.274  -7.492  1.00 78.86  ? 58  PHE A CE1 1 
ATOM   299  C CE2 . PHE A 1 38  ? 14.917  14.450  -9.212  1.00 76.73  ? 58  PHE A CE2 1 
ATOM   300  C CZ  . PHE A 1 38  ? 14.695  14.817  -7.887  1.00 75.67  ? 58  PHE A CZ  1 
ATOM   301  N N   . ASP A 1 39  ? 12.911  18.128  -10.859 1.00 72.28  ? 59  ASP A N   1 
ATOM   302  C CA  . ASP A 1 39  ? 14.029  18.967  -11.259 1.00 70.21  ? 59  ASP A CA  1 
ATOM   303  C C   . ASP A 1 39  ? 15.378  18.508  -10.711 1.00 74.87  ? 59  ASP A C   1 
ATOM   304  O O   . ASP A 1 39  ? 15.751  18.893  -9.590  1.00 79.78  ? 59  ASP A O   1 
ATOM   305  C CB  . ASP A 1 39  ? 13.784  20.416  -10.840 1.00 68.93  ? 59  ASP A CB  1 
ATOM   306  C CG  . ASP A 1 39  ? 14.917  21.343  -11.240 1.00 70.84  ? 59  ASP A CG  1 
ATOM   307  O OD1 . ASP A 1 39  ? 15.709  21.034  -12.189 1.00 67.96  ? 59  ASP A OD1 1 
ATOM   308  O OD2 . ASP A 1 39  ? 14.998  22.396  -10.588 1.00 71.84  ? 59  ASP A OD2 1 
ATOM   309  N N   . PRO A 1 40  ? 16.159  17.770  -11.531 1.00 71.50  ? 60  PRO A N   1 
ATOM   310  C CA  . PRO A 1 40  ? 17.433  17.247  -11.028 1.00 68.34  ? 60  PRO A CA  1 
ATOM   311  C C   . PRO A 1 40  ? 18.469  18.309  -10.680 1.00 64.67  ? 60  PRO A C   1 
ATOM   312  O O   . PRO A 1 40  ? 19.422  18.013  -9.977  1.00 65.31  ? 60  PRO A O   1 
ATOM   313  C CB  . PRO A 1 40  ? 17.928  16.338  -12.157 1.00 72.02  ? 60  PRO A CB  1 
ATOM   314  C CG  . PRO A 1 40  ? 16.776  16.216  -13.107 1.00 70.70  ? 60  PRO A CG  1 
ATOM   315  C CD  . PRO A 1 40  ? 15.978  17.465  -12.958 1.00 65.60  ? 60  PRO A CD  1 
ATOM   316  N N   . ALA A 1 41  ? 18.282  19.548  -11.127 1.00 67.32  ? 61  ALA A N   1 
ATOM   317  C CA  . ALA A 1 41  ? 19.189  20.614  -10.686 1.00 76.16  ? 61  ALA A CA  1 
ATOM   318  C C   . ALA A 1 41  ? 19.103  20.851  -9.181  1.00 74.77  ? 61  ALA A C   1 
ATOM   319  O O   . ALA A 1 41  ? 20.102  21.198  -8.556  1.00 73.11  ? 61  ALA A O   1 
ATOM   320  C CB  . ALA A 1 41  ? 18.947  21.913  -11.446 1.00 83.11  ? 61  ALA A CB  1 
ATOM   321  N N   . SER A 1 42  ? 17.910  20.656  -8.614  1.00 75.05  ? 62  SER A N   1 
ATOM   322  C CA  . SER A 1 42  ? 17.655  20.988  -7.203  1.00 74.90  ? 62  SER A CA  1 
ATOM   323  C C   . SER A 1 42  ? 17.129  19.828  -6.357  1.00 68.90  ? 62  SER A C   1 
ATOM   324  O O   . SER A 1 42  ? 17.033  19.952  -5.149  1.00 67.25  ? 62  SER A O   1 
ATOM   325  C CB  . SER A 1 42  ? 16.736  22.208  -7.081  1.00 65.91  ? 62  SER A CB  1 
ATOM   326  O OG  . SER A 1 42  ? 15.516  21.948  -7.730  1.00 69.66  ? 62  SER A OG  1 
ATOM   327  N N   . ALA A 1 43  ? 16.841  18.696  -6.998  1.00 72.87  ? 63  ALA A N   1 
ATOM   328  C CA  . ALA A 1 43  ? 16.224  17.516  -6.361  1.00 68.07  ? 63  ALA A CA  1 
ATOM   329  C C   . ALA A 1 43  ? 14.916  17.871  -5.639  1.00 66.62  ? 63  ALA A C   1 
ATOM   330  O O   . ALA A 1 43  ? 14.747  17.580  -4.443  1.00 78.73  ? 63  ALA A O   1 
ATOM   331  C CB  . ALA A 1 43  ? 17.208  16.804  -5.442  1.00 66.94  ? 63  ALA A CB  1 
ATOM   332  N N   . GLU A 1 44  ? 14.032  18.538  -6.389  1.00 60.16  ? 64  GLU A N   1 
ATOM   333  C CA  . GLU A 1 44  ? 12.676  18.919  -5.988  1.00 62.28  ? 64  GLU A CA  1 
ATOM   334  C C   . GLU A 1 44  ? 11.622  18.329  -6.896  1.00 67.00  ? 64  GLU A C   1 
ATOM   335  O O   . GLU A 1 44  ? 11.795  18.317  -8.113  1.00 66.50  ? 64  GLU A O   1 
ATOM   336  C CB  . GLU A 1 44  ? 12.535  20.413  -5.980  1.00 55.55  ? 64  GLU A CB  1 
ATOM   337  C CG  . GLU A 1 44  ? 13.482  20.971  -4.952  1.00 66.38  ? 64  GLU A CG  1 
ATOM   338  C CD  . GLU A 1 44  ? 13.429  22.460  -4.860  1.00 79.38  ? 64  GLU A CD  1 
ATOM   339  O OE1 . GLU A 1 44  ? 13.348  23.113  -5.921  1.00 98.24  ? 64  GLU A OE1 1 
ATOM   340  O OE2 . GLU A 1 44  ? 13.481  22.970  -3.726  1.00 84.72  ? 64  GLU A OE2 1 
ATOM   341  N N   . PHE A 1 45  ? 10.545  17.801  -6.303  1.00 65.47  ? 65  PHE A N   1 
ATOM   342  C CA  . PHE A 1 45  ? 9.403   17.369  -7.096  1.00 59.06  ? 65  PHE A CA  1 
ATOM   343  C C   . PHE A 1 45  ? 8.535   18.585  -7.335  1.00 61.84  ? 65  PHE A C   1 
ATOM   344  O O   . PHE A 1 45  ? 8.471   19.491  -6.485  1.00 57.45  ? 65  PHE A O   1 
ATOM   345  C CB  . PHE A 1 45  ? 8.629   16.288  -6.399  1.00 53.84  ? 65  PHE A CB  1 
ATOM   346  C CG  . PHE A 1 45  ? 9.286   14.939  -6.439  1.00 50.35  ? 65  PHE A CG  1 
ATOM   347  C CD1 . PHE A 1 45  ? 10.194  14.559  -5.453  1.00 52.55  ? 65  PHE A CD1 1 
ATOM   348  C CD2 . PHE A 1 45  ? 8.955   14.016  -7.427  1.00 51.85  ? 65  PHE A CD2 1 
ATOM   349  C CE1 . PHE A 1 45  ? 10.794  13.290  -5.471  1.00 56.39  ? 65  PHE A CE1 1 
ATOM   350  C CE2 . PHE A 1 45  ? 9.559   12.736  -7.464  1.00 61.80  ? 65  PHE A CE2 1 
ATOM   351  C CZ  . PHE A 1 45  ? 10.475  12.367  -6.476  1.00 57.88  ? 65  PHE A CZ  1 
ATOM   352  N N   . LYS A 1 46  ? 7.915   18.636  -8.515  1.00 67.28  ? 66  LYS A N   1 
ATOM   353  C CA  . LYS A 1 46  ? 7.150   19.836  -8.952  1.00 73.22  ? 66  LYS A CA  1 
ATOM   354  C C   . LYS A 1 46  ? 5.652   19.557  -9.056  1.00 66.59  ? 66  LYS A C   1 
ATOM   355  O O   . LYS A 1 46  ? 4.827   20.418  -8.764  1.00 61.23  ? 66  LYS A O   1 
ATOM   356  C CB  . LYS A 1 46  ? 7.684   20.380  -10.297 1.00 86.77  ? 66  LYS A CB  1 
ATOM   357  C CG  . LYS A 1 46  ? 9.156   20.817  -10.308 1.00 98.33  ? 66  LYS A CG  1 
ATOM   358  C CD  . LYS A 1 46  ? 9.363   22.233  -9.779  1.00 95.83  ? 66  LYS A CD  1 
ATOM   359  C CE  . LYS A 1 46  ? 10.704  22.350  -9.074  1.00 107.68 ? 66  LYS A CE  1 
ATOM   360  N NZ  . LYS A 1 46  ? 10.844  23.649  -8.366  1.00 110.32 ? 66  LYS A NZ  1 
ATOM   361  N N   . LYS A 1 47  ? 5.340   18.333  -9.472  1.00 63.27  ? 67  LYS A N   1 
ATOM   362  C CA  . LYS A 1 47  ? 4.008   17.842  -9.679  1.00 64.39  ? 67  LYS A CA  1 
ATOM   363  C C   . LYS A 1 47  ? 4.162   16.316  -9.560  1.00 68.14  ? 67  LYS A C   1 
ATOM   364  O O   . LYS A 1 47  ? 5.089   15.724  -10.137 1.00 62.60  ? 67  LYS A O   1 
ATOM   365  C CB  . LYS A 1 47  ? 3.532   18.274  -11.077 1.00 70.12  ? 67  LYS A CB  1 
ATOM   366  C CG  . LYS A 1 47  ? 2.098   17.952  -11.494 1.00 78.92  ? 67  LYS A CG  1 
ATOM   367  C CD  . LYS A 1 47  ? 1.885   18.207  -12.983 1.00 82.51  ? 67  LYS A CD  1 
ATOM   368  C CE  . LYS A 1 47  ? 0.444   17.980  -13.429 1.00 104.66 ? 67  LYS A CE  1 
ATOM   369  N NZ  . LYS A 1 47  ? -0.458  19.130  -13.109 1.00 114.77 ? 67  LYS A NZ  1 
ATOM   370  N N   . LEU A 1 48  ? 3.292   15.696  -8.759  1.00 75.74  ? 68  LEU A N   1 
ATOM   371  C CA  . LEU A 1 48  ? 3.164   14.236  -8.704  1.00 70.77  ? 68  LEU A CA  1 
ATOM   372  C C   . LEU A 1 48  ? 1.702   13.888  -8.465  1.00 70.39  ? 68  LEU A C   1 
ATOM   373  O O   . LEU A 1 48  ? 1.132   14.239  -7.431  1.00 74.58  ? 68  LEU A O   1 
ATOM   374  C CB  . LEU A 1 48  ? 4.070   13.622  -7.640  1.00 64.62  ? 68  LEU A CB  1 
ATOM   375  C CG  . LEU A 1 48  ? 3.868   12.139  -7.398  1.00 65.92  ? 68  LEU A CG  1 
ATOM   376  C CD1 . LEU A 1 48  ? 4.151   11.390  -8.668  1.00 80.84  ? 68  LEU A CD1 1 
ATOM   377  C CD2 . LEU A 1 48  ? 4.861   11.705  -6.366  1.00 73.17  ? 68  LEU A CD2 1 
ATOM   378  N N   . ASP A 1 49  ? 1.115   13.216  -9.450  1.00 69.45  ? 69  ASP A N   1 
ATOM   379  C CA  . ASP A 1 49  ? -0.316  12.918  -9.499  1.00 68.31  ? 69  ASP A CA  1 
ATOM   380  C C   . ASP A 1 49  ? -0.424  11.479  -9.931  1.00 68.15  ? 69  ASP A C   1 
ATOM   381  O O   . ASP A 1 49  ? 0.060   11.129  -11.001 1.00 72.31  ? 69  ASP A O   1 
ATOM   382  C CB  . ASP A 1 49  ? -1.055  13.837  -10.486 1.00 65.94  ? 69  ASP A CB  1 
ATOM   383  C CG  . ASP A 1 49  ? -1.135  15.312  -10.002 1.00 82.69  ? 69  ASP A CG  1 
ATOM   384  O OD1 . ASP A 1 49  ? -1.070  15.585  -8.784  1.00 88.93  ? 69  ASP A OD1 1 
ATOM   385  O OD2 . ASP A 1 49  ? -1.266  16.230  -10.844 1.00 87.46  ? 69  ASP A OD2 1 
ATOM   386  N N   . VAL A 1 50  ? -1.010  10.646  -9.071  1.00 65.44  ? 70  VAL A N   1 
ATOM   387  C CA  . VAL A 1 50  ? -1.128  9.199   -9.308  1.00 65.61  ? 70  VAL A CA  1 
ATOM   388  C C   . VAL A 1 50  ? -2.614  8.790   -9.305  1.00 70.11  ? 70  VAL A C   1 
ATOM   389  O O   . VAL A 1 50  ? -3.403  9.322   -8.515  1.00 66.97  ? 70  VAL A O   1 
ATOM   390  C CB  . VAL A 1 50  ? -0.369  8.365   -8.251  1.00 62.84  ? 70  VAL A CB  1 
ATOM   391  C CG1 . VAL A 1 50  ? -0.282  6.922   -8.676  1.00 58.69  ? 70  VAL A CG1 1 
ATOM   392  C CG2 . VAL A 1 50  ? 1.037   8.876   -8.028  1.00 69.03  ? 70  VAL A CG2 1 
ATOM   393  N N   . THR A 1 51  ? -2.984  7.868   -10.198 1.00 63.91  ? 71  THR A N   1 
ATOM   394  C CA  . THR A 1 51  ? -4.310  7.254   -10.201 1.00 65.18  ? 71  THR A CA  1 
ATOM   395  C C   . THR A 1 51  ? -4.114  5.754   -10.198 1.00 67.93  ? 71  THR A C   1 
ATOM   396  O O   . THR A 1 51  ? -3.372  5.192   -11.023 1.00 65.73  ? 71  THR A O   1 
ATOM   397  C CB  . THR A 1 51  ? -5.157  7.687   -11.409 1.00 65.76  ? 71  THR A CB  1 
ATOM   398  O OG1 . THR A 1 51  ? -5.400  9.081   -11.309 1.00 78.46  ? 71  THR A OG1 1 
ATOM   399  C CG2 . THR A 1 51  ? -6.509  7.031   -11.413 1.00 65.10  ? 71  THR A CG2 1 
ATOM   400  N N   . ILE A 1 52  ? -4.778  5.114   -9.245  1.00 67.85  ? 72  ILE A N   1 
ATOM   401  C CA  . ILE A 1 52  ? -4.623  3.692   -9.047  1.00 70.38  ? 72  ILE A CA  1 
ATOM   402  C C   . ILE A 1 52  ? -5.956  3.050   -9.310  1.00 67.77  ? 72  ILE A C   1 
ATOM   403  O O   . ILE A 1 52  ? -6.970  3.522   -8.773  1.00 58.82  ? 72  ILE A O   1 
ATOM   404  C CB  . ILE A 1 52  ? -4.183  3.404   -7.610  1.00 69.14  ? 72  ILE A CB  1 
ATOM   405  C CG1 . ILE A 1 52  ? -2.805  4.006   -7.365  1.00 70.19  ? 72  ILE A CG1 1 
ATOM   406  C CG2 . ILE A 1 52  ? -4.107  1.916   -7.381  1.00 60.94  ? 72  ILE A CG2 1 
ATOM   407  C CD1 . ILE A 1 52  ? -2.703  4.608   -5.995  1.00 67.61  ? 72  ILE A CD1 1 
ATOM   408  N N   . LYS A 1 53  ? -5.941  1.982   -10.121 1.00 69.02  ? 73  LYS A N   1 
ATOM   409  C CA  . LYS A 1 53  ? -7.147  1.158   -10.368 1.00 78.36  ? 73  LYS A CA  1 
ATOM   410  C C   . LYS A 1 53  ? -7.288  0.117   -9.270  1.00 74.71  ? 73  LYS A C   1 
ATOM   411  O O   . LYS A 1 53  ? -6.556  -0.878  -9.240  1.00 70.16  ? 73  LYS A O   1 
ATOM   412  C CB  . LYS A 1 53  ? -7.173  0.504   -11.766 1.00 75.20  ? 73  LYS A CB  1 
ATOM   413  C CG  . LYS A 1 53  ? -7.089  1.504   -12.906 1.00 86.21  ? 73  LYS A CG  1 
ATOM   414  C CD  . LYS A 1 53  ? -8.063  1.221   -14.036 1.00 100.45 ? 73  LYS A CD  1 
ATOM   415  C CE  . LYS A 1 53  ? -8.519  2.524   -14.701 1.00 113.22 ? 73  LYS A CE  1 
ATOM   416  N NZ  . LYS A 1 53  ? -9.269  3.428   -13.764 1.00 95.64  ? 73  LYS A NZ  1 
ATOM   417  N N   . ILE A 1 54  ? -8.224  0.388   -8.359  1.00 72.69  ? 74  ILE A N   1 
ATOM   418  C CA  . ILE A 1 54  ? -8.545  -0.475  -7.227  1.00 72.68  ? 74  ILE A CA  1 
ATOM   419  C C   . ILE A 1 54  ? -8.702  -1.946  -7.681  1.00 78.35  ? 74  ILE A C   1 
ATOM   420  O O   . ILE A 1 54  ? -8.127  -2.871  -7.084  1.00 75.68  ? 74  ILE A O   1 
ATOM   421  C CB  . ILE A 1 54  ? -9.794  0.094   -6.485  1.00 74.46  ? 74  ILE A CB  1 
ATOM   422  C CG1 . ILE A 1 54  ? -9.413  1.280   -5.609  1.00 70.76  ? 74  ILE A CG1 1 
ATOM   423  C CG2 . ILE A 1 54  ? -10.520 -0.952  -5.656  1.00 79.09  ? 74  ILE A CG2 1 
ATOM   424  C CD1 . ILE A 1 54  ? -8.058  1.142   -4.927  1.00 73.37  ? 74  ILE A CD1 1 
ATOM   425  N N   . ALA A 1 55  ? -9.442  -2.141  -8.773  1.00 81.18  ? 75  ALA A N   1 
ATOM   426  C CA  . ALA A 1 55  ? -9.594  -3.451  -9.418  1.00 80.41  ? 75  ALA A CA  1 
ATOM   427  C C   . ALA A 1 55  ? -8.303  -4.296  -9.487  1.00 83.03  ? 75  ALA A C   1 
ATOM   428  O O   . ALA A 1 55  ? -8.355  -5.513  -9.330  1.00 88.72  ? 75  ALA A O   1 
ATOM   429  C CB  . ALA A 1 55  ? -10.200 -3.282  -10.808 1.00 69.49  ? 75  ALA A CB  1 
ATOM   430  N N   . SER A 1 56  ? -7.158  -3.643  -9.695  1.00 78.24  ? 76  SER A N   1 
ATOM   431  C CA  . SER A 1 56  ? -5.906  -4.330  -9.995  1.00 74.79  ? 76  SER A CA  1 
ATOM   432  C C   . SER A 1 56  ? -5.086  -4.678  -8.752  1.00 82.34  ? 76  SER A C   1 
ATOM   433  O O   . SER A 1 56  ? -3.886  -4.965  -8.864  1.00 90.46  ? 76  SER A O   1 
ATOM   434  C CB  . SER A 1 56  ? -5.059  -3.503  -10.979 1.00 81.38  ? 76  SER A CB  1 
ATOM   435  O OG  . SER A 1 56  ? -4.521  -2.315  -10.396 1.00 76.02  ? 76  SER A OG  1 
ATOM   436  N N   . VAL A 1 57  ? -5.724  -4.655  -7.579  1.00 74.53  ? 77  VAL A N   1 
ATOM   437  C CA  . VAL A 1 57  ? -5.068  -5.031  -6.331  1.00 74.29  ? 77  VAL A CA  1 
ATOM   438  C C   . VAL A 1 57  ? -4.509  -6.478  -6.352  1.00 77.04  ? 77  VAL A C   1 
ATOM   439  O O   . VAL A 1 57  ? -4.992  -7.320  -7.090  1.00 74.08  ? 77  VAL A O   1 
ATOM   440  C CB  . VAL A 1 57  ? -5.999  -4.753  -5.129  1.00 72.01  ? 77  VAL A CB  1 
ATOM   441  C CG1 . VAL A 1 57  ? -7.138  -5.757  -5.060  1.00 71.79  ? 77  VAL A CG1 1 
ATOM   442  C CG2 . VAL A 1 57  ? -5.211  -4.721  -3.825  1.00 71.88  ? 77  VAL A CG2 1 
ATOM   443  N N   . ASN A 1 58  ? -3.463  -6.744  -5.579  1.00 78.55  ? 78  ASN A N   1 
ATOM   444  C CA  . ASN A 1 58  ? -2.887  -8.079  -5.503  1.00 82.02  ? 78  ASN A CA  1 
ATOM   445  C C   . ASN A 1 58  ? -2.212  -8.240  -4.148  1.00 81.47  ? 78  ASN A C   1 
ATOM   446  O O   . ASN A 1 58  ? -1.232  -7.564  -3.837  1.00 85.38  ? 78  ASN A O   1 
ATOM   447  C CB  . ASN A 1 58  ? -1.906  -8.332  -6.670  1.00 83.13  ? 78  ASN A CB  1 
ATOM   448  C CG  . ASN A 1 58  ? -1.148  -9.658  -6.547  1.00 99.25  ? 78  ASN A CG  1 
ATOM   449  O OD1 . ASN A 1 58  ? -1.566  -10.596 -5.844  1.00 103.56 ? 78  ASN A OD1 1 
ATOM   450  N ND2 . ASN A 1 58  ? -0.021  -9.744  -7.244  1.00 104.52 ? 78  ASN A ND2 1 
ATOM   451  N N   . THR A 1 59  ? -2.759  -9.136  -3.345  1.00 80.05  ? 79  THR A N   1 
ATOM   452  C CA  . THR A 1 59  ? -2.169  -9.465  -2.058  1.00 85.83  ? 79  THR A CA  1 
ATOM   453  C C   . THR A 1 59  ? -1.814  -10.950 -2.054  1.00 93.85  ? 79  THR A C   1 
ATOM   454  O O   . THR A 1 59  ? -1.997  -11.640 -1.043  1.00 99.92  ? 79  THR A O   1 
ATOM   455  C CB  . THR A 1 59  ? -3.120  -9.131  -0.894  1.00 80.52  ? 79  THR A CB  1 
ATOM   456  O OG1 . THR A 1 59  ? -4.407  -9.683  -1.169  1.00 82.17  ? 79  THR A OG1 1 
ATOM   457  C CG2 . THR A 1 59  ? -3.285  -7.663  -0.734  1.00 79.79  ? 79  THR A CG2 1 
ATOM   458  N N   . GLU A 1 60  ? -1.329  -11.423 -3.209  1.00 102.80 ? 80  GLU A N   1 
ATOM   459  C CA  . GLU A 1 60  ? -0.897  -12.816 -3.443  1.00 114.50 ? 80  GLU A CA  1 
ATOM   460  C C   . GLU A 1 60  ? -1.930  -13.911 -3.139  1.00 120.52 ? 80  GLU A C   1 
ATOM   461  O O   . GLU A 1 60  ? -1.572  -15.025 -2.733  1.00 144.03 ? 80  GLU A O   1 
ATOM   462  C CB  . GLU A 1 60  ? 0.433   -13.120 -2.716  1.00 135.17 ? 80  GLU A CB  1 
ATOM   463  C CG  . GLU A 1 60  ? 1.709   -12.565 -3.351  1.00 141.73 ? 80  GLU A CG  1 
ATOM   464  C CD  . GLU A 1 60  ? 1.792   -12.709 -4.871  1.00 148.60 ? 80  GLU A CD  1 
ATOM   465  O OE1 . GLU A 1 60  ? 0.954   -13.403 -5.494  1.00 145.97 ? 80  GLU A OE1 1 
ATOM   466  O OE2 . GLU A 1 60  ? 2.717   -12.107 -5.458  1.00 160.73 ? 80  GLU A OE2 1 
ATOM   467  N N   . ASN A 1 61  ? -3.208  -13.600 -3.356  1.00 119.35 ? 81  ASN A N   1 
ATOM   468  C CA  . ASN A 1 61  ? -4.306  -14.476 -2.960  1.00 108.22 ? 81  ASN A CA  1 
ATOM   469  C C   . ASN A 1 61  ? -5.526  -14.066 -3.797  1.00 119.53 ? 81  ASN A C   1 
ATOM   470  O O   . ASN A 1 61  ? -5.950  -12.907 -3.737  1.00 127.12 ? 81  ASN A O   1 
ATOM   471  C CB  . ASN A 1 61  ? -4.499  -14.340 -1.431  1.00 94.24  ? 81  ASN A CB  1 
ATOM   472  C CG  . ASN A 1 61  ? -5.930  -14.564 -0.955  1.00 87.66  ? 81  ASN A CG  1 
ATOM   473  O OD1 . ASN A 1 61  ? -6.920  -14.344 -1.674  1.00 91.18  ? 81  ASN A OD1 1 
ATOM   474  N ND2 . ASN A 1 61  ? -6.045  -14.945 0.309   1.00 72.99  ? 81  ASN A ND2 1 
ATOM   475  N N   . GLN A 1 62  ? -6.079  -15.011 -4.568  1.00 123.44 ? 82  GLN A N   1 
ATOM   476  C CA  . GLN A 1 62  ? -7.156  -14.706 -5.536  1.00 115.65 ? 82  GLN A CA  1 
ATOM   477  C C   . GLN A 1 62  ? -8.507  -14.325 -4.913  1.00 110.60 ? 82  GLN A C   1 
ATOM   478  O O   . GLN A 1 62  ? -9.232  -13.503 -5.468  1.00 114.79 ? 82  GLN A O   1 
ATOM   479  C CB  . GLN A 1 62  ? -7.330  -15.815 -6.581  1.00 108.52 ? 82  GLN A CB  1 
ATOM   480  N N   . THR A 1 63  ? -8.844  -14.891 -3.761  1.00 103.82 ? 83  THR A N   1 
ATOM   481  C CA  . THR A 1 63  ? -10.202 -14.702 -3.230  1.00 109.07 ? 83  THR A CA  1 
ATOM   482  C C   . THR A 1 63  ? -10.339 -13.468 -2.314  1.00 104.38 ? 83  THR A C   1 
ATOM   483  O O   . THR A 1 63  ? -11.416 -12.863 -2.263  1.00 106.70 ? 83  THR A O   1 
ATOM   484  C CB  . THR A 1 63  ? -10.831 -15.999 -2.606  1.00 114.25 ? 83  THR A CB  1 
ATOM   485  O OG1 . THR A 1 63  ? -10.246 -16.273 -1.332  1.00 126.92 ? 83  THR A OG1 1 
ATOM   486  C CG2 . THR A 1 63  ? -10.674 -17.259 -3.528  1.00 110.12 ? 83  THR A CG2 1 
ATOM   487  N N   . ARG A 1 64  ? -9.263  -13.090 -1.612  1.00 101.18 ? 84  ARG A N   1 
ATOM   488  C CA  . ARG A 1 64  ? -9.269  -11.892 -0.734  1.00 106.14 ? 84  ARG A CA  1 
ATOM   489  C C   . ARG A 1 64  ? -9.221  -10.622 -1.577  1.00 102.06 ? 84  ARG A C   1 
ATOM   490  O O   . ARG A 1 64  ? -9.771  -9.588  -1.208  1.00 90.68  ? 84  ARG A O   1 
ATOM   491  C CB  . ARG A 1 64  ? -8.096  -11.892 0.256   1.00 105.04 ? 84  ARG A CB  1 
ATOM   492  C CG  . ARG A 1 64  ? -8.253  -10.968 1.460   1.00 101.46 ? 84  ARG A CG  1 
ATOM   493  C CD  . ARG A 1 64  ? -6.984  -10.161 1.655   1.00 97.52  ? 84  ARG A CD  1 
ATOM   494  N NE  . ARG A 1 64  ? -5.912  -10.907 2.329   1.00 106.52 ? 84  ARG A NE  1 
ATOM   495  C CZ  . ARG A 1 64  ? -4.847  -11.456 1.730   1.00 95.79  ? 84  ARG A CZ  1 
ATOM   496  N NH1 . ARG A 1 64  ? -4.687  -11.382 0.425   1.00 94.49  ? 84  ARG A NH1 1 
ATOM   497  N NH2 . ARG A 1 64  ? -3.930  -12.102 2.433   1.00 81.70  ? 84  ARG A NH2 1 
ATOM   498  N N   . ASP A 1 65  ? -8.561  -10.715 -2.720  1.00 95.29  ? 85  ASP A N   1 
ATOM   499  C CA  . ASP A 1 65  ? -8.559  -9.630  -3.666  1.00 95.98  ? 85  ASP A CA  1 
ATOM   500  C C   . ASP A 1 65  ? -9.984  -9.263  -4.140  1.00 99.22  ? 85  ASP A C   1 
ATOM   501  O O   . ASP A 1 65  ? -10.365 -8.083  -4.082  1.00 103.70 ? 85  ASP A O   1 
ATOM   502  C CB  . ASP A 1 65  ? -7.565  -9.932  -4.787  1.00 97.08  ? 85  ASP A CB  1 
ATOM   503  C CG  . ASP A 1 65  ? -6.121  -10.008 -4.273  1.00 101.89 ? 85  ASP A CG  1 
ATOM   504  O OD1 . ASP A 1 65  ? -5.882  -9.578  -3.119  1.00 93.48  ? 85  ASP A OD1 1 
ATOM   505  O OD2 . ASP A 1 65  ? -5.235  -10.514 -5.012  1.00 101.82 ? 85  ASP A OD2 1 
ATOM   506  N N   . ASN A 1 66  ? -10.785 -10.263 -4.525  1.00 92.80  ? 86  ASN A N   1 
ATOM   507  C CA  . ASN A 1 66  ? -12.198 -10.023 -4.855  1.00 88.67  ? 86  ASN A CA  1 
ATOM   508  C C   . ASN A 1 66  ? -12.917 -9.400  -3.702  1.00 82.12  ? 86  ASN A C   1 
ATOM   509  O O   . ASN A 1 66  ? -13.716 -8.496  -3.896  1.00 94.62  ? 86  ASN A O   1 
ATOM   510  C CB  . ASN A 1 66  ? -12.961 -11.291 -5.226  1.00 92.72  ? 86  ASN A CB  1 
ATOM   511  C CG  . ASN A 1 66  ? -12.307 -12.063 -6.338  1.00 104.91 ? 86  ASN A CG  1 
ATOM   512  O OD1 . ASN A 1 66  ? -11.855 -11.496 -7.345  1.00 105.83 ? 86  ASN A OD1 1 
ATOM   513  N ND2 . ASN A 1 66  ? -12.250 -13.380 -6.164  1.00 109.81 ? 86  ASN A ND2 1 
ATOM   514  N N   . HIS A 1 67  ? -12.642 -9.873  -2.496  1.00 76.92  ? 87  HIS A N   1 
ATOM   515  C CA  . HIS A 1 67  ? -13.399 -9.391  -1.365  1.00 83.97  ? 87  HIS A CA  1 
ATOM   516  C C   . HIS A 1 67  ? -13.107 -7.899  -1.105  1.00 86.31  ? 87  HIS A C   1 
ATOM   517  O O   . HIS A 1 67  ? -13.968 -7.162  -0.584  1.00 79.88  ? 87  HIS A O   1 
ATOM   518  C CB  . HIS A 1 67  ? -13.232 -10.292 -0.121  1.00 88.86  ? 87  HIS A CB  1 
ATOM   519  C CG  . HIS A 1 67  ? -14.132 -9.900  1.013   1.00 104.14 ? 87  HIS A CG  1 
ATOM   520  N ND1 . HIS A 1 67  ? -13.703 -9.850  2.325   1.00 110.91 ? 87  HIS A ND1 1 
ATOM   521  C CD2 . HIS A 1 67  ? -15.422 -9.478  1.023   1.00 113.33 ? 87  HIS A CD2 1 
ATOM   522  C CE1 . HIS A 1 67  ? -14.694 -9.431  3.096   1.00 110.07 ? 87  HIS A CE1 1 
ATOM   523  N NE2 . HIS A 1 67  ? -15.746 -9.191  2.329   1.00 112.57 ? 87  HIS A NE2 1 
ATOM   524  N N   . LEU A 1 68  ? -11.913 -7.456  -1.523  1.00 91.73  ? 88  LEU A N   1 
ATOM   525  C CA  . LEU A 1 68  ? -11.473 -6.068  -1.330  1.00 84.72  ? 88  LEU A CA  1 
ATOM   526  C C   . LEU A 1 68  ? -12.318 -5.086  -2.127  1.00 88.90  ? 88  LEU A C   1 
ATOM   527  O O   . LEU A 1 68  ? -12.598 -3.973  -1.657  1.00 82.05  ? 88  LEU A O   1 
ATOM   528  C CB  . LEU A 1 68  ? -9.988  -5.906  -1.650  1.00 76.97  ? 88  LEU A CB  1 
ATOM   529  C CG  . LEU A 1 68  ? -9.096  -6.376  -0.493  1.00 74.56  ? 88  LEU A CG  1 
ATOM   530  C CD1 . LEU A 1 68  ? -7.645  -6.446  -0.924  1.00 75.92  ? 88  LEU A CD1 1 
ATOM   531  C CD2 . LEU A 1 68  ? -9.241  -5.565  0.790   1.00 68.21  ? 88  LEU A CD2 1 
ATOM   532  N N   . GLN A 1 69  ? -12.745 -5.537  -3.310  1.00 78.15  ? 89  GLN A N   1 
ATOM   533  C CA  . GLN A 1 69  ? -13.664 -4.807  -4.188  1.00 72.72  ? 89  GLN A CA  1 
ATOM   534  C C   . GLN A 1 69  ? -15.086 -4.581  -3.652  1.00 69.51  ? 89  GLN A C   1 
ATOM   535  O O   . GLN A 1 69  ? -15.784 -3.723  -4.166  1.00 81.30  ? 89  GLN A O   1 
ATOM   536  C CB  . GLN A 1 69  ? -13.747 -5.512  -5.522  1.00 67.59  ? 89  GLN A CB  1 
ATOM   537  C CG  . GLN A 1 69  ? -12.436 -6.131  -5.960  1.00 71.87  ? 89  GLN A CG  1 
ATOM   538  C CD  . GLN A 1 69  ? -11.579 -5.140  -6.683  1.00 85.67  ? 89  GLN A CD  1 
ATOM   539  O OE1 . GLN A 1 69  ? -12.049 -4.458  -7.594  1.00 106.67 ? 89  GLN A OE1 1 
ATOM   540  N NE2 . GLN A 1 69  ? -10.317 -5.042  -6.290  1.00 90.35  ? 89  GLN A NE2 1 
ATOM   541  N N   . GLN A 1 70  ? -15.496 -5.328  -2.628  1.00 75.00  ? 90  GLN A N   1 
ATOM   542  C CA  . GLN A 1 70  ? -16.888 -5.334  -2.119  1.00 82.03  ? 90  GLN A CA  1 
ATOM   543  C C   . GLN A 1 70  ? -17.198 -4.161  -1.174  1.00 78.94  ? 90  GLN A C   1 
ATOM   544  O O   . GLN A 1 70  ? -16.293 -3.454  -0.775  1.00 84.00  ? 90  GLN A O   1 
ATOM   545  C CB  . GLN A 1 70  ? -17.238 -6.697  -1.452  1.00 96.07  ? 90  GLN A CB  1 
ATOM   546  C CG  . GLN A 1 70  ? -16.868 -7.996  -2.206  1.00 106.10 ? 90  GLN A CG  1 
ATOM   547  C CD  . GLN A 1 70  ? -17.173 -7.981  -3.711  1.00 118.50 ? 90  GLN A CD  1 
ATOM   548  O OE1 . GLN A 1 70  ? -18.193 -7.434  -4.153  1.00 132.06 ? 90  GLN A OE1 1 
ATOM   549  N NE2 . GLN A 1 70  ? -16.291 -8.599  -4.506  1.00 112.53 ? 90  GLN A NE2 1 
ATOM   550  N N   . ASP A 1 71  ? -18.469 -3.991  -0.804  1.00 84.18  ? 91  ASP A N   1 
ATOM   551  C CA  . ASP A 1 71  ? -18.970 -2.839  -0.011  1.00 92.83  ? 91  ASP A CA  1 
ATOM   552  C C   . ASP A 1 71  ? -18.274 -2.532  1.287   1.00 91.09  ? 91  ASP A C   1 
ATOM   553  O O   . ASP A 1 71  ? -18.253 -1.379  1.725   1.00 107.72 ? 91  ASP A O   1 
ATOM   554  C CB  . ASP A 1 71  ? -20.461 -2.987  0.317   1.00 100.27 ? 91  ASP A CB  1 
ATOM   555  C CG  . ASP A 1 71  ? -21.325 -3.056  -0.914  1.00 122.95 ? 91  ASP A CG  1 
ATOM   556  O OD1 . ASP A 1 71  ? -20.908 -2.558  -1.987  1.00 145.74 ? 91  ASP A OD1 1 
ATOM   557  O OD2 . ASP A 1 71  ? -22.435 -3.612  -0.806  1.00 134.71 ? 91  ASP A OD2 1 
ATOM   558  N N   . ASP A 1 72  ? -17.748 -3.570  1.919   1.00 93.52  ? 92  ASP A N   1 
ATOM   559  C CA  . ASP A 1 72  ? -17.176 -3.462  3.257   1.00 101.94 ? 92  ASP A CA  1 
ATOM   560  C C   . ASP A 1 72  ? -15.673 -3.102  3.178   1.00 98.36  ? 92  ASP A C   1 
ATOM   561  O O   . ASP A 1 72  ? -14.998 -2.939  4.215   1.00 92.24  ? 92  ASP A O   1 
ATOM   562  C CB  . ASP A 1 72  ? -17.482 -4.743  4.074   1.00 107.12 ? 92  ASP A CB  1 
ATOM   563  C CG  . ASP A 1 72  ? -17.181 -6.057  3.300   1.00 118.90 ? 92  ASP A CG  1 
ATOM   564  O OD1 . ASP A 1 72  ? -17.027 -6.063  2.047   1.00 124.09 ? 92  ASP A OD1 1 
ATOM   565  O OD2 . ASP A 1 72  ? -17.095 -7.112  3.968   1.00 115.41 ? 92  ASP A OD2 1 
ATOM   566  N N   . PHE A 1 73  ? -15.197 -2.978  1.924   1.00 90.26  ? 93  PHE A N   1 
ATOM   567  C CA  . PHE A 1 73  ? -13.875 -2.441  1.536   1.00 80.12  ? 93  PHE A CA  1 
ATOM   568  C C   . PHE A 1 73  ? -13.888 -1.288  0.484   1.00 71.39  ? 93  PHE A C   1 
ATOM   569  O O   . PHE A 1 73  ? -14.402 -0.192  0.791   1.00 58.98  ? 93  PHE A O   1 
ATOM   570  C CB  . PHE A 1 73  ? -12.931 -3.593  1.175   1.00 81.69  ? 93  PHE A CB  1 
ATOM   571  C CG  . PHE A 1 73  ? -12.590 -4.420  2.349   1.00 94.10  ? 93  PHE A CG  1 
ATOM   572  C CD1 . PHE A 1 73  ? -11.637 -3.979  3.264   1.00 92.43  ? 93  PHE A CD1 1 
ATOM   573  C CD2 . PHE A 1 73  ? -13.296 -5.591  2.618   1.00 96.48  ? 93  PHE A CD2 1 
ATOM   574  C CE1 . PHE A 1 73  ? -11.362 -4.719  4.402   1.00 98.20  ? 93  PHE A CE1 1 
ATOM   575  C CE2 . PHE A 1 73  ? -13.024 -6.336  3.758   1.00 85.96  ? 93  PHE A CE2 1 
ATOM   576  C CZ  . PHE A 1 73  ? -12.054 -5.901  4.650   1.00 92.52  ? 93  PHE A CZ  1 
ATOM   577  N N   . PHE A 1 74  ? -13.339 -1.526  -0.719  1.00 65.81  ? 94  PHE A N   1 
ATOM   578  C CA  . PHE A 1 74  ? -13.147 -0.469  -1.733  1.00 71.08  ? 94  PHE A CA  1 
ATOM   579  C C   . PHE A 1 74  ? -14.399 0.075   -2.440  1.00 75.40  ? 94  PHE A C   1 
ATOM   580  O O   . PHE A 1 74  ? -14.416 1.255   -2.806  1.00 91.51  ? 94  PHE A O   1 
ATOM   581  C CB  . PHE A 1 74  ? -12.064 -0.836  -2.758  1.00 70.90  ? 94  PHE A CB  1 
ATOM   582  C CG  . PHE A 1 74  ? -10.651 -0.712  -2.226  1.00 83.64  ? 94  PHE A CG  1 
ATOM   583  C CD1 . PHE A 1 74  ? -10.117 0.546   -1.871  1.00 83.05  ? 94  PHE A CD1 1 
ATOM   584  C CD2 . PHE A 1 74  ? -9.834  -1.845  -2.089  1.00 80.21  ? 94  PHE A CD2 1 
ATOM   585  C CE1 . PHE A 1 74  ? -8.813  0.663   -1.377  1.00 80.76  ? 94  PHE A CE1 1 
ATOM   586  C CE2 . PHE A 1 74  ? -8.529  -1.725  -1.595  1.00 82.56  ? 94  PHE A CE2 1 
ATOM   587  C CZ  . PHE A 1 74  ? -8.015  -0.472  -1.245  1.00 80.66  ? 94  PHE A CZ  1 
ATOM   588  N N   . LYS A 1 75  ? -15.422 -0.777  -2.600  1.00 68.05  ? 95  LYS A N   1 
ATOM   589  C CA  . LYS A 1 75  ? -16.685 -0.511  -3.334  1.00 65.99  ? 95  LYS A CA  1 
ATOM   590  C C   . LYS A 1 75  ? -16.347 -0.101  -4.753  1.00 63.18  ? 95  LYS A C   1 
ATOM   591  O O   . LYS A 1 75  ? -16.891 0.873   -5.272  1.00 63.68  ? 95  LYS A O   1 
ATOM   592  C CB  . LYS A 1 75  ? -17.618 0.502   -2.626  1.00 71.99  ? 95  LYS A CB  1 
ATOM   593  C CG  . LYS A 1 75  ? -17.540 0.465   -1.096  1.00 86.21  ? 95  LYS A CG  1 
ATOM   594  C CD  . LYS A 1 75  ? -17.899 1.783   -0.423  1.00 98.23  ? 95  LYS A CD  1 
ATOM   595  C CE  . LYS A 1 75  ? -17.478 1.795   1.037   1.00 105.64 ? 95  LYS A CE  1 
ATOM   596  N NZ  . LYS A 1 75  ? -18.485 2.390   1.968   1.00 116.70 ? 95  LYS A NZ  1 
ATOM   597  N N   . ALA A 1 76  ? -15.422 -0.855  -5.352  1.00 57.86  ? 96  ALA A N   1 
ATOM   598  C CA  . ALA A 1 76  ? -14.928 -0.619  -6.722  1.00 67.92  ? 96  ALA A CA  1 
ATOM   599  C C   . ALA A 1 76  ? -15.967 -0.388  -7.826  1.00 75.88  ? 96  ALA A C   1 
ATOM   600  O O   . ALA A 1 76  ? -15.623 0.179   -8.863  1.00 81.62  ? 96  ALA A O   1 
ATOM   601  C CB  . ALA A 1 76  ? -13.999 -1.736  -7.143  1.00 66.25  ? 96  ALA A CB  1 
ATOM   602  N N   . LYS A 1 77  ? -17.200 -0.869  -7.636  1.00 79.05  ? 97  LYS A N   1 
ATOM   603  C CA  . LYS A 1 77  ? -18.250 -0.646  -8.623  1.00 74.14  ? 97  LYS A CA  1 
ATOM   604  C C   . LYS A 1 77  ? -18.481 0.870   -8.628  1.00 72.48  ? 97  LYS A C   1 
ATOM   605  O O   . LYS A 1 77  ? -18.288 1.498   -9.663  1.00 79.46  ? 97  LYS A O   1 
ATOM   606  C CB  . LYS A 1 77  ? -19.519 -1.484  -8.337  1.00 72.90  ? 97  LYS A CB  1 
ATOM   607  N N   . LYS A 1 78  ? -18.785 1.455   -7.461  1.00 65.22  ? 98  LYS A N   1 
ATOM   608  C CA  . LYS A 1 78  ? -18.991 2.928   -7.276  1.00 58.49  ? 98  LYS A CA  1 
ATOM   609  C C   . LYS A 1 78  ? -17.697 3.761   -7.401  1.00 65.02  ? 98  LYS A C   1 
ATOM   610  O O   . LYS A 1 78  ? -17.686 4.751   -8.123  1.00 86.64  ? 98  LYS A O   1 
ATOM   611  C CB  . LYS A 1 78  ? -19.678 3.191   -5.933  1.00 51.04  ? 98  LYS A CB  1 
ATOM   612  C CG  . LYS A 1 78  ? -20.347 4.533   -5.756  1.00 53.28  ? 98  LYS A CG  1 
ATOM   613  C CD  . LYS A 1 78  ? -21.276 4.569   -4.542  1.00 53.55  ? 98  LYS A CD  1 
ATOM   614  C CE  . LYS A 1 78  ? -21.918 5.947   -4.411  1.00 61.86  ? 98  LYS A CE  1 
ATOM   615  N NZ  . LYS A 1 78  ? -23.080 6.110   -3.478  1.00 63.63  ? 98  LYS A NZ  1 
ATOM   616  N N   . TYR A 1 79  ? -16.611 3.342   -6.739  1.00 67.80  ? 99  TYR A N   1 
ATOM   617  C CA  . TYR A 1 79  ? -15.351 4.111   -6.676  1.00 61.84  ? 99  TYR A CA  1 
ATOM   618  C C   . TYR A 1 79  ? -14.203 3.285   -7.241  1.00 67.24  ? 99  TYR A C   1 
ATOM   619  O O   . TYR A 1 79  ? -13.403 2.731   -6.490  1.00 72.24  ? 99  TYR A O   1 
ATOM   620  C CB  . TYR A 1 79  ? -15.026 4.561   -5.243  1.00 52.28  ? 99  TYR A CB  1 
ATOM   621  C CG  . TYR A 1 79  ? -16.186 5.187   -4.481  1.00 56.76  ? 99  TYR A CG  1 
ATOM   622  C CD1 . TYR A 1 79  ? -16.422 6.582   -4.484  1.00 58.46  ? 99  TYR A CD1 1 
ATOM   623  C CD2 . TYR A 1 79  ? -17.057 4.391   -3.750  1.00 59.12  ? 99  TYR A CD2 1 
ATOM   624  C CE1 . TYR A 1 79  ? -17.496 7.161   -3.765  1.00 60.20  ? 99  TYR A CE1 1 
ATOM   625  C CE2 . TYR A 1 79  ? -18.121 4.954   -3.030  1.00 67.04  ? 99  TYR A CE2 1 
ATOM   626  C CZ  . TYR A 1 79  ? -18.356 6.328   -3.042  1.00 64.93  ? 99  TYR A CZ  1 
ATOM   627  O OH  . TYR A 1 79  ? -19.459 6.799   -2.332  1.00 67.53  ? 99  TYR A OH  1 
ATOM   628  N N   . PRO A 1 80  ? -14.107 3.199   -8.576  1.00 77.37  ? 100 PRO A N   1 
ATOM   629  C CA  . PRO A 1 80  ? -13.103 2.297   -9.218  1.00 76.25  ? 100 PRO A CA  1 
ATOM   630  C C   . PRO A 1 80  ? -11.640 2.659   -8.987  1.00 77.75  ? 100 PRO A C   1 
ATOM   631  O O   . PRO A 1 80  ? -10.747 1.803   -9.173  1.00 84.40  ? 100 PRO A O   1 
ATOM   632  C CB  . PRO A 1 80  ? -13.403 2.437   -10.722 1.00 66.72  ? 100 PRO A CB  1 
ATOM   633  C CG  . PRO A 1 80  ? -14.041 3.790   -10.838 1.00 67.39  ? 100 PRO A CG  1 
ATOM   634  C CD  . PRO A 1 80  ? -14.861 3.986   -9.577  1.00 67.89  ? 100 PRO A CD  1 
ATOM   635  N N   . ASP A 1 81  ? -11.381 3.919   -8.646  1.00 69.99  ? 101 ASP A N   1 
ATOM   636  C CA  . ASP A 1 81  ? -9.988  4.317   -8.505  1.00 79.93  ? 101 ASP A CA  1 
ATOM   637  C C   . ASP A 1 81  ? -9.604  5.138   -7.261  1.00 77.24  ? 101 ASP A C   1 
ATOM   638  O O   . ASP A 1 81  ? -10.451 5.815   -6.676  1.00 66.54  ? 101 ASP A O   1 
ATOM   639  C CB  . ASP A 1 81  ? -9.396  4.841   -9.829  1.00 83.10  ? 101 ASP A CB  1 
ATOM   640  C CG  . ASP A 1 81  ? -10.313 5.773   -10.585 1.00 85.56  ? 101 ASP A CG  1 
ATOM   641  O OD1 . ASP A 1 81  ? -11.037 6.589   -9.975  1.00 92.70  ? 101 ASP A OD1 1 
ATOM   642  O OD2 . ASP A 1 81  ? -10.275 5.698   -11.822 1.00 80.37  ? 101 ASP A OD2 1 
ATOM   643  N N   . MET A 1 82  ? -8.352  4.994   -6.806  1.00 71.14  ? 102 MET A N   1 
ATOM   644  C CA  . MET A 1 82  ? -7.846  5.882   -5.778  1.00 66.54  ? 102 MET A CA  1 
ATOM   645  C C   . MET A 1 82  ? -6.760  6.760   -6.370  1.00 64.85  ? 102 MET A C   1 
ATOM   646  O O   . MET A 1 82  ? -6.013  6.343   -7.279  1.00 66.20  ? 102 MET A O   1 
ATOM   647  C CB  . MET A 1 82  ? -7.444  5.160   -4.490  1.00 63.61  ? 102 MET A CB  1 
ATOM   648  C CG  . MET A 1 82  ? -6.036  4.623   -4.464  1.00 68.49  ? 102 MET A CG  1 
ATOM   649  S SD  . MET A 1 82  ? -5.535  3.802   -2.929  1.00 72.61  ? 102 MET A SD  1 
ATOM   650  C CE  . MET A 1 82  ? -6.134  4.974   -1.747  1.00 61.45  ? 102 MET A CE  1 
ATOM   651  N N   . THR A 1 83  ? -6.734  7.993   -5.868  1.00 60.08  ? 103 THR A N   1 
ATOM   652  C CA  . THR A 1 83  ? -5.890  9.062   -6.387  1.00 59.94  ? 103 THR A CA  1 
ATOM   653  C C   . THR A 1 83  ? -5.065  9.765   -5.300  1.00 64.41  ? 103 THR A C   1 
ATOM   654  O O   . THR A 1 83  ? -5.537  10.013  -4.164  1.00 64.76  ? 103 THR A O   1 
ATOM   655  C CB  . THR A 1 83  ? -6.696  10.175  -7.126  1.00 59.22  ? 103 THR A CB  1 
ATOM   656  O OG1 . THR A 1 83  ? -7.583  10.834  -6.215  1.00 56.82  ? 103 THR A OG1 1 
ATOM   657  C CG2 . THR A 1 83  ? -7.474  9.645   -8.328  1.00 54.10  ? 103 THR A CG2 1 
ATOM   658  N N   . PHE A 1 84  ? -3.832  10.090  -5.691  1.00 67.43  ? 104 PHE A N   1 
ATOM   659  C CA  . PHE A 1 84  ? -2.949  10.958  -4.941  1.00 63.36  ? 104 PHE A CA  1 
ATOM   660  C C   . PHE A 1 84  ? -2.544  12.187  -5.750  1.00 64.76  ? 104 PHE A C   1 
ATOM   661  O O   . PHE A 1 84  ? -2.070  12.053  -6.883  1.00 70.28  ? 104 PHE A O   1 
ATOM   662  C CB  . PHE A 1 84  ? -1.684  10.222  -4.542  1.00 62.68  ? 104 PHE A CB  1 
ATOM   663  C CG  . PHE A 1 84  ? -0.761  11.075  -3.772  1.00 61.14  ? 104 PHE A CG  1 
ATOM   664  C CD1 . PHE A 1 84  ? -1.076  11.437  -2.459  1.00 64.28  ? 104 PHE A CD1 1 
ATOM   665  C CD2 . PHE A 1 84  ? 0.367   11.598  -4.365  1.00 56.28  ? 104 PHE A CD2 1 
ATOM   666  C CE1 . PHE A 1 84  ? -0.253  12.268  -1.725  1.00 59.25  ? 104 PHE A CE1 1 
ATOM   667  C CE2 . PHE A 1 84  ? 1.199   12.438  -3.640  1.00 57.03  ? 104 PHE A CE2 1 
ATOM   668  C CZ  . PHE A 1 84  ? 0.891   12.769  -2.322  1.00 60.47  ? 104 PHE A CZ  1 
ATOM   669  N N   . THR A 1 85  ? -2.673  13.362  -5.136  1.00 61.52  ? 105 THR A N   1 
ATOM   670  C CA  . THR A 1 85  ? -2.298  14.647  -5.734  1.00 59.28  ? 105 THR A CA  1 
ATOM   671  C C   . THR A 1 85  ? -1.329  15.450  -4.861  1.00 59.93  ? 105 THR A C   1 
ATOM   672  O O   . THR A 1 85  ? -1.742  15.966  -3.810  1.00 69.06  ? 105 THR A O   1 
ATOM   673  C CB  . THR A 1 85  ? -3.572  15.464  -6.036  1.00 61.15  ? 105 THR A CB  1 
ATOM   674  O OG1 . THR A 1 85  ? -4.101  14.979  -7.264  1.00 69.79  ? 105 THR A OG1 1 
ATOM   675  C CG2 . THR A 1 85  ? -3.303  16.970  -6.203  1.00 65.18  ? 105 THR A CG2 1 
ATOM   676  N N   . MET A 1 86  ? -0.068  15.577  -5.298  1.00 56.78  ? 106 MET A N   1 
ATOM   677  C CA  . MET A 1 86  ? 0.920   16.373  -4.557  1.00 61.55  ? 106 MET A CA  1 
ATOM   678  C C   . MET A 1 86  ? 0.535   17.843  -4.418  1.00 60.01  ? 106 MET A C   1 
ATOM   679  O O   . MET A 1 86  ? 0.133   18.456  -5.378  1.00 67.08  ? 106 MET A O   1 
ATOM   680  C CB  . MET A 1 86  ? 2.286   16.292  -5.187  1.00 60.38  ? 106 MET A CB  1 
ATOM   681  C CG  . MET A 1 86  ? 3.331   16.807  -4.212  1.00 66.74  ? 106 MET A CG  1 
ATOM   682  S SD  . MET A 1 86  ? 4.919   17.023  -5.012  1.00 71.44  ? 106 MET A SD  1 
ATOM   683  C CE  . MET A 1 86  ? 4.725   18.709  -5.560  1.00 60.20  ? 106 MET A CE  1 
ATOM   684  N N   . LYS A 1 87  ? 0.657   18.401  -3.225  1.00 60.31  ? 107 LYS A N   1 
ATOM   685  C CA  . LYS A 1 87  ? 0.351   19.810  -3.029  1.00 61.63  ? 107 LYS A CA  1 
ATOM   686  C C   . LYS A 1 87  ? 1.569   20.677  -2.712  1.00 64.32  ? 107 LYS A C   1 
ATOM   687  O O   . LYS A 1 87  ? 1.524   21.883  -2.909  1.00 73.55  ? 107 LYS A O   1 
ATOM   688  C CB  . LYS A 1 87  ? -0.753  19.996  -1.985  1.00 63.31  ? 107 LYS A CB  1 
ATOM   689  C CG  . LYS A 1 87  ? -2.147  19.865  -2.592  1.00 77.14  ? 107 LYS A CG  1 
ATOM   690  C CD  . LYS A 1 87  ? -3.248  19.974  -1.550  1.00 90.59  ? 107 LYS A CD  1 
ATOM   691  C CE  . LYS A 1 87  ? -3.664  21.403  -1.241  1.00 97.24  ? 107 LYS A CE  1 
ATOM   692  N NZ  . LYS A 1 87  ? -4.534  21.327  -0.040  1.00 89.23  ? 107 LYS A NZ  1 
ATOM   693  N N   . LYS A 1 88  ? 2.668   20.069  -2.272  1.00 67.73  ? 108 LYS A N   1 
ATOM   694  C CA  . LYS A 1 88  ? 3.766   20.795  -1.630  1.00 63.50  ? 108 LYS A CA  1 
ATOM   695  C C   . LYS A 1 88  ? 4.883   19.757  -1.462  1.00 67.34  ? 108 LYS A C   1 
ATOM   696  O O   . LYS A 1 88  ? 4.637   18.645  -0.958  1.00 76.58  ? 108 LYS A O   1 
ATOM   697  C CB  . LYS A 1 88  ? 3.218   21.319  -0.294  1.00 64.14  ? 108 LYS A CB  1 
ATOM   698  C CG  . LYS A 1 88  ? 4.011   22.236  0.607   1.00 64.44  ? 108 LYS A CG  1 
ATOM   699  C CD  . LYS A 1 88  ? 3.717   21.751  2.039   1.00 79.49  ? 108 LYS A CD  1 
ATOM   700  C CE  . LYS A 1 88  ? 3.804   22.825  3.118   1.00 87.87  ? 108 LYS A CE  1 
ATOM   701  N NZ  . LYS A 1 88  ? 2.595   23.676  3.283   1.00 94.80  ? 108 LYS A NZ  1 
ATOM   702  N N   . TYR A 1 89  ? 6.084   20.073  -1.951  1.00 66.65  ? 109 TYR A N   1 
ATOM   703  C CA  . TYR A 1 89  ? 7.291   19.282  -1.613  1.00 64.50  ? 109 TYR A CA  1 
ATOM   704  C C   . TYR A 1 89  ? 8.228   20.183  -0.850  1.00 64.12  ? 109 TYR A C   1 
ATOM   705  O O   . TYR A 1 89  ? 8.552   21.268  -1.307  1.00 81.51  ? 109 TYR A O   1 
ATOM   706  C CB  . TYR A 1 89  ? 7.975   18.698  -2.837  1.00 56.38  ? 109 TYR A CB  1 
ATOM   707  C CG  . TYR A 1 89  ? 9.188   17.835  -2.533  1.00 68.95  ? 109 TYR A CG  1 
ATOM   708  C CD1 . TYR A 1 89  ? 9.062   16.470  -2.277  1.00 73.73  ? 109 TYR A CD1 1 
ATOM   709  C CD2 . TYR A 1 89  ? 10.478  18.367  -2.539  1.00 74.40  ? 109 TYR A CD2 1 
ATOM   710  C CE1 . TYR A 1 89  ? 10.187  15.667  -2.025  1.00 71.66  ? 109 TYR A CE1 1 
ATOM   711  C CE2 . TYR A 1 89  ? 11.600  17.568  -2.278  1.00 70.43  ? 109 TYR A CE2 1 
ATOM   712  C CZ  . TYR A 1 89  ? 11.454  16.215  -2.024  1.00 67.06  ? 109 TYR A CZ  1 
ATOM   713  O OH  . TYR A 1 89  ? 12.568  15.433  -1.758  1.00 62.00  ? 109 TYR A OH  1 
ATOM   714  N N   . GLU A 1 90  ? 8.614   19.758  0.343   1.00 62.96  ? 110 GLU A N   1 
ATOM   715  C CA  . GLU A 1 90  ? 9.501   20.539  1.187   1.00 57.84  ? 110 GLU A CA  1 
ATOM   716  C C   . GLU A 1 90  ? 10.812  19.738  1.242   1.00 63.65  ? 110 GLU A C   1 
ATOM   717  O O   . GLU A 1 90  ? 10.835  18.684  1.893   1.00 67.44  ? 110 GLU A O   1 
ATOM   718  C CB  . GLU A 1 90  ? 8.880   20.747  2.587   1.00 58.70  ? 110 GLU A CB  1 
ATOM   719  C CG  . GLU A 1 90  ? 7.653   21.687  2.724   1.00 57.30  ? 110 GLU A CG  1 
ATOM   720  C CD  . GLU A 1 90  ? 6.886   21.492  4.053   1.00 72.15  ? 110 GLU A CD  1 
ATOM   721  O OE1 . GLU A 1 90  ? 6.754   22.466  4.828   1.00 82.40  ? 110 GLU A OE1 1 
ATOM   722  O OE2 . GLU A 1 90  ? 6.407   20.364  4.361   1.00 75.10  ? 110 GLU A OE2 1 
ATOM   723  N N   . LYS A 1 91  ? 11.866  20.201  0.531   1.00 66.37  ? 111 LYS A N   1 
ATOM   724  C CA  . LYS A 1 91  ? 13.180  19.494  0.439   1.00 66.01  ? 111 LYS A CA  1 
ATOM   725  C C   . LYS A 1 91  ? 13.906  19.449  1.786   1.00 66.96  ? 111 LYS A C   1 
ATOM   726  O O   . LYS A 1 91  ? 13.883  20.446  2.514   1.00 58.74  ? 111 LYS A O   1 
ATOM   727  C CB  . LYS A 1 91  ? 14.120  20.177  -0.563  1.00 69.85  ? 111 LYS A CB  1 
ATOM   728  C CG  . LYS A 1 91  ? 15.170  19.225  -1.162  1.00 79.72  ? 111 LYS A CG  1 
ATOM   729  C CD  . LYS A 1 91  ? 16.601  19.779  -1.181  1.00 80.73  ? 111 LYS A CD  1 
ATOM   730  C CE  . LYS A 1 91  ? 16.915  20.821  -2.273  1.00 80.25  ? 111 LYS A CE  1 
ATOM   731  N NZ  . LYS A 1 91  ? 18.359  20.839  -2.690  1.00 61.75  ? 111 LYS A NZ  1 
ATOM   732  N N   . ILE A 1 92  ? 14.527  18.319  2.145   1.00 59.93  ? 112 ILE A N   1 
ATOM   733  C CA  . ILE A 1 92  ? 15.366  18.351  3.351   1.00 60.07  ? 112 ILE A CA  1 
ATOM   734  C C   . ILE A 1 92  ? 16.783  18.473  2.847   1.00 68.07  ? 112 ILE A C   1 
ATOM   735  O O   . ILE A 1 92  ? 17.461  19.447  3.141   1.00 64.47  ? 112 ILE A O   1 
ATOM   736  C CB  . ILE A 1 92  ? 15.115  17.185  4.320   1.00 58.95  ? 112 ILE A CB  1 
ATOM   737  C CG1 . ILE A 1 92  ? 13.827  17.478  5.078   1.00 57.32  ? 112 ILE A CG1 1 
ATOM   738  C CG2 . ILE A 1 92  ? 16.237  17.008  5.355   1.00 49.04  ? 112 ILE A CG2 1 
ATOM   739  C CD1 . ILE A 1 92  ? 13.062  16.220  5.398   1.00 58.50  ? 112 ILE A CD1 1 
ATOM   740  N N   . ASP A 1 93  ? 17.211  17.499  2.059   1.00 67.18  ? 113 ASP A N   1 
ATOM   741  C CA  . ASP A 1 93  ? 18.397  17.645  1.257   1.00 62.33  ? 113 ASP A CA  1 
ATOM   742  C C   . ASP A 1 93  ? 18.172  16.857  -0.025  1.00 63.74  ? 113 ASP A C   1 
ATOM   743  O O   . ASP A 1 93  ? 17.034  16.489  -0.353  1.00 82.15  ? 113 ASP A O   1 
ATOM   744  C CB  . ASP A 1 93  ? 19.625  17.192  2.045   1.00 60.33  ? 113 ASP A CB  1 
ATOM   745  C CG  . ASP A 1 93  ? 19.538  15.741  2.506   1.00 65.93  ? 113 ASP A CG  1 
ATOM   746  O OD1 . ASP A 1 93  ? 18.933  14.871  1.796   1.00 59.98  ? 113 ASP A OD1 1 
ATOM   747  O OD2 . ASP A 1 93  ? 20.127  15.467  3.580   1.00 66.63  ? 113 ASP A OD2 1 
ATOM   748  N N   . ASN A 1 94  ? 19.247  16.591  -0.753  1.00 70.47  ? 114 ASN A N   1 
ATOM   749  C CA  . ASN A 1 94  ? 19.156  15.953  -2.068  1.00 71.79  ? 114 ASN A CA  1 
ATOM   750  C C   . ASN A 1 94  ? 18.661  14.522  -1.959  1.00 72.99  ? 114 ASN A C   1 
ATOM   751  O O   . ASN A 1 94  ? 18.196  13.977  -2.947  1.00 80.08  ? 114 ASN A O   1 
ATOM   752  C CB  . ASN A 1 94  ? 20.509  15.961  -2.802  1.00 73.44  ? 114 ASN A CB  1 
ATOM   753  C CG  . ASN A 1 94  ? 20.949  17.344  -3.291  1.00 74.65  ? 114 ASN A CG  1 
ATOM   754  O OD1 . ASN A 1 94  ? 20.280  18.380  -3.105  1.00 76.00  ? 114 ASN A OD1 1 
ATOM   755  N ND2 . ASN A 1 94  ? 22.115  17.357  -3.925  1.00 78.83  ? 114 ASN A ND2 1 
ATOM   756  N N   . GLU A 1 95  ? 18.767  13.902  -0.781  1.00 75.47  ? 115 GLU A N   1 
ATOM   757  C CA  . GLU A 1 95  ? 18.323  12.507  -0.640  1.00 77.32  ? 115 GLU A CA  1 
ATOM   758  C C   . GLU A 1 95  ? 16.936  12.363  -0.053  1.00 76.40  ? 115 GLU A C   1 
ATOM   759  O O   . GLU A 1 95  ? 16.293  11.339  -0.277  1.00 70.08  ? 115 GLU A O   1 
ATOM   760  C CB  . GLU A 1 95  ? 19.316  11.687  0.163   1.00 81.66  ? 115 GLU A CB  1 
ATOM   761  C CG  . GLU A 1 95  ? 20.502  11.254  -0.678  1.00 102.04 ? 115 GLU A CG  1 
ATOM   762  C CD  . GLU A 1 95  ? 21.659  10.674  0.123   1.00 111.15 ? 115 GLU A CD  1 
ATOM   763  O OE1 . GLU A 1 95  ? 21.851  11.074  1.302   1.00 103.79 ? 115 GLU A OE1 1 
ATOM   764  O OE2 . GLU A 1 95  ? 22.393  9.826   -0.448  1.00 112.01 ? 115 GLU A OE2 1 
ATOM   765  N N   . LYS A 1 96  ? 16.486  13.402  0.664   1.00 71.60  ? 116 LYS A N   1 
ATOM   766  C CA  . LYS A 1 96  ? 15.333  13.338  1.574   1.00 67.47  ? 116 LYS A CA  1 
ATOM   767  C C   . LYS A 1 96  ? 14.453  14.588  1.440   1.00 66.77  ? 116 LYS A C   1 
ATOM   768  O O   . LYS A 1 96  ? 14.944  15.725  1.330   1.00 67.25  ? 116 LYS A O   1 
ATOM   769  C CB  . LYS A 1 96  ? 15.782  13.115  3.074   1.00 70.54  ? 116 LYS A CB  1 
ATOM   770  C CG  . LYS A 1 96  ? 16.482  11.767  3.391   1.00 77.81  ? 116 LYS A CG  1 
ATOM   771  C CD  . LYS A 1 96  ? 16.778  11.447  4.870   1.00 93.28  ? 116 LYS A CD  1 
ATOM   772  C CE  . LYS A 1 96  ? 18.172  11.832  5.405   1.00 101.38 ? 116 LYS A CE  1 
ATOM   773  N NZ  . LYS A 1 96  ? 18.282  13.199  6.029   1.00 85.46  ? 116 LYS A NZ  1 
ATOM   774  N N   . GLY A 1 97  ? 13.141  14.376  1.455   1.00 61.52  ? 117 GLY A N   1 
ATOM   775  C CA  . GLY A 1 97  ? 12.213  15.504  1.581   1.00 62.09  ? 117 GLY A CA  1 
ATOM   776  C C   . GLY A 1 97  ? 10.855  15.037  2.042   1.00 60.81  ? 117 GLY A C   1 
ATOM   777  O O   . GLY A 1 97  ? 10.540  13.844  1.931   1.00 67.59  ? 117 GLY A O   1 
ATOM   778  N N   . LYS A 1 98  ? 10.053  15.976  2.528   1.00 52.91  ? 118 LYS A N   1 
ATOM   779  C CA  . LYS A 1 98  ? 8.702   15.726  3.019   1.00 54.94  ? 118 LYS A CA  1 
ATOM   780  C C   . LYS A 1 98  ? 7.650   16.118  1.930   1.00 55.54  ? 118 LYS A C   1 
ATOM   781  O O   . LYS A 1 98  ? 7.581   17.281  1.520   1.00 52.10  ? 118 LYS A O   1 
ATOM   782  C CB  . LYS A 1 98  ? 8.544   16.521  4.318   1.00 56.27  ? 118 LYS A CB  1 
ATOM   783  C CG  . LYS A 1 98  ? 7.338   16.264  5.190   1.00 69.36  ? 118 LYS A CG  1 
ATOM   784  C CD  . LYS A 1 98  ? 7.136   17.457  6.127   1.00 82.50  ? 118 LYS A CD  1 
ATOM   785  C CE  . LYS A 1 98  ? 6.363   17.165  7.417   1.00 78.12  ? 118 LYS A CE  1 
ATOM   786  N NZ  . LYS A 1 98  ? 5.531   18.365  7.702   1.00 68.60  ? 118 LYS A NZ  1 
ATOM   787  N N   . MET A 1 99  ? 6.865   15.139  1.440   1.00 55.59  ? 119 MET A N   1 
ATOM   788  C CA  . MET A 1 99  ? 5.800   15.384  0.432   1.00 54.19  ? 119 MET A CA  1 
ATOM   789  C C   . MET A 1 99  ? 4.409   15.485  1.046   1.00 57.22  ? 119 MET A C   1 
ATOM   790  O O   . MET A 1 99  ? 4.028   14.630  1.809   1.00 67.08  ? 119 MET A O   1 
ATOM   791  C CB  . MET A 1 99  ? 5.777   14.283  -0.599  1.00 48.76  ? 119 MET A CB  1 
ATOM   792  C CG  . MET A 1 99  ? 4.990   14.681  -1.835  1.00 52.17  ? 119 MET A CG  1 
ATOM   793  S SD  . MET A 1 99  ? 5.207   13.590  -3.269  1.00 62.23  ? 119 MET A SD  1 
ATOM   794  C CE  . MET A 1 99  ? 6.886   13.938  -3.787  1.00 65.92  ? 119 MET A CE  1 
ATOM   795  N N   . THR A 1 100 ? 3.654   16.521  0.717   1.00 54.68  ? 120 THR A N   1 
ATOM   796  C CA  . THR A 1 100 ? 2.280   16.654  1.201   1.00 56.10  ? 120 THR A CA  1 
ATOM   797  C C   . THR A 1 100 ? 1.291   16.639  0.033   1.00 61.84  ? 120 THR A C   1 
ATOM   798  O O   . THR A 1 100 ? 1.444   17.384  -0.942  1.00 64.05  ? 120 THR A O   1 
ATOM   799  C CB  . THR A 1 100 ? 2.116   17.925  2.050   1.00 56.17  ? 120 THR A CB  1 
ATOM   800  O OG1 . THR A 1 100 ? 2.992   17.832  3.173   1.00 62.82  ? 120 THR A OG1 1 
ATOM   801  C CG2 . THR A 1 100 ? 0.694   18.091  2.580   1.00 50.82  ? 120 THR A CG2 1 
ATOM   802  N N   . GLY A 1 101 ? 0.284   15.778  0.140   1.00 63.13  ? 121 GLY A N   1 
ATOM   803  C CA  . GLY A 1 101 ? -0.732  15.626  -0.893  1.00 62.14  ? 121 GLY A CA  1 
ATOM   804  C C   . GLY A 1 101 ? -2.099  15.120  -0.463  1.00 62.05  ? 121 GLY A C   1 
ATOM   805  O O   . GLY A 1 101 ? -2.346  14.812  0.694   1.00 65.79  ? 121 GLY A O   1 
ATOM   806  N N   . THR A 1 102 ? -2.999  15.047  -1.424  1.00 60.78  ? 122 THR A N   1 
ATOM   807  C CA  . THR A 1 102 ? -4.369  14.702  -1.157  1.00 56.35  ? 122 THR A CA  1 
ATOM   808  C C   . THR A 1 102 ? -4.550  13.280  -1.609  1.00 59.90  ? 122 THR A C   1 
ATOM   809  O O   . THR A 1 102 ? -4.371  12.951  -2.800  1.00 56.91  ? 122 THR A O   1 
ATOM   810  C CB  . THR A 1 102 ? -5.322  15.652  -1.908  1.00 57.90  ? 122 THR A CB  1 
ATOM   811  O OG1 . THR A 1 102 ? -5.249  16.945  -1.303  1.00 55.96  ? 122 THR A OG1 1 
ATOM   812  C CG2 . THR A 1 102 ? -6.773  15.176  -1.834  1.00 56.07  ? 122 THR A CG2 1 
ATOM   813  N N   . LEU A 1 103 ? -4.883  12.429  -0.640  1.00 59.77  ? 123 LEU A N   1 
ATOM   814  C CA  . LEU A 1 103 ? -5.247  11.060  -0.935  1.00 56.22  ? 123 LEU A CA  1 
ATOM   815  C C   . LEU A 1 103 ? -6.753  10.945  -0.937  1.00 57.96  ? 123 LEU A C   1 
ATOM   816  O O   . LEU A 1 103 ? -7.455  11.548  -0.088  1.00 54.69  ? 123 LEU A O   1 
ATOM   817  C CB  . LEU A 1 103 ? -4.643  10.113  0.078   1.00 57.61  ? 123 LEU A CB  1 
ATOM   818  C CG  . LEU A 1 103 ? -4.713  8.639   -0.345  1.00 56.62  ? 123 LEU A CG  1 
ATOM   819  C CD1 . LEU A 1 103 ? -4.065  8.393   -1.695  1.00 51.24  ? 123 LEU A CD1 1 
ATOM   820  C CD2 . LEU A 1 103 ? -4.032  7.806   0.723   1.00 54.99  ? 123 LEU A CD2 1 
ATOM   821  N N   . THR A 1 104 ? -7.251  10.200  -1.916  1.00 54.33  ? 124 THR A N   1 
ATOM   822  C CA  . THR A 1 104 ? -8.688  9.968   -2.019  1.00 58.17  ? 124 THR A CA  1 
ATOM   823  C C   . THR A 1 104 ? -8.910  8.480   -2.132  1.00 63.20  ? 124 THR A C   1 
ATOM   824  O O   . THR A 1 104 ? -8.388  7.837   -3.058  1.00 62.23  ? 124 THR A O   1 
ATOM   825  C CB  . THR A 1 104 ? -9.307  10.715  -3.211  1.00 54.67  ? 124 THR A CB  1 
ATOM   826  O OG1 . THR A 1 104 ? -9.036  12.104  -3.038  1.00 53.75  ? 124 THR A OG1 1 
ATOM   827  C CG2 . THR A 1 104 ? -10.818 10.543  -3.243  1.00 50.37  ? 124 THR A CG2 1 
ATOM   828  N N   . ILE A 1 105 ? -9.652  7.934   -1.164  1.00 67.90  ? 125 ILE A N   1 
ATOM   829  C CA  . ILE A 1 105 ? -10.029 6.502   -1.164  1.00 68.66  ? 125 ILE A CA  1 
ATOM   830  C C   . ILE A 1 105 ? -11.527 6.470   -1.062  1.00 67.20  ? 125 ILE A C   1 
ATOM   831  O O   . ILE A 1 105 ? -12.091 7.145   -0.182  1.00 63.42  ? 125 ILE A O   1 
ATOM   832  C CB  . ILE A 1 105 ? -9.453  5.695   0.018   1.00 67.30  ? 125 ILE A CB  1 
ATOM   833  C CG1 . ILE A 1 105 ? -8.027  6.146   0.356   1.00 64.53  ? 125 ILE A CG1 1 
ATOM   834  C CG2 . ILE A 1 105 ? -9.492  4.223   -0.344  1.00 80.15  ? 125 ILE A CG2 1 
ATOM   835  C CD1 . ILE A 1 105 ? -7.298  5.389   1.445   1.00 65.39  ? 125 ILE A CD1 1 
ATOM   836  N N   . ALA A 1 106 ? -12.166 5.726   -1.975  1.00 64.78  ? 126 ALA A N   1 
ATOM   837  C CA  . ALA A 1 106 ? -13.648 5.683   -2.052  1.00 62.16  ? 126 ALA A CA  1 
ATOM   838  C C   . ALA A 1 106 ? -14.325 7.038   -1.765  1.00 64.03  ? 126 ALA A C   1 
ATOM   839  O O   . ALA A 1 106 ? -15.183 7.142   -0.884  1.00 68.50  ? 126 ALA A O   1 
ATOM   840  C CB  . ALA A 1 106 ? -14.195 4.612   -1.114  1.00 62.70  ? 126 ALA A CB  1 
ATOM   841  N N   . GLY A 1 107 ? -13.895 8.085   -2.469  1.00 59.31  ? 127 GLY A N   1 
ATOM   842  C CA  . GLY A 1 107 ? -14.552 9.380   -2.367  1.00 52.30  ? 127 GLY A CA  1 
ATOM   843  C C   . GLY A 1 107 ? -14.263 10.171  -1.115  1.00 58.98  ? 127 GLY A C   1 
ATOM   844  O O   . GLY A 1 107 ? -14.726 11.309  -0.958  1.00 69.66  ? 127 GLY A O   1 
ATOM   845  N N   . VAL A 1 108 ? -13.488 9.615   -0.202  1.00 59.85  ? 128 VAL A N   1 
ATOM   846  C CA  . VAL A 1 108 ? -13.082 10.435  0.934   1.00 59.28  ? 128 VAL A CA  1 
ATOM   847  C C   . VAL A 1 108 ? -11.611 10.876  0.793   1.00 62.26  ? 128 VAL A C   1 
ATOM   848  O O   . VAL A 1 108 ? -10.719 10.081  0.371   1.00 51.92  ? 128 VAL A O   1 
ATOM   849  C CB  . VAL A 1 108 ? -13.491 9.780   2.262   1.00 62.93  ? 128 VAL A CB  1 
ATOM   850  C CG1 . VAL A 1 108 ? -13.001 8.354   2.307   1.00 80.96  ? 128 VAL A CG1 1 
ATOM   851  C CG2 . VAL A 1 108 ? -13.016 10.572  3.467   1.00 57.44  ? 128 VAL A CG2 1 
ATOM   852  N N   . SER A 1 109 ? -11.405 12.176  1.049   1.00 60.71  ? 129 SER A N   1 
ATOM   853  C CA  . SER A 1 109 ? -10.133 12.844  0.770   1.00 59.17  ? 129 SER A CA  1 
ATOM   854  C C   . SER A 1 109 ? -9.535  13.374  2.019   1.00 61.17  ? 129 SER A C   1 
ATOM   855  O O   . SER A 1 109 ? -10.225 13.985  2.824   1.00 63.56  ? 129 SER A O   1 
ATOM   856  C CB  . SER A 1 109 ? -10.315 13.998  -0.215  1.00 60.50  ? 129 SER A CB  1 
ATOM   857  O OG  . SER A 1 109 ? -10.450 13.481  -1.534  1.00 65.73  ? 129 SER A OG  1 
ATOM   858  N N   . LYS A 1 110 ? -8.241  13.137  2.181   1.00 64.22  ? 130 LYS A N   1 
ATOM   859  C CA  . LYS A 1 110 ? -7.484  13.691  3.298   1.00 63.11  ? 130 LYS A CA  1 
ATOM   860  C C   . LYS A 1 110 ? -6.053  13.986  2.826   1.00 62.55  ? 130 LYS A C   1 
ATOM   861  O O   . LYS A 1 110 ? -5.542  13.387  1.863   1.00 61.53  ? 130 LYS A O   1 
ATOM   862  C CB  . LYS A 1 110 ? -7.572  12.731  4.492   1.00 73.96  ? 130 LYS A CB  1 
ATOM   863  C CG  . LYS A 1 110 ? -6.456  12.786  5.522   1.00 84.71  ? 130 LYS A CG  1 
ATOM   864  C CD  . LYS A 1 110 ? -6.954  13.209  6.893   1.00 90.08  ? 130 LYS A CD  1 
ATOM   865  C CE  . LYS A 1 110 ? -5.786  13.490  7.817   1.00 85.23  ? 130 LYS A CE  1 
ATOM   866  N NZ  . LYS A 1 110 ? -6.298  14.177  9.029   1.00 94.99  ? 130 LYS A NZ  1 
ATOM   867  N N   . ASP A 1 111 ? -5.437  14.963  3.483   1.00 69.55  ? 131 ASP A N   1 
ATOM   868  C CA  . ASP A 1 111 ? -4.065  15.364  3.196   1.00 62.79  ? 131 ASP A CA  1 
ATOM   869  C C   . ASP A 1 111 ? -3.068  14.604  4.020   1.00 62.08  ? 131 ASP A C   1 
ATOM   870  O O   . ASP A 1 111 ? -3.120  14.621  5.247   1.00 69.26  ? 131 ASP A O   1 
ATOM   871  C CB  . ASP A 1 111 ? -3.911  16.851  3.421   1.00 64.02  ? 131 ASP A CB  1 
ATOM   872  C CG  . ASP A 1 111 ? -4.465  17.663  2.271   1.00 76.05  ? 131 ASP A CG  1 
ATOM   873  O OD1 . ASP A 1 111 ? -4.701  17.097  1.174   1.00 82.94  ? 131 ASP A OD1 1 
ATOM   874  O OD2 . ASP A 1 111 ? -4.647  18.879  2.459   1.00 76.33  ? 131 ASP A OD2 1 
ATOM   875  N N   . ILE A 1 112 ? -2.159  13.928  3.334   1.00 60.50  ? 132 ILE A N   1 
ATOM   876  C CA  . ILE A 1 112 ? -1.165  13.078  3.985   1.00 61.57  ? 132 ILE A CA  1 
ATOM   877  C C   . ILE A 1 112 ? 0.282   13.565  3.786   1.00 64.44  ? 132 ILE A C   1 
ATOM   878  O O   . ILE A 1 112 ? 0.540   14.370  2.897   1.00 69.86  ? 132 ILE A O   1 
ATOM   879  C CB  . ILE A 1 112 ? -1.373  11.609  3.573   1.00 56.85  ? 132 ILE A CB  1 
ATOM   880  C CG1 . ILE A 1 112 ? -1.203  11.420  2.069   1.00 52.63  ? 132 ILE A CG1 1 
ATOM   881  C CG2 . ILE A 1 112 ? -2.781  11.199  3.963   1.00 54.71  ? 132 ILE A CG2 1 
ATOM   882  C CD1 . ILE A 1 112 ? -0.766  10.019  1.692   1.00 50.28  ? 132 ILE A CD1 1 
ATOM   883  N N   . VAL A 1 113 ? 1.211   13.142  4.646   1.00 67.53  ? 133 VAL A N   1 
ATOM   884  C CA  . VAL A 1 113 ? 2.637   13.379  4.372   1.00 62.98  ? 133 VAL A CA  1 
ATOM   885  C C   . VAL A 1 113 ? 3.332   12.065  4.096   1.00 63.21  ? 133 VAL A C   1 
ATOM   886  O O   . VAL A 1 113 ? 3.147   11.112  4.832   1.00 73.92  ? 133 VAL A O   1 
ATOM   887  C CB  . VAL A 1 113 ? 3.412   14.197  5.447   1.00 62.07  ? 133 VAL A CB  1 
ATOM   888  C CG1 . VAL A 1 113 ? 2.693   15.498  5.800   1.00 53.45  ? 133 VAL A CG1 1 
ATOM   889  C CG2 . VAL A 1 113 ? 3.757   13.361  6.685   1.00 70.51  ? 133 VAL A CG2 1 
ATOM   890  N N   . LEU A 1 114 ? 4.100   12.021  3.011   1.00 66.21  ? 134 LEU A N   1 
ATOM   891  C CA  . LEU A 1 114 ? 4.979   10.890  2.698   1.00 63.13  ? 134 LEU A CA  1 
ATOM   892  C C   . LEU A 1 114 ? 6.447   11.307  2.770   1.00 63.98  ? 134 LEU A C   1 
ATOM   893  O O   . LEU A 1 114 ? 6.803   12.459  2.475   1.00 60.97  ? 134 LEU A O   1 
ATOM   894  C CB  . LEU A 1 114 ? 4.667   10.328  1.323   1.00 65.36  ? 134 LEU A CB  1 
ATOM   895  C CG  . LEU A 1 114 ? 3.195   9.998   1.073   1.00 65.58  ? 134 LEU A CG  1 
ATOM   896  C CD1 . LEU A 1 114 ? 2.943   9.888   -0.416  1.00 65.58  ? 134 LEU A CD1 1 
ATOM   897  C CD2 . LEU A 1 114 ? 2.792   8.716   1.770   1.00 62.72  ? 134 LEU A CD2 1 
ATOM   898  N N   . ASP A 1 115 ? 7.291   10.379  3.201   1.00 61.10  ? 135 ASP A N   1 
ATOM   899  C CA  . ASP A 1 115 ? 8.703   10.653  3.232   1.00 61.41  ? 135 ASP A CA  1 
ATOM   900  C C   . ASP A 1 115 ? 9.308   10.167  1.964   1.00 64.62  ? 135 ASP A C   1 
ATOM   901  O O   . ASP A 1 115 ? 9.300   8.952   1.653   1.00 67.42  ? 135 ASP A O   1 
ATOM   902  C CB  . ASP A 1 115 ? 9.384   10.067  4.450   1.00 63.09  ? 135 ASP A CB  1 
ATOM   903  C CG  . ASP A 1 115 ? 8.963   10.758  5.717   1.00 71.46  ? 135 ASP A CG  1 
ATOM   904  O OD1 . ASP A 1 115 ? 8.994   12.009  5.795   1.00 88.38  ? 135 ASP A OD1 1 
ATOM   905  O OD2 . ASP A 1 115 ? 8.579   10.047  6.644   1.00 69.21  ? 135 ASP A OD2 1 
ATOM   906  N N   . ALA A 1 116 ? 9.783   11.163  1.218   1.00 61.17  ? 136 ALA A N   1 
ATOM   907  C CA  . ALA A 1 116 ? 10.458  10.975  -0.039  1.00 58.83  ? 136 ALA A CA  1 
ATOM   908  C C   . ALA A 1 116 ? 11.910  10.726  0.261   1.00 62.16  ? 136 ALA A C   1 
ATOM   909  O O   . ALA A 1 116 ? 12.555  11.517  0.982   1.00 63.88  ? 136 ALA A O   1 
ATOM   910  C CB  . ALA A 1 116 ? 10.309  12.218  -0.884  1.00 60.51  ? 136 ALA A CB  1 
ATOM   911  N N   . GLU A 1 117 ? 12.396  9.614   -0.275  1.00 63.12  ? 137 GLU A N   1 
ATOM   912  C CA  . GLU A 1 117 ? 13.799  9.281   -0.263  1.00 64.37  ? 137 GLU A CA  1 
ATOM   913  C C   . GLU A 1 117 ? 14.270  9.029   -1.702  1.00 71.10  ? 137 GLU A C   1 
ATOM   914  O O   . GLU A 1 117 ? 13.801  8.084   -2.358  1.00 70.55  ? 137 GLU A O   1 
ATOM   915  C CB  . GLU A 1 117 ? 14.003  8.057   0.588   1.00 68.59  ? 137 GLU A CB  1 
ATOM   916  C CG  . GLU A 1 117 ? 15.438  7.866   1.018   1.00 93.55  ? 137 GLU A CG  1 
ATOM   917  C CD  . GLU A 1 117 ? 15.523  7.229   2.380   1.00 101.47 ? 137 GLU A CD  1 
ATOM   918  O OE1 . GLU A 1 117 ? 15.971  6.073   2.444   1.00 108.11 ? 137 GLU A OE1 1 
ATOM   919  O OE2 . GLU A 1 117 ? 15.127  7.879   3.376   1.00 113.00 ? 137 GLU A OE2 1 
ATOM   920  N N   . ILE A 1 118 ? 15.163  9.891   -2.202  1.00 76.60  ? 138 ILE A N   1 
ATOM   921  C CA  . ILE A 1 118 ? 15.725  9.720   -3.550  1.00 72.62  ? 138 ILE A CA  1 
ATOM   922  C C   . ILE A 1 118 ? 16.889  8.739   -3.526  1.00 74.79  ? 138 ILE A C   1 
ATOM   923  O O   . ILE A 1 118 ? 17.989  9.067   -3.057  1.00 85.88  ? 138 ILE A O   1 
ATOM   924  C CB  . ILE A 1 118 ? 16.165  11.033  -4.232  1.00 66.29  ? 138 ILE A CB  1 
ATOM   925  C CG1 . ILE A 1 118 ? 14.989  11.966  -4.448  1.00 58.98  ? 138 ILE A CG1 1 
ATOM   926  C CG2 . ILE A 1 118 ? 16.676  10.710  -5.621  1.00 74.10  ? 138 ILE A CG2 1 
ATOM   927  C CD1 . ILE A 1 118 ? 15.015  13.244  -3.655  1.00 61.00  ? 138 ILE A CD1 1 
ATOM   928  N N   . GLY A 1 119 ? 16.619  7.543   -4.053  1.00 79.30  ? 139 GLY A N   1 
ATOM   929  C CA  . GLY A 1 119 ? 17.601  6.454   -4.199  1.00 76.30  ? 139 GLY A CA  1 
ATOM   930  C C   . GLY A 1 119 ? 18.644  6.634   -5.302  1.00 80.44  ? 139 GLY A C   1 
ATOM   931  O O   . GLY A 1 119 ? 19.728  6.050   -5.210  1.00 81.26  ? 139 GLY A O   1 
ATOM   932  N N   . GLY A 1 120 ? 18.342  7.442   -6.325  1.00 81.70  ? 140 GLY A N   1 
ATOM   933  C CA  . GLY A 1 120 ? 19.273  7.675   -7.432  1.00 80.38  ? 140 GLY A CA  1 
ATOM   934  C C   . GLY A 1 120 ? 18.789  8.583   -8.542  1.00 85.05  ? 140 GLY A C   1 
ATOM   935  O O   . GLY A 1 120 ? 17.659  8.474   -9.002  1.00 89.77  ? 140 GLY A O   1 
ATOM   936  N N   . VAL A 1 121 ? 19.671  9.482   -8.961  1.00 81.40  ? 141 VAL A N   1 
ATOM   937  C CA  . VAL A 1 121 ? 19.417  10.452  -10.009 1.00 74.74  ? 141 VAL A CA  1 
ATOM   938  C C   . VAL A 1 121 ? 20.528  10.216  -10.979 1.00 79.79  ? 141 VAL A C   1 
ATOM   939  O O   . VAL A 1 121 ? 21.672  10.031  -10.572 1.00 94.56  ? 141 VAL A O   1 
ATOM   940  C CB  . VAL A 1 121 ? 19.516  11.875  -9.442  1.00 74.03  ? 141 VAL A CB  1 
ATOM   941  C CG1 . VAL A 1 121 ? 19.709  12.945  -10.534 1.00 73.81  ? 141 VAL A CG1 1 
ATOM   942  C CG2 . VAL A 1 121 ? 18.285  12.143  -8.595  1.00 70.99  ? 141 VAL A CG2 1 
ATOM   943  N N   . ALA A 1 122 ? 20.201  10.210  -12.261 1.00 86.28  ? 142 ALA A N   1 
ATOM   944  C CA  . ALA A 1 122 ? 21.169  9.847   -13.285 1.00 87.98  ? 142 ALA A CA  1 
ATOM   945  C C   . ALA A 1 122 ? 20.821  10.444  -14.669 1.00 93.18  ? 142 ALA A C   1 
ATOM   946  O O   . ALA A 1 122 ? 19.647  10.745  -14.952 1.00 92.78  ? 142 ALA A O   1 
ATOM   947  C CB  . ALA A 1 122 ? 21.301  8.313   -13.341 1.00 75.83  ? 142 ALA A CB  1 
ATOM   948  N N   . LYS A 1 123 ? 21.856  10.652  -15.494 1.00 96.74  ? 143 LYS A N   1 
ATOM   949  C CA  . LYS A 1 123 ? 21.711  10.716  -16.964 1.00 107.41 ? 143 LYS A CA  1 
ATOM   950  C C   . LYS A 1 123 ? 22.096  9.372   -17.561 1.00 112.62 ? 143 LYS A C   1 
ATOM   951  O O   . LYS A 1 123 ? 23.217  8.903   -17.368 1.00 129.86 ? 143 LYS A O   1 
ATOM   952  C CB  . LYS A 1 123 ? 22.541  11.838  -17.577 1.00 105.84 ? 143 LYS A CB  1 
ATOM   953  C CG  . LYS A 1 123 ? 21.663  12.928  -18.146 1.00 118.92 ? 143 LYS A CG  1 
ATOM   954  C CD  . LYS A 1 123 ? 22.410  14.206  -18.475 1.00 119.14 ? 143 LYS A CD  1 
ATOM   955  C CE  . LYS A 1 123 ? 21.445  15.145  -19.189 1.00 130.79 ? 143 LYS A CE  1 
ATOM   956  N NZ  . LYS A 1 123 ? 22.049  16.481  -19.426 1.00 144.28 ? 143 LYS A NZ  1 
ATOM   957  N N   . GLY A 1 124 ? 21.160  8.746   -18.268 1.00 123.13 ? 144 GLY A N   1 
ATOM   958  C CA  . GLY A 1 124 ? 21.282  7.335   -18.641 1.00 137.76 ? 144 GLY A CA  1 
ATOM   959  C C   . GLY A 1 124 ? 22.318  7.014   -19.700 1.00 154.69 ? 144 GLY A C   1 
ATOM   960  O O   . GLY A 1 124 ? 23.116  7.881   -20.104 1.00 138.87 ? 144 GLY A O   1 
ATOM   961  N N   . LYS A 1 125 ? 22.292  5.748   -20.133 1.00 166.40 ? 145 LYS A N   1 
ATOM   962  C CA  . LYS A 1 125 ? 23.075  5.232   -21.273 1.00 153.81 ? 145 LYS A CA  1 
ATOM   963  C C   . LYS A 1 125 ? 23.021  6.192   -22.483 1.00 146.06 ? 145 LYS A C   1 
ATOM   964  O O   . LYS A 1 125 ? 24.048  6.706   -22.944 1.00 119.03 ? 145 LYS A O   1 
ATOM   965  C CB  . LYS A 1 125 ? 22.563  3.828   -21.660 1.00 139.18 ? 145 LYS A CB  1 
ATOM   966  C CG  . LYS A 1 125 ? 22.358  2.869   -20.490 1.00 134.10 ? 145 LYS A CG  1 
ATOM   967  C CD  . LYS A 1 125 ? 23.660  2.616   -19.720 1.00 128.63 ? 145 LYS A CD  1 
ATOM   968  C CE  . LYS A 1 125 ? 23.454  1.642   -18.575 1.00 117.57 ? 145 LYS A CE  1 
ATOM   969  N NZ  . LYS A 1 125 ? 22.265  2.042   -17.772 1.00 116.34 ? 145 LYS A NZ  1 
ATOM   970  N N   . ASP A 1 126 ? 21.793  6.467   -22.917 1.00 135.26 ? 146 ASP A N   1 
ATOM   971  C CA  . ASP A 1 126 ? 21.454  7.316   -24.055 1.00 123.72 ? 146 ASP A CA  1 
ATOM   972  C C   . ASP A 1 126 ? 21.462  8.846   -23.799 1.00 119.66 ? 146 ASP A C   1 
ATOM   973  O O   . ASP A 1 126 ? 20.879  9.603   -24.580 1.00 111.96 ? 146 ASP A O   1 
ATOM   974  C CB  . ASP A 1 126 ? 20.061  6.891   -24.537 1.00 130.68 ? 146 ASP A CB  1 
ATOM   975  C CG  . ASP A 1 126 ? 19.035  6.845   -23.394 1.00 141.62 ? 146 ASP A CG  1 
ATOM   976  O OD1 . ASP A 1 126 ? 19.110  5.916   -22.551 1.00 141.08 ? 146 ASP A OD1 1 
ATOM   977  O OD2 . ASP A 1 126 ? 18.164  7.742   -23.338 1.00 136.72 ? 146 ASP A OD2 1 
ATOM   978  N N   . GLY A 1 127 ? 22.103  9.309   -22.724 1.00 113.68 ? 147 GLY A N   1 
ATOM   979  C CA  . GLY A 1 127 ? 22.055  10.740  -22.371 1.00 114.68 ? 147 GLY A CA  1 
ATOM   980  C C   . GLY A 1 127 ? 20.696  11.338  -21.959 1.00 121.71 ? 147 GLY A C   1 
ATOM   981  O O   . GLY A 1 127 ? 20.578  12.567  -21.776 1.00 109.27 ? 147 GLY A O   1 
ATOM   982  N N   . LYS A 1 128 ? 19.667  10.491  -21.816 1.00 124.47 ? 148 LYS A N   1 
ATOM   983  C CA  . LYS A 1 128 ? 18.379  10.906  -21.221 1.00 112.44 ? 148 LYS A CA  1 
ATOM   984  C C   . LYS A 1 128 ? 18.262  10.527  -19.720 1.00 115.67 ? 148 LYS A C   1 
ATOM   985  O O   . LYS A 1 128 ? 18.764  9.478   -19.281 1.00 108.43 ? 148 LYS A O   1 
ATOM   986  C CB  . LYS A 1 128 ? 17.179  10.436  -22.066 1.00 100.31 ? 148 LYS A CB  1 
ATOM   987  C CG  . LYS A 1 128 ? 16.779  11.458  -23.127 1.00 110.71 ? 148 LYS A CG  1 
ATOM   988  C CD  . LYS A 1 128 ? 15.489  11.151  -23.901 1.00 113.24 ? 148 LYS A CD  1 
ATOM   989  C CE  . LYS A 1 128 ? 14.884  12.459  -24.449 1.00 117.45 ? 148 LYS A CE  1 
ATOM   990  N NZ  . LYS A 1 128 ? 13.822  12.314  -25.499 1.00 131.82 ? 148 LYS A NZ  1 
ATOM   991  N N   . GLU A 1 129 ? 17.609  11.409  -18.956 1.00 110.90 ? 149 GLU A N   1 
ATOM   992  C CA  . GLU A 1 129 ? 17.484  11.325  -17.487 1.00 97.03  ? 149 GLU A CA  1 
ATOM   993  C C   . GLU A 1 129 ? 16.748  10.090  -16.948 1.00 90.78  ? 149 GLU A C   1 
ATOM   994  O O   . GLU A 1 129 ? 15.886  9.499   -17.616 1.00 84.00  ? 149 GLU A O   1 
ATOM   995  C CB  . GLU A 1 129 ? 16.771  12.571  -16.948 1.00 94.31  ? 149 GLU A CB  1 
ATOM   996  C CG  . GLU A 1 129 ? 17.505  13.892  -17.123 1.00 94.55  ? 149 GLU A CG  1 
ATOM   997  C CD  . GLU A 1 129 ? 18.479  14.208  -16.001 1.00 103.06 ? 149 GLU A CD  1 
ATOM   998  O OE1 . GLU A 1 129 ? 19.327  15.090  -16.248 1.00 96.17  ? 149 GLU A OE1 1 
ATOM   999  O OE2 . GLU A 1 129 ? 18.394  13.610  -14.889 1.00 110.17 ? 149 GLU A OE2 1 
ATOM   1000 N N   . LYS A 1 130 ? 17.118  9.713   -15.729 1.00 83.29  ? 150 LYS A N   1 
ATOM   1001 C CA  . LYS A 1 130 ? 16.334  8.787   -14.920 1.00 83.35  ? 150 LYS A CA  1 
ATOM   1002 C C   . LYS A 1 130 ? 16.395  9.200   -13.454 1.00 84.89  ? 150 LYS A C   1 
ATOM   1003 O O   . LYS A 1 130 ? 17.174  10.111  -13.091 1.00 84.55  ? 150 LYS A O   1 
ATOM   1004 C CB  . LYS A 1 130 ? 16.724  7.315   -15.140 1.00 79.64  ? 150 LYS A CB  1 
ATOM   1005 C CG  . LYS A 1 130 ? 18.208  7.038   -15.250 1.00 87.92  ? 150 LYS A CG  1 
ATOM   1006 C CD  . LYS A 1 130 ? 18.493  5.619   -15.722 1.00 84.27  ? 150 LYS A CD  1 
ATOM   1007 C CE  . LYS A 1 130 ? 19.998  5.392   -15.819 1.00 94.00  ? 150 LYS A CE  1 
ATOM   1008 N NZ  . LYS A 1 130 ? 20.400  3.980   -15.564 1.00 107.72 ? 150 LYS A NZ  1 
ATOM   1009 N N   . ILE A 1 131 ? 15.508  8.594   -12.654 1.00 77.65  ? 151 ILE A N   1 
ATOM   1010 C CA  . ILE A 1 131 ? 15.437  8.776   -11.189 1.00 77.99  ? 151 ILE A CA  1 
ATOM   1011 C C   . ILE A 1 131 ? 14.812  7.564   -10.595 1.00 76.96  ? 151 ILE A C   1 
ATOM   1012 O O   . ILE A 1 131 ? 13.981  6.927   -11.246 1.00 78.01  ? 151 ILE A O   1 
ATOM   1013 C CB  . ILE A 1 131 ? 14.536  9.929   -10.702 1.00 75.11  ? 151 ILE A CB  1 
ATOM   1014 C CG1 . ILE A 1 131 ? 13.184  9.853   -11.389 1.00 73.59  ? 151 ILE A CG1 1 
ATOM   1015 C CG2 . ILE A 1 131 ? 15.206  11.282  -10.879 1.00 86.03  ? 151 ILE A CG2 1 
ATOM   1016 C CD1 . ILE A 1 131 ? 12.163  10.717  -10.717 1.00 84.62  ? 151 ILE A CD1 1 
ATOM   1017 N N   . GLY A 1 132 ? 15.188  7.287   -9.344  1.00 81.37  ? 152 GLY A N   1 
ATOM   1018 C CA  . GLY A 1 132 ? 14.648  6.175   -8.555  1.00 78.83  ? 152 GLY A CA  1 
ATOM   1019 C C   . GLY A 1 132 ? 14.424  6.613   -7.123  1.00 79.06  ? 152 GLY A C   1 
ATOM   1020 O O   . GLY A 1 132 ? 15.368  6.736   -6.364  1.00 96.77  ? 152 GLY A O   1 
ATOM   1021 N N   . PHE A 1 133 ? 13.180  6.875   -6.762  1.00 73.23  ? 153 PHE A N   1 
ATOM   1022 C CA  . PHE A 1 133 ? 12.863  7.381   -5.434  1.00 72.83  ? 153 PHE A CA  1 
ATOM   1023 C C   . PHE A 1 133 ? 11.860  6.473   -4.766  1.00 75.35  ? 153 PHE A C   1 
ATOM   1024 O O   . PHE A 1 133 ? 11.250  5.618   -5.431  1.00 76.52  ? 153 PHE A O   1 
ATOM   1025 C CB  . PHE A 1 133 ? 12.294  8.796   -5.509  1.00 67.77  ? 153 PHE A CB  1 
ATOM   1026 C CG  . PHE A 1 133 ? 11.019  8.890   -6.296  1.00 68.07  ? 153 PHE A CG  1 
ATOM   1027 C CD1 . PHE A 1 133 ? 11.038  8.960   -7.686  1.00 74.64  ? 153 PHE A CD1 1 
ATOM   1028 C CD2 . PHE A 1 133 ? 9.798   8.920   -5.663  1.00 68.57  ? 153 PHE A CD2 1 
ATOM   1029 C CE1 . PHE A 1 133 ? 9.859   9.039   -8.421  1.00 72.07  ? 153 PHE A CE1 1 
ATOM   1030 C CE2 . PHE A 1 133 ? 8.612   9.006   -6.401  1.00 70.75  ? 153 PHE A CE2 1 
ATOM   1031 C CZ  . PHE A 1 133 ? 8.642   9.059   -7.782  1.00 65.23  ? 153 PHE A CZ  1 
ATOM   1032 N N   . SER A 1 134 ? 11.686  6.669   -3.456  1.00 73.26  ? 154 SER A N   1 
ATOM   1033 C CA  . SER A 1 134 ? 10.603  6.021   -2.712  1.00 69.56  ? 154 SER A CA  1 
ATOM   1034 C C   . SER A 1 134 ? 9.748   7.025   -1.914  1.00 69.08  ? 154 SER A C   1 
ATOM   1035 O O   . SER A 1 134 ? 10.230  8.098   -1.507  1.00 67.96  ? 154 SER A O   1 
ATOM   1036 C CB  . SER A 1 134 ? 11.161  4.952   -1.795  1.00 65.24  ? 154 SER A CB  1 
ATOM   1037 O OG  . SER A 1 134 ? 11.642  5.585   -0.623  1.00 73.63  ? 154 SER A OG  1 
ATOM   1038 N N   . LEU A 1 135 ? 8.478   6.662   -1.724  1.00 65.70  ? 155 LEU A N   1 
ATOM   1039 C CA  . LEU A 1 135 ? 7.544   7.416   -0.885  1.00 65.22  ? 155 LEU A CA  1 
ATOM   1040 C C   . LEU A 1 135 ? 7.002   6.485   0.179   1.00 69.58  ? 155 LEU A C   1 
ATOM   1041 O O   . LEU A 1 135 ? 6.489   5.389   -0.148  1.00 65.51  ? 155 LEU A O   1 
ATOM   1042 C CB  . LEU A 1 135 ? 6.400   7.968   -1.718  1.00 60.51  ? 155 LEU A CB  1 
ATOM   1043 C CG  . LEU A 1 135 ? 6.796   8.889   -2.864  1.00 62.80  ? 155 LEU A CG  1 
ATOM   1044 C CD1 . LEU A 1 135 ? 5.542   9.233   -3.637  1.00 59.95  ? 155 LEU A CD1 1 
ATOM   1045 C CD2 . LEU A 1 135 ? 7.466   10.168  -2.377  1.00 62.60  ? 155 LEU A CD2 1 
ATOM   1046 N N   . ASN A 1 136 ? 7.145   6.906   1.444   1.00 67.14  ? 156 ASN A N   1 
ATOM   1047 C CA  . ASN A 1 136 ? 6.775   6.082   2.612   1.00 62.59  ? 156 ASN A CA  1 
ATOM   1048 C C   . ASN A 1 136 ? 5.962   6.892   3.576   1.00 65.75  ? 156 ASN A C   1 
ATOM   1049 O O   . ASN A 1 136 ? 6.217   8.087   3.726   1.00 71.33  ? 156 ASN A O   1 
ATOM   1050 C CB  . ASN A 1 136 ? 8.005   5.575   3.351   1.00 63.80  ? 156 ASN A CB  1 
ATOM   1051 C CG  . ASN A 1 136 ? 8.847   4.647   2.505   1.00 74.75  ? 156 ASN A CG  1 
ATOM   1052 O OD1 . ASN A 1 136 ? 8.619   3.433   2.454   1.00 73.50  ? 156 ASN A OD1 1 
ATOM   1053 N ND2 . ASN A 1 136 ? 9.842   5.221   1.830   1.00 86.47  ? 156 ASN A ND2 1 
ATOM   1054 N N   . GLY A 1 137 ? 4.994   6.244   4.231   1.00 62.57  ? 157 GLY A N   1 
ATOM   1055 C CA  . GLY A 1 137 ? 4.141   6.886   5.235   1.00 57.48  ? 157 GLY A CA  1 
ATOM   1056 C C   . GLY A 1 137 ? 3.033   5.980   5.725   1.00 59.78  ? 157 GLY A C   1 
ATOM   1057 O O   . GLY A 1 137 ? 2.682   5.006   5.064   1.00 63.81  ? 157 GLY A O   1 
ATOM   1058 N N   . LYS A 1 138 ? 2.509   6.302   6.905   1.00 61.51  ? 158 LYS A N   1 
ATOM   1059 C CA  . LYS A 1 138 ? 1.428   5.563   7.546   1.00 60.35  ? 158 LYS A CA  1 
ATOM   1060 C C   . LYS A 1 138 ? 0.125   6.386   7.386   1.00 61.44  ? 158 LYS A C   1 
ATOM   1061 O O   . LYS A 1 138 ? 0.085   7.546   7.778   1.00 64.78  ? 158 LYS A O   1 
ATOM   1062 C CB  . LYS A 1 138 ? 1.767   5.246   9.048   1.00 51.48  ? 158 LYS A CB  1 
ATOM   1063 N N   . ILE A 1 139 ? -0.925  5.810   6.792   1.00 62.08  ? 159 ILE A N   1 
ATOM   1064 C CA  . ILE A 1 139 ? -2.289  6.416   6.817   1.00 63.65  ? 159 ILE A CA  1 
ATOM   1065 C C   . ILE A 1 139 ? -3.210  5.610   7.747   1.00 69.83  ? 159 ILE A C   1 
ATOM   1066 O O   . ILE A 1 139 ? -3.004  4.383   7.919   1.00 74.44  ? 159 ILE A O   1 
ATOM   1067 C CB  . ILE A 1 139 ? -2.915  6.559   5.402   1.00 58.52  ? 159 ILE A CB  1 
ATOM   1068 C CG1 . ILE A 1 139 ? -2.968  5.227   4.657   1.00 60.27  ? 159 ILE A CG1 1 
ATOM   1069 C CG2 . ILE A 1 139 ? -2.067  7.477   4.550   1.00 58.33  ? 159 ILE A CG2 1 
ATOM   1070 C CD1 . ILE A 1 139 ? -3.937  5.232   3.496   1.00 62.83  ? 159 ILE A CD1 1 
ATOM   1071 N N   . LYS A 1 140 ? -4.204  6.280   8.340   1.00 64.53  ? 160 LYS A N   1 
ATOM   1072 C CA  . LYS A 1 140 ? -5.193  5.592   9.201   1.00 62.43  ? 160 LYS A CA  1 
ATOM   1073 C C   . LYS A 1 140 ? -6.529  5.267   8.497   1.00 63.24  ? 160 LYS A C   1 
ATOM   1074 O O   . LYS A 1 140 ? -7.251  6.182   8.097   1.00 69.85  ? 160 LYS A O   1 
ATOM   1075 C CB  . LYS A 1 140 ? -5.504  6.422   10.448  1.00 60.28  ? 160 LYS A CB  1 
ATOM   1076 C CG  . LYS A 1 140 ? -4.332  6.748   11.334  1.00 62.25  ? 160 LYS A CG  1 
ATOM   1077 C CD  . LYS A 1 140 ? -4.752  6.748   12.789  1.00 71.82  ? 160 LYS A CD  1 
ATOM   1078 C CE  . LYS A 1 140 ? -4.917  8.140   13.368  1.00 76.04  ? 160 LYS A CE  1 
ATOM   1079 N NZ  . LYS A 1 140 ? -3.855  8.317   14.401  1.00 90.48  ? 160 LYS A NZ  1 
ATOM   1080 N N   . ARG A 1 141 ? -6.866  3.980   8.362   1.00 67.55  ? 161 ARG A N   1 
ATOM   1081 C CA  . ARG A 1 141 ? -8.217  3.518   7.932   1.00 58.91  ? 161 ARG A CA  1 
ATOM   1082 C C   . ARG A 1 141 ? -9.314  4.454   8.457   1.00 59.70  ? 161 ARG A C   1 
ATOM   1083 O O   . ARG A 1 141 ? -10.163 4.928   7.696   1.00 58.84  ? 161 ARG A O   1 
ATOM   1084 C CB  . ARG A 1 141 ? -8.470  2.067   8.387   1.00 55.52  ? 161 ARG A CB  1 
ATOM   1085 C CG  . ARG A 1 141 ? -7.958  0.987   7.423   1.00 63.29  ? 161 ARG A CG  1 
ATOM   1086 C CD  . ARG A 1 141 ? -8.178  -0.439  7.933   1.00 60.75  ? 161 ARG A CD  1 
ATOM   1087 N NE  . ARG A 1 141 ? -9.437  -0.520  8.670   1.00 75.36  ? 161 ARG A NE  1 
ATOM   1088 C CZ  . ARG A 1 141 ? -9.665  -1.232  9.770   1.00 80.67  ? 161 ARG A CZ  1 
ATOM   1089 N NH1 . ARG A 1 141 ? -8.735  -1.985  10.318  1.00 92.76  ? 161 ARG A NH1 1 
ATOM   1090 N NH2 . ARG A 1 141 ? -10.852 -1.183  10.336  1.00 89.65  ? 161 ARG A NH2 1 
ATOM   1091 N N   . SER A 1 142 ? -9.256  4.775   9.750   1.00 57.75  ? 162 SER A N   1 
ATOM   1092 C CA  . SER A 1 142 ? -10.307 5.582   10.358  1.00 60.84  ? 162 SER A CA  1 
ATOM   1093 C C   . SER A 1 142 ? -10.417 6.974   9.760   1.00 62.13  ? 162 SER A C   1 
ATOM   1094 O O   . SER A 1 142 ? -11.500 7.517   9.687   1.00 67.29  ? 162 SER A O   1 
ATOM   1095 C CB  . SER A 1 142 ? -10.165 5.649   11.887  1.00 59.05  ? 162 SER A CB  1 
ATOM   1096 O OG  . SER A 1 142 ? -9.043  6.413   12.303  1.00 58.39  ? 162 SER A OG  1 
ATOM   1097 N N   . ASP A 1 143 ? -9.288  7.547   9.348   1.00 72.01  ? 163 ASP A N   1 
ATOM   1098 C CA  . ASP A 1 143 ? -9.235  8.895   8.777   1.00 70.56  ? 163 ASP A CA  1 
ATOM   1099 C C   . ASP A 1 143 ? -9.982  8.964   7.439   1.00 66.86  ? 163 ASP A C   1 
ATOM   1100 O O   . ASP A 1 143 ? -10.424 10.024  7.039   1.00 63.43  ? 163 ASP A O   1 
ATOM   1101 C CB  . ASP A 1 143 ? -7.780  9.325   8.551   1.00 82.44  ? 163 ASP A CB  1 
ATOM   1102 C CG  . ASP A 1 143 ? -7.101  9.859   9.802   1.00 80.44  ? 163 ASP A CG  1 
ATOM   1103 O OD1 . ASP A 1 143 ? -7.767  10.413  10.693  1.00 74.48  ? 163 ASP A OD1 1 
ATOM   1104 O OD2 . ASP A 1 143 ? -5.868  9.742   9.865   1.00 84.33  ? 163 ASP A OD2 1 
ATOM   1105 N N   . PHE A 1 144 ? -10.123 7.827   6.772   1.00 61.08  ? 164 PHE A N   1 
ATOM   1106 C CA  . PHE A 1 144 ? -10.797 7.752   5.496   1.00 63.09  ? 164 PHE A CA  1 
ATOM   1107 C C   . PHE A 1 144 ? -12.117 7.032   5.601   1.00 65.57  ? 164 PHE A C   1 
ATOM   1108 O O   . PHE A 1 144 ? -12.654 6.633   4.565   1.00 64.98  ? 164 PHE A O   1 
ATOM   1109 C CB  . PHE A 1 144 ? -9.923  6.964   4.514   1.00 67.04  ? 164 PHE A CB  1 
ATOM   1110 C CG  . PHE A 1 144 ? -8.714  7.705   4.083   1.00 70.10  ? 164 PHE A CG  1 
ATOM   1111 C CD1 . PHE A 1 144 ? -7.587  7.752   4.899   1.00 64.47  ? 164 PHE A CD1 1 
ATOM   1112 C CD2 . PHE A 1 144 ? -8.722  8.413   2.878   1.00 69.56  ? 164 PHE A CD2 1 
ATOM   1113 C CE1 . PHE A 1 144 ? -6.477  8.465   4.508   1.00 68.51  ? 164 PHE A CE1 1 
ATOM   1114 C CE2 . PHE A 1 144 ? -7.609  9.125   2.475   1.00 68.78  ? 164 PHE A CE2 1 
ATOM   1115 C CZ  . PHE A 1 144 ? -6.489  9.151   3.294   1.00 74.16  ? 164 PHE A CZ  1 
ATOM   1116 N N   . LYS A 1 145 ? -12.607 6.821   6.834   1.00 64.05  ? 165 LYS A N   1 
ATOM   1117 C CA  . LYS A 1 145 ? -13.776 5.947   7.127   1.00 62.46  ? 165 LYS A CA  1 
ATOM   1118 C C   . LYS A 1 145 ? -13.771 4.659   6.258   1.00 62.98  ? 165 LYS A C   1 
ATOM   1119 O O   . LYS A 1 145 ? -14.802 4.241   5.710   1.00 69.01  ? 165 LYS A O   1 
ATOM   1120 C CB  . LYS A 1 145 ? -15.092 6.726   7.002   1.00 62.18  ? 165 LYS A CB  1 
ATOM   1121 C CG  . LYS A 1 145 ? -15.109 8.004   7.815   1.00 64.62  ? 165 LYS A CG  1 
ATOM   1122 C CD  . LYS A 1 145 ? -15.980 7.936   9.071   1.00 75.15  ? 165 LYS A CD  1 
ATOM   1123 C CE  . LYS A 1 145 ? -16.347 9.356   9.531   1.00 83.34  ? 165 LYS A CE  1 
ATOM   1124 N NZ  . LYS A 1 145 ? -16.640 10.321  8.390   1.00 78.83  ? 165 LYS A NZ  1 
ATOM   1125 N N   . PHE A 1 146 ? -12.582 4.069   6.110   1.00 55.61  ? 166 PHE A N   1 
ATOM   1126 C CA  . PHE A 1 146 ? -12.387 2.915   5.263   1.00 61.07  ? 166 PHE A CA  1 
ATOM   1127 C C   . PHE A 1 146 ? -12.537 1.588   6.010   1.00 72.01  ? 166 PHE A C   1 
ATOM   1128 O O   . PHE A 1 146 ? -11.931 1.387   7.086   1.00 79.27  ? 166 PHE A O   1 
ATOM   1129 C CB  . PHE A 1 146 ? -11.021 2.984   4.613   1.00 58.92  ? 166 PHE A CB  1 
ATOM   1130 C CG  . PHE A 1 146 ? -10.692 1.786   3.772   1.00 58.50  ? 166 PHE A CG  1 
ATOM   1131 C CD1 . PHE A 1 146 ? -11.147 1.696   2.461   1.00 60.73  ? 166 PHE A CD1 1 
ATOM   1132 C CD2 . PHE A 1 146 ? -9.923  0.738   4.291   1.00 57.31  ? 166 PHE A CD2 1 
ATOM   1133 C CE1 . PHE A 1 146 ? -10.840 0.592   1.658   1.00 64.06  ? 166 PHE A CE1 1 
ATOM   1134 C CE2 . PHE A 1 146 ? -9.609  -0.364  3.498   1.00 60.24  ? 166 PHE A CE2 1 
ATOM   1135 C CZ  . PHE A 1 146 ? -10.066 -0.437  2.176   1.00 63.46  ? 166 PHE A CZ  1 
ATOM   1136 N N   . ALA A 1 147 ? -13.306 0.687   5.390   1.00 68.73  ? 167 ALA A N   1 
ATOM   1137 C CA  . ALA A 1 147 ? -13.700 -0.620  5.948   1.00 75.80  ? 167 ALA A CA  1 
ATOM   1138 C C   . ALA A 1 147 ? -14.304 -0.525  7.347   1.00 79.15  ? 167 ALA A C   1 
ATOM   1139 O O   . ALA A 1 147 ? -13.970 -1.361  8.191   1.00 84.33  ? 167 ALA A O   1 
ATOM   1140 C CB  . ALA A 1 147 ? -12.539 -1.626  5.920   1.00 63.33  ? 167 ALA A CB  1 
ATOM   1141 N N   . THR A 1 148 ? -15.179 0.477   7.579   1.00 72.19  ? 168 THR A N   1 
ATOM   1142 C CA  . THR A 1 148 ? -15.735 0.784   8.935   1.00 74.39  ? 168 THR A CA  1 
ATOM   1143 C C   . THR A 1 148 ? -16.317 -0.428  9.670   1.00 76.82  ? 168 THR A C   1 
ATOM   1144 O O   . THR A 1 148 ? -16.175 -0.511  10.877  1.00 71.15  ? 168 THR A O   1 
ATOM   1145 C CB  . THR A 1 148 ? -16.782 1.942   8.987   1.00 75.53  ? 168 THR A CB  1 
ATOM   1146 O OG1 . THR A 1 148 ? -17.553 1.983   7.765   1.00 103.96 ? 168 THR A OG1 1 
ATOM   1147 C CG2 . THR A 1 148 ? -16.121 3.311   9.259   1.00 73.38  ? 168 THR A CG2 1 
ATOM   1148 N N   . SER A 1 149 ? -16.958 -1.351  8.936   1.00 90.34  ? 169 SER A N   1 
ATOM   1149 C CA  . SER A 1 149 ? -17.467 -2.632  9.469   1.00 81.51  ? 169 SER A CA  1 
ATOM   1150 C C   . SER A 1 149 ? -16.388 -3.480  10.205  1.00 84.33  ? 169 SER A C   1 
ATOM   1151 O O   . SER A 1 149 ? -16.646 -4.005  11.295  1.00 85.63  ? 169 SER A O   1 
ATOM   1152 C CB  . SER A 1 149 ? -18.128 -3.443  8.347   1.00 78.62  ? 169 SER A CB  1 
ATOM   1153 O OG  . SER A 1 149 ? -17.204 -3.653  7.287   1.00 95.00  ? 169 SER A OG  1 
ATOM   1154 N N   . THR A 1 150 ? -15.185 -3.593  9.625   1.00 81.29  ? 170 THR A N   1 
ATOM   1155 C CA  . THR A 1 150 ? -14.054 -4.330  10.249  1.00 71.29  ? 170 THR A CA  1 
ATOM   1156 C C   . THR A 1 150 ? -13.406 -3.606  11.438  1.00 70.05  ? 170 THR A C   1 
ATOM   1157 O O   . THR A 1 150 ? -13.017 -2.453  11.330  1.00 77.39  ? 170 THR A O   1 
ATOM   1158 C CB  . THR A 1 150 ? -12.961 -4.592  9.225   1.00 66.15  ? 170 THR A CB  1 
ATOM   1159 O OG1 . THR A 1 150 ? -13.547 -5.037  7.983   1.00 63.63  ? 170 THR A OG1 1 
ATOM   1160 C CG2 . THR A 1 150 ? -11.977 -5.596  9.770   1.00 67.43  ? 170 THR A CG2 1 
ATOM   1161 N N   . SER A 1 151 ? -13.307 -4.284  12.575  1.00 82.55  ? 171 SER A N   1 
ATOM   1162 C CA  . SER A 1 151 ? -12.774 -3.692  13.813  1.00 85.13  ? 171 SER A CA  1 
ATOM   1163 C C   . SER A 1 151 ? -11.283 -3.406  13.712  1.00 80.82  ? 171 SER A C   1 
ATOM   1164 O O   . SER A 1 151 ? -10.538 -4.129  13.008  1.00 75.20  ? 171 SER A O   1 
ATOM   1165 C CB  . SER A 1 151 ? -13.006 -4.649  14.976  1.00 90.49  ? 171 SER A CB  1 
ATOM   1166 O OG  . SER A 1 151 ? -12.485 -4.140  16.175  1.00 101.44 ? 171 SER A OG  1 
ATOM   1167 N N   . THR A 1 152 ? -10.848 -2.375  14.435  1.00 70.72  ? 172 THR A N   1 
ATOM   1168 C CA  . THR A 1 152 ? -9.409  -2.061  14.510  1.00 75.27  ? 172 THR A CA  1 
ATOM   1169 C C   . THR A 1 152 ? -8.565  -3.174  15.213  1.00 81.89  ? 172 THR A C   1 
ATOM   1170 O O   . THR A 1 152 ? -7.321  -3.155  15.161  1.00 97.66  ? 172 THR A O   1 
ATOM   1171 C CB  . THR A 1 152 ? -9.136  -0.692  15.155  1.00 67.73  ? 172 THR A CB  1 
ATOM   1172 O OG1 . THR A 1 152 ? -9.712  -0.669  16.450  1.00 75.12  ? 172 THR A OG1 1 
ATOM   1173 C CG2 . THR A 1 152 ? -9.738  0.426   14.362  1.00 73.90  ? 172 THR A CG2 1 
ATOM   1174 N N   . ILE A 1 153 ? -9.245  -4.145  15.830  1.00 73.64  ? 173 ILE A N   1 
ATOM   1175 C CA  . ILE A 1 153 ? -8.610  -5.327  16.403  1.00 69.28  ? 173 ILE A CA  1 
ATOM   1176 C C   . ILE A 1 153 ? -8.217  -6.355  15.346  1.00 71.53  ? 173 ILE A C   1 
ATOM   1177 O O   . ILE A 1 153 ? -7.037  -6.652  15.228  1.00 86.07  ? 173 ILE A O   1 
ATOM   1178 C CB  . ILE A 1 153 ? -9.487  -5.976  17.468  1.00 71.06  ? 173 ILE A CB  1 
ATOM   1179 C CG1 . ILE A 1 153 ? -9.789  -4.957  18.573  1.00 75.42  ? 173 ILE A CG1 1 
ATOM   1180 C CG2 . ILE A 1 153 ? -8.775  -7.181  18.057  1.00 75.14  ? 173 ILE A CG2 1 
ATOM   1181 C CD1 . ILE A 1 153 ? -10.981 -5.310  19.448  1.00 74.34  ? 173 ILE A CD1 1 
ATOM   1182 N N   . THR A 1 154 ? -9.187  -6.886  14.596  1.00 75.79  ? 174 THR A N   1 
ATOM   1183 C CA  . THR A 1 154 ? -8.957  -7.855  13.493  1.00 77.03  ? 174 THR A CA  1 
ATOM   1184 C C   . THR A 1 154 ? -7.934  -7.367  12.441  1.00 78.32  ? 174 THR A C   1 
ATOM   1185 O O   . THR A 1 154 ? -7.063  -8.129  11.991  1.00 73.11  ? 174 THR A O   1 
ATOM   1186 C CB  . THR A 1 154 ? -10.306 -8.194  12.799  1.00 80.97  ? 174 THR A CB  1 
ATOM   1187 O OG1 . THR A 1 154 ? -11.213 -8.668  13.794  1.00 88.84  ? 174 THR A OG1 1 
ATOM   1188 C CG2 . THR A 1 154 ? -10.172 -9.246  11.601  1.00 77.41  ? 174 THR A CG2 1 
ATOM   1189 N N   . LEU A 1 155 ? -8.076  -6.097  12.054  1.00 79.67  ? 175 LEU A N   1 
ATOM   1190 C CA  . LEU A 1 155 ? -7.266  -5.451  11.012  1.00 69.22  ? 175 LEU A CA  1 
ATOM   1191 C C   . LEU A 1 155 ? -6.810  -4.124  11.572  1.00 70.93  ? 175 LEU A C   1 
ATOM   1192 O O   . LEU A 1 155 ? -7.605  -3.388  12.166  1.00 72.30  ? 175 LEU A O   1 
ATOM   1193 C CB  . LEU A 1 155 ? -8.114  -5.226  9.790   1.00 60.08  ? 175 LEU A CB  1 
ATOM   1194 C CG  . LEU A 1 155 ? -7.542  -4.722  8.493   1.00 63.54  ? 175 LEU A CG  1 
ATOM   1195 C CD1 . LEU A 1 155 ? -6.767  -5.785  7.744   1.00 60.86  ? 175 LEU A CD1 1 
ATOM   1196 C CD2 . LEU A 1 155 ? -8.721  -4.283  7.642   1.00 66.66  ? 175 LEU A CD2 1 
ATOM   1197 N N   . SER A 1 156 ? -5.521  -3.843  11.419  1.00 66.66  ? 176 SER A N   1 
ATOM   1198 C CA  . SER A 1 156 ? -4.909  -2.659  11.995  1.00 65.74  ? 176 SER A CA  1 
ATOM   1199 C C   . SER A 1 156 ? -5.592  -1.396  11.453  1.00 63.40  ? 176 SER A C   1 
ATOM   1200 O O   . SER A 1 156 ? -6.009  -1.364  10.285  1.00 61.29  ? 176 SER A O   1 
ATOM   1201 C CB  . SER A 1 156 ? -3.425  -2.645  11.621  1.00 68.76  ? 176 SER A CB  1 
ATOM   1202 O OG  . SER A 1 156 ? -2.810  -1.500  12.161  1.00 79.88  ? 176 SER A OG  1 
ATOM   1203 N N   . ASP A 1 157 ? -5.697  -0.356  12.270  1.00 60.72  ? 177 ASP A N   1 
ATOM   1204 C CA  . ASP A 1 157 ? -6.135  0.944   11.742  1.00 61.28  ? 177 ASP A CA  1 
ATOM   1205 C C   . ASP A 1 157 ? -5.057  1.577   10.838  1.00 67.64  ? 177 ASP A C   1 
ATOM   1206 O O   . ASP A 1 157 ? -5.378  2.411   9.996   1.00 71.87  ? 177 ASP A O   1 
ATOM   1207 C CB  . ASP A 1 157 ? -6.536  1.903   12.866  1.00 57.65  ? 177 ASP A CB  1 
ATOM   1208 C CG  . ASP A 1 157 ? -7.354  3.097   12.371  1.00 64.05  ? 177 ASP A CG  1 
ATOM   1209 O OD1 . ASP A 1 157 ? -8.130  2.989   11.384  1.00 71.67  ? 177 ASP A OD1 1 
ATOM   1210 O OD2 . ASP A 1 157 ? -7.237  4.164   12.992  1.00 62.46  ? 177 ASP A OD2 1 
ATOM   1211 N N   . ASP A 1 158 ? -3.794  1.151   10.997  1.00 70.20  ? 178 ASP A N   1 
ATOM   1212 C CA  . ASP A 1 158 ? -2.667  1.714   10.244  1.00 67.13  ? 178 ASP A CA  1 
ATOM   1213 C C   . ASP A 1 158 ? -2.370  0.928   9.002   1.00 66.68  ? 178 ASP A C   1 
ATOM   1214 O O   . ASP A 1 158 ? -2.162  -0.302  9.071   1.00 74.48  ? 178 ASP A O   1 
ATOM   1215 C CB  . ASP A 1 158 ? -1.406  1.823   11.112  1.00 70.74  ? 178 ASP A CB  1 
ATOM   1216 C CG  . ASP A 1 158 ? -1.612  2.724   12.315  1.00 85.77  ? 178 ASP A CG  1 
ATOM   1217 O OD1 . ASP A 1 158 ? -1.670  3.968   12.166  1.00 95.33  ? 178 ASP A OD1 1 
ATOM   1218 O OD2 . ASP A 1 158 ? -1.744  2.180   13.422  1.00 88.22  ? 178 ASP A OD2 1 
ATOM   1219 N N   . ILE A 1 159 ? -2.362  1.646   7.874   1.00 66.56  ? 179 ILE A N   1 
ATOM   1220 C CA  . ILE A 1 159 ? -1.827  1.140   6.601   1.00 62.75  ? 179 ILE A CA  1 
ATOM   1221 C C   . ILE A 1 159 ? -0.474  1.790   6.356   1.00 62.65  ? 179 ILE A C   1 
ATOM   1222 O O   . ILE A 1 159 ? -0.327  2.993   6.542   1.00 59.39  ? 179 ILE A O   1 
ATOM   1223 C CB  . ILE A 1 159 ? -2.759  1.444   5.413   1.00 59.62  ? 179 ILE A CB  1 
ATOM   1224 C CG1 . ILE A 1 159 ? -4.184  0.996   5.719   1.00 65.55  ? 179 ILE A CG1 1 
ATOM   1225 C CG2 . ILE A 1 159 ? -2.293  0.676   4.199   1.00 58.25  ? 179 ILE A CG2 1 
ATOM   1226 C CD1 . ILE A 1 159 ? -5.231  1.461   4.732   1.00 72.95  ? 179 ILE A CD1 1 
ATOM   1227 N N   . ASN A 1 160 ? 0.510   0.995   5.957   1.00 67.75  ? 180 ASN A N   1 
ATOM   1228 C CA  . ASN A 1 160 ? 1.862   1.508   5.696   1.00 75.16  ? 180 ASN A CA  1 
ATOM   1229 C C   . ASN A 1 160 ? 2.116   1.546   4.219   1.00 72.45  ? 180 ASN A C   1 
ATOM   1230 O O   . ASN A 1 160 ? 2.189   0.502   3.584   1.00 79.13  ? 180 ASN A O   1 
ATOM   1231 C CB  . ASN A 1 160 ? 2.948   0.640   6.364   1.00 81.25  ? 180 ASN A CB  1 
ATOM   1232 C CG  . ASN A 1 160 ? 3.253   1.051   7.802   1.00 86.46  ? 180 ASN A CG  1 
ATOM   1233 O OD1 . ASN A 1 160 ? 3.070   2.205   8.222   1.00 95.55  ? 180 ASN A OD1 1 
ATOM   1234 N ND2 . ASN A 1 160 ? 3.731   0.091   8.568   1.00 110.65 ? 180 ASN A ND2 1 
ATOM   1235 N N   . LEU A 1 161 ? 2.276   2.744   3.677   1.00 72.00  ? 181 LEU A N   1 
ATOM   1236 C CA  . LEU A 1 161 ? 2.525   2.922   2.239   1.00 69.28  ? 181 LEU A CA  1 
ATOM   1237 C C   . LEU A 1 161 ? 4.006   2.825   1.913   1.00 68.91  ? 181 LEU A C   1 
ATOM   1238 O O   . LEU A 1 161 ? 4.844   3.488   2.535   1.00 72.89  ? 181 LEU A O   1 
ATOM   1239 C CB  . LEU A 1 161 ? 1.960   4.261   1.773   1.00 66.63  ? 181 LEU A CB  1 
ATOM   1240 C CG  . LEU A 1 161 ? 0.557   4.528   2.275   1.00 65.62  ? 181 LEU A CG  1 
ATOM   1241 C CD1 . LEU A 1 161 ? 0.079   5.908   1.918   1.00 66.10  ? 181 LEU A CD1 1 
ATOM   1242 C CD2 . LEU A 1 161 ? -0.321  3.471   1.653   1.00 72.03  ? 181 LEU A CD2 1 
ATOM   1243 N N   . ASN A 1 162 ? 4.335   1.958   0.970   1.00 70.59  ? 182 ASN A N   1 
ATOM   1244 C CA  . ASN A 1 162 ? 5.677   1.930   0.429   1.00 74.57  ? 182 ASN A CA  1 
ATOM   1245 C C   . ASN A 1 162 ? 5.613   1.939   -1.123  1.00 79.02  ? 182 ASN A C   1 
ATOM   1246 O O   . ASN A 1 162 ? 5.356   0.898   -1.761  1.00 81.47  ? 182 ASN A O   1 
ATOM   1247 C CB  . ASN A 1 162 ? 6.476   0.762   1.028   1.00 81.81  ? 182 ASN A CB  1 
ATOM   1248 C CG  . ASN A 1 162 ? 7.788   0.514   0.293   1.00 95.38  ? 182 ASN A CG  1 
ATOM   1249 O OD1 . ASN A 1 162 ? 7.915   -0.477  -0.415  1.00 116.84 ? 182 ASN A OD1 1 
ATOM   1250 N ND2 . ASN A 1 162 ? 8.752   1.430   0.423   1.00 93.67  ? 182 ASN A ND2 1 
ATOM   1251 N N   . ILE A 1 163 ? 5.795   3.135   -1.700  1.00 71.91  ? 183 ILE A N   1 
ATOM   1252 C CA  . ILE A 1 163 ? 5.777   3.356   -3.161  1.00 69.39  ? 183 ILE A CA  1 
ATOM   1253 C C   . ILE A 1 163 ? 7.215   3.412   -3.607  1.00 74.96  ? 183 ILE A C   1 
ATOM   1254 O O   . ILE A 1 163 ? 7.947   4.333   -3.237  1.00 82.63  ? 183 ILE A O   1 
ATOM   1255 C CB  . ILE A 1 163 ? 5.148   4.717   -3.568  1.00 65.27  ? 183 ILE A CB  1 
ATOM   1256 C CG1 . ILE A 1 163 ? 3.904   5.067   -2.741  1.00 64.00  ? 183 ILE A CG1 1 
ATOM   1257 C CG2 . ILE A 1 163 ? 4.865   4.771   -5.058  1.00 55.38  ? 183 ILE A CG2 1 
ATOM   1258 C CD1 . ILE A 1 163 ? 2.818   4.021   -2.737  1.00 70.83  ? 183 ILE A CD1 1 
ATOM   1259 N N   . GLU A 1 164 ? 7.614   2.420   -4.391  1.00 77.33  ? 184 GLU A N   1 
ATOM   1260 C CA  . GLU A 1 164 ? 8.972   2.307   -4.895  1.00 81.83  ? 184 GLU A CA  1 
ATOM   1261 C C   . GLU A 1 164 ? 8.938   2.600   -6.407  1.00 83.84  ? 184 GLU A C   1 
ATOM   1262 O O   . GLU A 1 164 ? 8.268   1.885   -7.145  1.00 86.06  ? 184 GLU A O   1 
ATOM   1263 C CB  . GLU A 1 164 ? 9.499   0.902   -4.585  1.00 88.82  ? 184 GLU A CB  1 
ATOM   1264 C CG  . GLU A 1 164 ? 11.011  0.768   -4.604  1.00 107.99 ? 184 GLU A CG  1 
ATOM   1265 C CD  . GLU A 1 164 ? 11.649  1.313   -3.348  1.00 120.81 ? 184 GLU A CD  1 
ATOM   1266 O OE1 . GLU A 1 164 ? 11.330  0.777   -2.260  1.00 128.71 ? 184 GLU A OE1 1 
ATOM   1267 O OE2 . GLU A 1 164 ? 12.457  2.270   -3.460  1.00 117.27 ? 184 GLU A OE2 1 
ATOM   1268 N N   . VAL A 1 165 ? 9.618   3.657   -6.864  1.00 76.12  ? 185 VAL A N   1 
ATOM   1269 C CA  . VAL A 1 165 ? 9.521   4.080   -8.280  1.00 73.98  ? 185 VAL A CA  1 
ATOM   1270 C C   . VAL A 1 165 ? 10.883  4.116   -8.974  1.00 75.47  ? 185 VAL A C   1 
ATOM   1271 O O   . VAL A 1 165 ? 11.857  4.616   -8.396  1.00 79.51  ? 185 VAL A O   1 
ATOM   1272 C CB  . VAL A 1 165 ? 8.851   5.474   -8.417  1.00 70.27  ? 185 VAL A CB  1 
ATOM   1273 C CG1 . VAL A 1 165 ? 8.663   5.887   -9.868  1.00 65.41  ? 185 VAL A CG1 1 
ATOM   1274 C CG2 . VAL A 1 165 ? 7.513   5.476   -7.731  1.00 66.87  ? 185 VAL A CG2 1 
ATOM   1275 N N   . GLU A 1 166 ? 10.935  3.535   -10.180 1.00 75.69  ? 186 GLU A N   1 
ATOM   1276 C CA  . GLU A 1 166 ? 11.960  3.822   -11.202 1.00 76.98  ? 186 GLU A CA  1 
ATOM   1277 C C   . GLU A 1 166 ? 11.242  4.572   -12.346 1.00 79.59  ? 186 GLU A C   1 
ATOM   1278 O O   . GLU A 1 166 ? 10.070  4.284   -12.646 1.00 82.51  ? 186 GLU A O   1 
ATOM   1279 C CB  . GLU A 1 166 ? 12.682  2.542   -11.684 1.00 66.33  ? 186 GLU A CB  1 
ATOM   1280 N N   . ALA A 1 167 ? 11.913  5.561   -12.947 1.00 75.71  ? 187 ALA A N   1 
ATOM   1281 C CA  . ALA A 1 167 ? 11.289  6.418   -13.969 1.00 70.19  ? 187 ALA A CA  1 
ATOM   1282 C C   . ALA A 1 167 ? 12.301  7.135   -14.882 1.00 80.67  ? 187 ALA A C   1 
ATOM   1283 O O   . ALA A 1 167 ? 13.364  7.570   -14.416 1.00 93.25  ? 187 ALA A O   1 
ATOM   1284 C CB  . ALA A 1 167 ? 10.369  7.430   -13.313 1.00 58.48  ? 187 ALA A CB  1 
ATOM   1285 N N   . ASN A 1 168 ? 11.937  7.282   -16.165 1.00 80.77  ? 188 ASN A N   1 
ATOM   1286 C CA  . ASN A 1 168 ? 12.790  7.883   -17.208 1.00 74.04  ? 188 ASN A CA  1 
ATOM   1287 C C   . ASN A 1 168 ? 12.141  9.090   -17.844 1.00 78.16  ? 188 ASN A C   1 
ATOM   1288 O O   . ASN A 1 168 ? 10.925  9.232   -17.804 1.00 84.69  ? 188 ASN A O   1 
ATOM   1289 C CB  . ASN A 1 168 ? 13.056  6.870   -18.299 1.00 67.76  ? 188 ASN A CB  1 
ATOM   1290 C CG  . ASN A 1 168 ? 13.546  5.545   -17.750 1.00 76.76  ? 188 ASN A CG  1 
ATOM   1291 O OD1 . ASN A 1 168 ? 14.741  5.371   -17.478 1.00 77.31  ? 188 ASN A OD1 1 
ATOM   1292 N ND2 . ASN A 1 168 ? 12.621  4.596   -17.577 1.00 80.33  ? 188 ASN A ND2 1 
ATOM   1293 N N   . GLU A 1 169 ? 12.955  9.946   -18.448 1.00 78.13  ? 189 GLU A N   1 
ATOM   1294 C CA  . GLU A 1 169 ? 12.480  11.167  -19.093 1.00 87.35  ? 189 GLU A CA  1 
ATOM   1295 C C   . GLU A 1 169 ? 11.520  10.876  -20.273 1.00 98.76  ? 189 GLU A C   1 
ATOM   1296 O O   . GLU A 1 169 ? 11.514  9.764   -20.787 1.00 101.51 ? 189 GLU A O   1 
ATOM   1297 C CB  . GLU A 1 169 ? 13.697  11.946  -19.559 1.00 85.91  ? 189 GLU A CB  1 
ATOM   1298 C CG  . GLU A 1 169 ? 13.495  13.446  -19.627 1.00 96.68  ? 189 GLU A CG  1 
ATOM   1299 C CD  . GLU A 1 169 ? 14.742  14.199  -20.075 1.00 102.84 ? 189 GLU A CD  1 
ATOM   1300 O OE1 . GLU A 1 169 ? 14.660  15.447  -20.193 1.00 100.86 ? 189 GLU A OE1 1 
ATOM   1301 O OE2 . GLU A 1 169 ? 15.801  13.559  -20.303 1.00 103.62 ? 189 GLU A OE2 1 
ATOM   1302 N N   . LYS A 1 170 ? 10.745  11.875  -20.711 1.00 108.48 ? 190 LYS A N   1 
ATOM   1303 C CA  . LYS A 1 170 ? 9.650   11.702  -21.695 1.00 119.54 ? 190 LYS A CA  1 
ATOM   1304 C C   . LYS A 1 170 ? 10.007  12.059  -23.177 1.00 138.48 ? 190 LYS A C   1 
ATOM   1305 O O   . LYS A 1 170 ? 11.165  12.396  -23.473 1.00 144.83 ? 190 LYS A O   1 
ATOM   1306 C CB  . LYS A 1 170 ? 8.407   12.484  -21.209 1.00 123.91 ? 190 LYS A CB  1 
ATOM   1307 C CG  . LYS A 1 170 ? 7.134   11.648  -21.153 1.00 125.64 ? 190 LYS A CG  1 
ATOM   1308 C CD  . LYS A 1 170 ? 5.852   12.468  -21.077 1.00 119.43 ? 190 LYS A CD  1 
ATOM   1309 C CE  . LYS A 1 170 ? 4.666   11.528  -21.297 1.00 134.43 ? 190 LYS A CE  1 
ATOM   1310 N NZ  . LYS A 1 170 ? 3.394   12.223  -21.660 1.00 151.19 ? 190 LYS A NZ  1 
ATOM   1311 N N   . GLU A 1 171 ? 8.997   11.978  -24.075 1.00 146.26 ? 191 GLU A N   1 
ATOM   1312 C CA  . GLU A 1 171 ? 9.061   12.268  -25.548 1.00 124.79 ? 191 GLU A CA  1 
ATOM   1313 C C   . GLU A 1 171 ? 10.143  11.472  -26.257 1.00 125.06 ? 191 GLU A C   1 
ATOM   1314 O O   . GLU A 1 171 ? 10.529  10.400  -25.788 1.00 127.67 ? 191 GLU A O   1 
ATOM   1315 C CB  . GLU A 1 171 ? 9.185   13.774  -25.874 1.00 108.36 ? 191 GLU A CB  1 
HETATM 1316 C C1  . UNL B 2 .   ? -0.726  6.171   -2.740  1.00 64.69  ? 301 UNL A C1  1 
HETATM 1317 C C2  . UNL B 2 .   ? -0.985  4.650   -2.620  1.00 74.14  ? 301 UNL A C2  1 
HETATM 1318 C C3  . UNL B 2 .   ? -2.061  4.245   -1.595  1.00 73.65  ? 301 UNL A C3  1 
HETATM 1319 C C4  . UNL B 2 .   ? -2.235  2.759   -1.245  1.00 68.91  ? 301 UNL A C4  1 
HETATM 1320 C C5  . UNL B 2 .   ? -3.363  2.621   -0.186  1.00 69.58  ? 301 UNL A C5  1 
HETATM 1321 C C6  . UNL B 2 .   ? -4.090  1.271   -0.198  1.00 73.62  ? 301 UNL A C6  1 
HETATM 1322 C C7  . UNL B 2 .   ? -4.916  0.899   1.041   1.00 71.29  ? 301 UNL A C7  1 
HETATM 1323 C C8  . UNL B 2 .   ? -4.981  -0.637  1.082   1.00 75.52  ? 301 UNL A C8  1 
HETATM 1324 C C9  . UNL B 2 .   ? -5.739  -1.307  2.249   1.00 76.43  ? 301 UNL A C9  1 
HETATM 1325 C C10 . UNL B 2 .   ? -5.798  -2.852  2.107   1.00 76.10  ? 301 UNL A C10 1 
HETATM 1326 C C11 . UNL B 2 .   ? -6.603  -3.630  3.175   1.00 74.26  ? 301 UNL A C11 1 
HETATM 1327 C C12 . UNL B 2 .   ? -6.363  -5.158  3.151   1.00 76.34  ? 301 UNL A C12 1 
HETATM 1328 C C13 . UNL B 2 .   ? -7.332  -5.977  4.023   1.00 84.86  ? 301 UNL A C13 1 
HETATM 1329 C C14 . UNL B 2 .   ? -7.107  -7.506  4.035   1.00 90.58  ? 301 UNL A C14 1 
HETATM 1330 C C15 . UNL B 2 .   ? -8.336  -8.331  4.497   1.00 95.81  ? 301 UNL A C15 1 
HETATM 1331 C C16 . UNL B 2 .   ? -8.322  -8.861  5.945   1.00 100.87 ? 301 UNL A C16 1 
HETATM 1332 C C17 . UNL B 2 .   ? -9.680  -9.387  6.431   1.00 90.19  ? 301 UNL A C17 1 
HETATM 1333 S S   . SO4 C 3 .   ? -7.793  17.144  5.531   0.90 107.28 ? 302 SO4 A S   1 
HETATM 1334 O O1  . SO4 C 3 .   ? -8.636  18.311  5.912   0.90 93.24  ? 302 SO4 A O1  1 
HETATM 1335 O O2  . SO4 C 3 .   ? -7.684  17.011  4.053   0.90 109.57 ? 302 SO4 A O2  1 
HETATM 1336 O O3  . SO4 C 3 .   ? -8.432  15.921  6.077   0.90 129.23 ? 302 SO4 A O3  1 
HETATM 1337 O O4  . SO4 C 3 .   ? -6.417  17.253  6.071   0.90 106.79 ? 302 SO4 A O4  1 
HETATM 1338 S S   . SO4 D 3 .   ? -14.268 -8.387  12.348  0.45 61.19  ? 303 SO4 A S   1 
HETATM 1339 O O1  . SO4 D 3 .   ? -15.670 -8.132  11.956  0.45 65.90  ? 303 SO4 A O1  1 
HETATM 1340 O O2  . SO4 D 3 .   ? -13.598 -9.196  11.282  0.45 56.93  ? 303 SO4 A O2  1 
HETATM 1341 O O3  . SO4 D 3 .   ? -13.549 -7.099  12.538  0.45 59.94  ? 303 SO4 A O3  1 
HETATM 1342 O O4  . SO4 D 3 .   ? -14.309 -9.098  13.652  0.45 60.89  ? 303 SO4 A O4  1 
HETATM 1343 C C6  . MNB E 4 .   ? 3.895   -6.532  -4.237  1.00 162.93 ? 304 MNB A C6  1 
HETATM 1344 C C1  . MNB E 4 .   ? 3.993   -7.269  -3.059  1.00 170.43 ? 304 MNB A C1  1 
HETATM 1345 C C2  . MNB E 4 .   ? 3.391   -8.661  -3.060  1.00 170.90 ? 304 MNB A C2  1 
HETATM 1346 C C3  . MNB E 4 .   ? 2.782   -9.127  -4.229  1.00 168.72 ? 304 MNB A C3  1 
HETATM 1347 C C4  . MNB E 4 .   ? 2.719   -8.338  -5.372  1.00 164.38 ? 304 MNB A C4  1 
HETATM 1348 C C5  . MNB E 4 .   ? 3.268   -7.057  -5.362  1.00 160.28 ? 304 MNB A C5  1 
HETATM 1349 S S5  . MNB E 4 .   ? 3.182   -6.092  -6.769  1.00 156.70 ? 304 MNB A S5  1 
HETATM 1350 C C10 . MNB E 4 .   ? 4.694   -6.574  -1.907  1.00 168.22 ? 304 MNB A C10 1 
HETATM 1351 O O12 . MNB E 4 .   ? 5.412   -7.232  -1.120  1.00 158.91 ? 304 MNB A O12 1 
HETATM 1352 O O11 . MNB E 4 .   ? 4.558   -5.322  -1.777  1.00 152.89 ? 304 MNB A O11 1 
HETATM 1353 N N7  . MNB E 4 .   ? 3.387   -9.567  -1.981  1.00 171.31 ? 304 MNB A N7  1 
HETATM 1354 O O9  . MNB E 4 .   ? 4.444   -10.028 -1.583  1.00 162.96 ? 304 MNB A O9  1 
HETATM 1355 O O8  . MNB E 4 .   ? 2.175   -9.992  -1.395  1.00 155.08 ? 304 MNB A O8  1 
HETATM 1356 O O   . HOH F 5 .   ? -6.682  12.472  -4.402  1.00 59.65  ? 401 HOH A O   1 
HETATM 1357 O O   . HOH F 5 .   ? 20.664  12.892  3.452   1.00 77.03  ? 402 HOH A O   1 
HETATM 1358 O O   . HOH F 5 .   ? 5.574   18.789  2.332   1.00 62.65  ? 403 HOH A O   1 
HETATM 1359 O O   . HOH F 5 .   ? 8.318   14.189  7.187   1.00 67.12  ? 404 HOH A O   1 
HETATM 1360 O O   . HOH F 5 .   ? -13.002 5.403   2.163   1.00 77.67  ? 405 HOH A O   1 
HETATM 1361 O O   . HOH F 5 .   ? -19.428 2.454   4.628   1.00 77.54  ? 406 HOH A O   1 
HETATM 1362 O O   . HOH F 5 .   ? -1.889  10.039  -14.423 1.00 77.07  ? 407 HOH A O   1 
HETATM 1363 O O   . HOH F 5 .   ? -16.844 1.630   5.016   1.00 65.72  ? 408 HOH A O   1 
HETATM 1364 O O   . HOH F 5 .   ? -5.263  -17.795 -4.686  1.00 74.29  ? 409 HOH A O   1 
HETATM 1365 O O   . HOH F 5 .   ? -14.872 1.752   2.915   1.00 76.90  ? 410 HOH A O   1 
HETATM 1366 O O   . HOH F 5 .   ? 1.495   -48.564 28.212  1.00 82.99  ? 411 HOH A O   1 
HETATM 1367 O O   . HOH F 5 .   ? -20.567 -5.848  -3.019  1.00 79.92  ? 412 HOH A O   1 
HETATM 1368 O O   . HOH F 5 .   ? -4.243  -5.477  15.865  1.00 61.75  ? 413 HOH A O   1 
HETATM 1369 O O   . HOH F 5 .   ? -12.856 -0.204  15.880  1.00 57.76  ? 414 HOH A O   1 
HETATM 1370 O O   . HOH F 5 .   ? -20.063 4.582   -0.031  0.5  135.08 ? 415 HOH A O   1 
HETATM 1371 O O   . HOH F 5 .   ? 2.017   6.749   -16.878 1.00 67.54  ? 416 HOH A O   1 
HETATM 1372 O O   . HOH F 5 .   ? -13.126 -16.472 -5.001  1.00 86.89  ? 417 HOH A O   1 
HETATM 1373 O O   . HOH F 5 .   ? -2.245  -15.053 3.421   1.00 56.93  ? 418 HOH A O   1 
HETATM 1374 O O   . HOH F 5 .   ? -20.842 1.197   -1.945  1.00 68.03  ? 419 HOH A O   1 
HETATM 1375 O O   . HOH F 5 .   ? -3.930  -3.162  17.125  1.00 80.62  ? 420 HOH A O   1 
HETATM 1376 O O   . HOH F 5 .   ? -5.508  7.066   17.778  1.00 59.97  ? 421 HOH A O   1 
# 
